data_8FRF
#
_entry.id   8FRF
#
_cell.length_a   111.961
_cell.length_b   117.644
_cell.length_c   142.056
_cell.angle_alpha   90.000
_cell.angle_beta   90.000
_cell.angle_gamma   90.000
#
_symmetry.space_group_name_H-M   'P 21 21 21'
#
loop_
_entity.id
_entity.type
_entity.pdbx_description
1 polymer RBL7_C2_3
2 non-polymer 'MALONATE ION'
3 water water
#
_entity_poly.entity_id   1
_entity_poly.type   'polypeptide(L)'
_entity_poly.pdbx_seq_one_letter_code
;MTTPVLELLEQIQQGSEEQQKEALARLQELLEAGADPNMANSEGTTPVLLLLEIIQQGSEEQQKLALALLQELLEAGADP
NMANSEGTTPVLLLLEIIQQGSEEQQKLAAALLKELLDAGADPNMANSEGTTPVLLLLEIIQQGSREQQALAMSLLLLLL
LAGADPNMANSEGTTPKELLKEIQQQGSDEQRLLAEVLLQLLEAAGGSWGSHHHHHH
;
_entity_poly.pdbx_strand_id   A,B,C,D,E,F,G,H
#
# COMPACT_ATOMS: atom_id res chain seq x y z
N THR A 2 -46.56 -15.84 10.86
CA THR A 2 -46.63 -14.49 11.42
C THR A 2 -47.58 -13.59 10.64
N THR A 3 -47.14 -12.37 10.38
CA THR A 3 -47.90 -11.44 9.56
C THR A 3 -48.17 -12.06 8.19
N PRO A 4 -49.37 -11.88 7.64
CA PRO A 4 -49.67 -12.46 6.31
C PRO A 4 -48.64 -12.14 5.24
N VAL A 5 -48.11 -10.91 5.20
CA VAL A 5 -47.08 -10.59 4.23
C VAL A 5 -45.82 -11.43 4.50
N LEU A 6 -45.42 -11.50 5.78
CA LEU A 6 -44.25 -12.29 6.14
C LEU A 6 -44.49 -13.76 5.88
N GLU A 7 -45.70 -14.25 6.16
CA GLU A 7 -45.99 -15.66 5.93
C GLU A 7 -45.92 -16.01 4.45
N LEU A 8 -46.44 -15.13 3.58
CA LEU A 8 -46.35 -15.37 2.14
C LEU A 8 -44.89 -15.44 1.68
N LEU A 9 -44.07 -14.47 2.13
CA LEU A 9 -42.66 -14.45 1.75
C LEU A 9 -41.94 -15.69 2.26
N GLU A 10 -42.29 -16.16 3.45
CA GLU A 10 -41.69 -17.37 3.99
C GLU A 10 -42.05 -18.60 3.15
N GLN A 11 -43.24 -18.60 2.55
CA GLN A 11 -43.66 -19.73 1.72
C GLN A 11 -42.96 -19.75 0.37
N ILE A 12 -42.38 -18.63 -0.06
CA ILE A 12 -41.69 -18.58 -1.35
C ILE A 12 -40.31 -19.21 -1.25
N GLN A 13 -39.54 -18.83 -0.23
CA GLN A 13 -38.18 -19.35 -0.08
C GLN A 13 -38.17 -20.83 0.25
N GLN A 14 -39.04 -21.27 1.17
CA GLN A 14 -39.08 -22.67 1.57
C GLN A 14 -40.17 -23.45 0.84
N GLY A 15 -40.50 -23.05 -0.38
CA GLY A 15 -41.54 -23.72 -1.15
C GLY A 15 -41.03 -24.13 -2.52
N SER A 16 -41.94 -24.70 -3.29
CA SER A 16 -41.63 -25.12 -4.65
C SER A 16 -41.71 -23.94 -5.60
N GLU A 17 -41.39 -24.19 -6.87
CA GLU A 17 -41.47 -23.13 -7.88
C GLU A 17 -42.90 -22.78 -8.26
N GLU A 18 -43.86 -23.68 -8.06
CA GLU A 18 -45.24 -23.35 -8.45
C GLU A 18 -45.80 -22.22 -7.60
N GLN A 19 -45.46 -22.19 -6.31
CA GLN A 19 -45.86 -21.09 -5.43
C GLN A 19 -45.30 -19.75 -5.89
N GLN A 20 -44.11 -19.76 -6.51
CA GLN A 20 -43.43 -18.51 -6.86
C GLN A 20 -44.11 -17.75 -8.00
N LYS A 21 -44.72 -18.45 -8.96
CA LYS A 21 -45.26 -17.74 -10.13
C LYS A 21 -46.41 -16.82 -9.77
N GLU A 22 -47.35 -17.28 -8.96
CA GLU A 22 -48.51 -16.48 -8.60
C GLU A 22 -48.28 -15.62 -7.36
N ALA A 23 -47.05 -15.57 -6.86
CA ALA A 23 -46.80 -14.87 -5.59
C ALA A 23 -46.94 -13.37 -5.73
N LEU A 24 -46.47 -12.79 -6.84
CA LEU A 24 -46.60 -11.35 -7.02
C LEU A 24 -48.06 -10.93 -7.01
N ALA A 25 -48.92 -11.70 -7.66
CA ALA A 25 -50.36 -11.42 -7.65
C ALA A 25 -50.91 -11.55 -6.24
N ARG A 26 -50.52 -12.60 -5.53
CA ARG A 26 -50.98 -12.82 -4.16
C ARG A 26 -50.59 -11.66 -3.26
N LEU A 27 -49.37 -11.14 -3.39
CA LEU A 27 -48.95 -10.00 -2.60
C LEU A 27 -49.73 -8.75 -2.97
N GLN A 28 -49.99 -8.55 -4.27
CA GLN A 28 -50.76 -7.38 -4.70
C GLN A 28 -52.15 -7.37 -4.08
N GLU A 29 -52.79 -8.54 -4.00
CA GLU A 29 -54.11 -8.61 -3.39
C GLU A 29 -54.03 -8.51 -1.87
N LEU A 30 -52.91 -8.97 -1.28
CA LEU A 30 -52.77 -8.88 0.17
C LEU A 30 -52.49 -7.45 0.62
N LEU A 31 -51.63 -6.73 -0.12
CA LEU A 31 -51.35 -5.35 0.21
C LEU A 31 -52.58 -4.47 0.03
N GLU A 32 -53.31 -4.70 -1.08
CA GLU A 32 -54.52 -3.95 -1.37
C GLU A 32 -55.58 -4.14 -0.28
N ALA A 33 -55.56 -5.29 0.39
CA ALA A 33 -56.49 -5.59 1.48
C ALA A 33 -56.12 -4.88 2.77
N GLY A 34 -55.12 -4.00 2.73
CA GLY A 34 -54.74 -3.24 3.89
C GLY A 34 -53.68 -3.88 4.76
N ALA A 35 -52.81 -4.71 4.17
CA ALA A 35 -51.76 -5.36 4.94
C ALA A 35 -50.59 -4.39 5.13
N ASP A 36 -50.08 -4.35 6.36
CA ASP A 36 -48.96 -3.47 6.68
C ASP A 36 -47.68 -4.03 6.08
N PRO A 37 -47.01 -3.33 5.16
CA PRO A 37 -45.77 -3.83 4.59
C PRO A 37 -44.53 -3.62 5.46
N ASN A 38 -44.70 -3.23 6.73
CA ASN A 38 -43.59 -2.97 7.61
C ASN A 38 -43.59 -3.85 8.85
N MET A 39 -44.64 -4.66 9.05
CA MET A 39 -44.78 -5.52 10.21
C MET A 39 -43.62 -6.49 10.31
N ALA A 40 -42.79 -6.35 11.34
CA ALA A 40 -41.69 -7.25 11.59
C ALA A 40 -42.12 -8.42 12.49
N ASN A 41 -41.32 -9.48 12.48
CA ASN A 41 -41.58 -10.63 13.32
C ASN A 41 -40.81 -10.49 14.64
N SER A 42 -40.71 -11.59 15.39
CA SER A 42 -40.08 -11.57 16.71
C SER A 42 -38.61 -11.16 16.63
N GLU A 43 -37.90 -11.56 15.58
CA GLU A 43 -36.47 -11.26 15.45
C GLU A 43 -36.21 -9.92 14.78
N GLY A 44 -37.26 -9.15 14.49
CA GLY A 44 -37.08 -7.85 13.89
C GLY A 44 -36.91 -7.85 12.38
N THR A 45 -37.17 -8.97 11.72
CA THR A 45 -37.02 -9.04 10.27
C THR A 45 -38.26 -8.46 9.60
N THR A 46 -38.07 -7.37 8.86
CA THR A 46 -39.16 -6.76 8.14
C THR A 46 -39.41 -7.51 6.83
N PRO A 47 -40.58 -7.31 6.21
CA PRO A 47 -40.81 -7.92 4.90
C PRO A 47 -39.74 -7.60 3.86
N VAL A 48 -39.18 -6.39 3.89
CA VAL A 48 -38.10 -6.03 2.98
C VAL A 48 -36.84 -6.81 3.33
N LEU A 49 -36.49 -6.86 4.62
CA LEU A 49 -35.28 -7.57 5.04
C LEU A 49 -35.38 -9.06 4.77
N LEU A 50 -36.57 -9.64 4.95
CA LEU A 50 -36.77 -11.05 4.61
C LEU A 50 -36.65 -11.27 3.11
N LEU A 51 -37.15 -10.33 2.32
CA LEU A 51 -37.06 -10.42 0.87
C LEU A 51 -35.61 -10.37 0.39
N LEU A 52 -34.80 -9.51 0.99
CA LEU A 52 -33.38 -9.48 0.68
C LEU A 52 -32.69 -10.77 1.10
N GLU A 53 -33.12 -11.36 2.22
CA GLU A 53 -32.59 -12.65 2.63
C GLU A 53 -32.90 -13.73 1.61
N ILE A 54 -34.08 -13.65 0.97
CA ILE A 54 -34.44 -14.59 -0.07
C ILE A 54 -33.53 -14.42 -1.29
N ILE A 55 -33.21 -13.17 -1.65
CA ILE A 55 -32.31 -12.95 -2.77
C ILE A 55 -30.93 -13.54 -2.51
N GLN A 56 -30.41 -13.35 -1.31
CA GLN A 56 -29.06 -13.81 -1.00
C GLN A 56 -28.95 -15.33 -1.01
N GLN A 57 -29.98 -16.02 -0.51
CA GLN A 57 -29.93 -17.47 -0.33
C GLN A 57 -30.81 -18.24 -1.29
N GLY A 58 -31.54 -17.56 -2.17
CA GLY A 58 -32.50 -18.21 -3.03
C GLY A 58 -31.95 -18.52 -4.40
N SER A 59 -32.71 -19.34 -5.14
CA SER A 59 -32.34 -19.66 -6.50
C SER A 59 -32.49 -18.43 -7.39
N GLU A 60 -31.99 -18.54 -8.61
CA GLU A 60 -32.14 -17.42 -9.55
C GLU A 60 -33.60 -17.13 -9.84
N GLU A 61 -34.45 -18.16 -9.84
CA GLU A 61 -35.89 -17.93 -10.03
C GLU A 61 -36.45 -17.08 -8.89
N GLN A 62 -36.14 -17.45 -7.65
CA GLN A 62 -36.59 -16.66 -6.51
C GLN A 62 -36.02 -15.25 -6.55
N GLN A 63 -34.83 -15.08 -7.13
CA GLN A 63 -34.19 -13.77 -7.11
C GLN A 63 -34.96 -12.76 -7.96
N LYS A 64 -35.15 -13.05 -9.26
CA LYS A 64 -35.83 -12.11 -10.12
C LYS A 64 -37.29 -11.89 -9.73
N LEU A 65 -37.90 -12.87 -9.06
CA LEU A 65 -39.26 -12.66 -8.55
C LEU A 65 -39.27 -11.62 -7.45
N ALA A 66 -38.26 -11.65 -6.56
CA ALA A 66 -38.23 -10.78 -5.39
C ALA A 66 -37.96 -9.33 -5.74
N LEU A 67 -37.33 -9.04 -6.89
CA LEU A 67 -37.13 -7.65 -7.29
C LEU A 67 -38.48 -6.98 -7.57
N ALA A 68 -39.39 -7.69 -8.22
CA ALA A 68 -40.74 -7.16 -8.42
C ALA A 68 -41.48 -7.07 -7.10
N LEU A 69 -41.25 -8.05 -6.21
CA LEU A 69 -41.89 -8.03 -4.89
C LEU A 69 -41.41 -6.84 -4.06
N LEU A 70 -40.18 -6.41 -4.25
CA LEU A 70 -39.68 -5.25 -3.50
C LEU A 70 -40.38 -3.98 -3.98
N GLN A 71 -40.57 -3.84 -5.29
CA GLN A 71 -41.29 -2.69 -5.83
C GLN A 71 -42.71 -2.62 -5.28
N GLU A 72 -43.37 -3.78 -5.14
CA GLU A 72 -44.70 -3.80 -4.57
C GLU A 72 -44.69 -3.35 -3.11
N LEU A 73 -43.75 -3.87 -2.32
CA LEU A 73 -43.69 -3.50 -0.91
C LEU A 73 -43.36 -2.04 -0.72
N LEU A 74 -42.43 -1.51 -1.51
CA LEU A 74 -42.08 -0.09 -1.38
C LEU A 74 -43.24 0.79 -1.80
N GLU A 75 -43.95 0.42 -2.86
CA GLU A 75 -45.12 1.20 -3.27
C GLU A 75 -46.20 1.17 -2.19
N ALA A 76 -46.35 0.04 -1.49
CA ALA A 76 -47.30 -0.05 -0.38
C ALA A 76 -46.87 0.78 0.82
N GLY A 77 -45.67 1.35 0.79
CA GLY A 77 -45.19 2.18 1.86
C GLY A 77 -44.23 1.53 2.81
N ALA A 78 -43.42 0.58 2.34
CA ALA A 78 -42.43 -0.04 3.21
C ALA A 78 -41.28 0.93 3.45
N ASP A 79 -40.83 0.98 4.69
CA ASP A 79 -39.75 1.87 5.08
C ASP A 79 -38.41 1.37 4.52
N PRO A 80 -37.77 2.09 3.62
CA PRO A 80 -36.47 1.63 3.09
C PRO A 80 -35.31 1.82 4.05
N ASN A 81 -35.53 2.38 5.24
CA ASN A 81 -34.47 2.61 6.21
C ASN A 81 -34.59 1.74 7.45
N MET A 82 -35.59 0.86 7.51
CA MET A 82 -35.82 0.05 8.69
C MET A 82 -34.79 -1.10 8.70
N ALA A 83 -33.90 -1.06 9.69
CA ALA A 83 -32.85 -2.06 9.85
C ALA A 83 -33.31 -3.20 10.74
N ASN A 84 -32.58 -4.31 10.69
CA ASN A 84 -32.84 -5.46 11.54
C ASN A 84 -32.36 -5.18 12.97
N SER A 85 -32.47 -6.19 13.82
CA SER A 85 -32.03 -6.02 15.20
C SER A 85 -30.55 -5.67 15.28
N GLU A 86 -29.73 -6.23 14.37
CA GLU A 86 -28.30 -5.93 14.38
C GLU A 86 -28.00 -4.52 13.91
N GLY A 87 -28.94 -3.85 13.26
CA GLY A 87 -28.72 -2.52 12.76
C GLY A 87 -28.29 -2.44 11.32
N THR A 88 -28.52 -3.49 10.54
CA THR A 88 -28.14 -3.51 9.14
C THR A 88 -29.31 -3.01 8.32
N THR A 89 -29.11 -1.91 7.61
CA THR A 89 -30.15 -1.32 6.80
C THR A 89 -30.27 -2.06 5.47
N PRO A 90 -31.42 -1.97 4.81
CA PRO A 90 -31.57 -2.65 3.51
C PRO A 90 -30.50 -2.30 2.48
N VAL A 91 -30.04 -1.05 2.44
CA VAL A 91 -28.97 -0.72 1.48
C VAL A 91 -27.66 -1.40 1.90
N LEU A 92 -27.36 -1.43 3.20
CA LEU A 92 -26.13 -2.07 3.65
C LEU A 92 -26.19 -3.58 3.51
N LEU A 93 -27.37 -4.17 3.67
CA LEU A 93 -27.51 -5.60 3.41
C LEU A 93 -27.38 -5.92 1.92
N LEU A 94 -27.93 -5.04 1.07
CA LEU A 94 -27.80 -5.21 -0.38
C LEU A 94 -26.33 -5.22 -0.80
N LEU A 95 -25.55 -4.26 -0.30
CA LEU A 95 -24.14 -4.20 -0.68
C LEU A 95 -23.39 -5.44 -0.20
N GLU A 96 -23.77 -5.97 0.98
CA GLU A 96 -23.15 -7.20 1.44
C GLU A 96 -23.51 -8.36 0.52
N ILE A 97 -24.72 -8.35 -0.04
CA ILE A 97 -25.10 -9.35 -1.03
C ILE A 97 -24.22 -9.21 -2.27
N ILE A 98 -23.98 -7.96 -2.71
CA ILE A 98 -23.08 -7.72 -3.84
C ILE A 98 -21.67 -8.19 -3.51
N GLN A 99 -21.19 -7.87 -2.31
CA GLN A 99 -19.82 -8.18 -1.94
C GLN A 99 -19.52 -9.68 -2.04
N GLN A 100 -20.50 -10.53 -1.72
CA GLN A 100 -20.27 -11.96 -1.66
C GLN A 100 -21.10 -12.74 -2.66
N GLY A 101 -21.84 -12.06 -3.53
CA GLY A 101 -22.81 -12.74 -4.38
C GLY A 101 -22.27 -13.03 -5.76
N SER A 102 -23.07 -13.80 -6.50
CA SER A 102 -22.72 -14.12 -7.88
C SER A 102 -22.87 -12.88 -8.75
N GLU A 103 -22.41 -13.01 -9.99
CA GLU A 103 -22.61 -11.91 -10.94
C GLU A 103 -24.09 -11.69 -11.18
N GLU A 104 -24.90 -12.75 -11.14
CA GLU A 104 -26.34 -12.60 -11.28
C GLU A 104 -26.94 -11.86 -10.10
N GLN A 105 -26.53 -12.21 -8.88
CA GLN A 105 -27.01 -11.51 -7.70
C GLN A 105 -26.56 -10.05 -7.69
N GLN A 106 -25.34 -9.79 -8.18
CA GLN A 106 -24.84 -8.43 -8.25
C GLN A 106 -25.71 -7.57 -9.16
N LYS A 107 -26.03 -8.09 -10.35
CA LYS A 107 -26.84 -7.35 -11.29
C LYS A 107 -28.20 -7.05 -10.71
N LEU A 108 -28.76 -8.03 -10.00
CA LEU A 108 -30.08 -7.86 -9.39
C LEU A 108 -30.03 -6.82 -8.28
N ALA A 109 -29.06 -6.93 -7.37
CA ALA A 109 -29.01 -6.03 -6.21
C ALA A 109 -28.77 -4.58 -6.61
N ALA A 110 -28.14 -4.34 -7.75
CA ALA A 110 -27.98 -2.97 -8.22
C ALA A 110 -29.33 -2.33 -8.52
N ALA A 111 -30.27 -3.10 -9.08
CA ALA A 111 -31.58 -2.56 -9.37
C ALA A 111 -32.38 -2.29 -8.10
N LEU A 112 -32.23 -3.17 -7.09
CA LEU A 112 -32.93 -2.93 -5.83
C LEU A 112 -32.39 -1.70 -5.11
N LEU A 113 -31.09 -1.42 -5.24
CA LEU A 113 -30.55 -0.22 -4.59
C LEU A 113 -31.16 1.04 -5.18
N LYS A 114 -31.32 1.08 -6.51
CA LYS A 114 -31.98 2.22 -7.14
C LYS A 114 -33.44 2.32 -6.69
N GLU A 115 -34.14 1.18 -6.58
CA GLU A 115 -35.50 1.20 -6.09
C GLU A 115 -35.57 1.74 -4.66
N LEU A 116 -34.63 1.31 -3.81
CA LEU A 116 -34.59 1.79 -2.43
C LEU A 116 -34.27 3.28 -2.37
N LEU A 117 -33.32 3.74 -3.18
CA LEU A 117 -32.98 5.16 -3.17
C LEU A 117 -34.14 6.02 -3.65
N ASP A 118 -34.85 5.59 -4.69
CA ASP A 118 -36.03 6.32 -5.14
C ASP A 118 -37.09 6.34 -4.05
N ALA A 119 -37.22 5.24 -3.32
CA ALA A 119 -38.16 5.17 -2.21
C ALA A 119 -37.81 6.15 -1.10
N GLY A 120 -36.54 6.58 -1.02
CA GLY A 120 -36.15 7.55 -0.02
C GLY A 120 -35.16 6.99 0.98
N ALA A 121 -34.35 6.03 0.55
CA ALA A 121 -33.37 5.43 1.44
C ALA A 121 -32.26 6.44 1.76
N ASP A 122 -31.83 6.43 3.02
CA ASP A 122 -30.78 7.34 3.46
C ASP A 122 -29.41 6.86 2.98
N PRO A 123 -28.74 7.60 2.09
CA PRO A 123 -27.45 7.12 1.56
C PRO A 123 -26.30 7.20 2.55
N ASN A 124 -26.51 7.81 3.72
CA ASN A 124 -25.45 7.93 4.71
C ASN A 124 -25.72 7.12 5.96
N MET A 125 -26.81 6.38 6.01
CA MET A 125 -27.16 5.60 7.19
C MET A 125 -26.20 4.42 7.33
N ALA A 126 -25.47 4.38 8.43
CA ALA A 126 -24.46 3.36 8.68
C ALA A 126 -25.03 2.24 9.56
N ASN A 127 -24.26 1.16 9.65
CA ASN A 127 -24.62 0.03 10.48
C ASN A 127 -24.09 0.27 11.89
N SER A 128 -24.20 -0.74 12.76
CA SER A 128 -23.77 -0.59 14.15
C SER A 128 -22.28 -0.30 14.25
N GLU A 129 -21.50 -0.79 13.29
CA GLU A 129 -20.05 -0.60 13.26
C GLU A 129 -19.64 0.73 12.66
N GLY A 130 -20.61 1.57 12.25
CA GLY A 130 -20.33 2.84 11.63
C GLY A 130 -19.96 2.77 10.17
N THR A 131 -19.97 1.58 9.57
CA THR A 131 -19.65 1.44 8.17
C THR A 131 -20.78 2.01 7.33
N THR A 132 -20.46 3.02 6.52
CA THR A 132 -21.41 3.70 5.65
C THR A 132 -21.53 2.99 4.30
N PRO A 133 -22.61 3.24 3.56
CA PRO A 133 -22.72 2.64 2.23
C PRO A 133 -21.55 2.96 1.31
N VAL A 134 -21.00 4.18 1.40
CA VAL A 134 -19.84 4.52 0.59
C VAL A 134 -18.62 3.72 1.01
N LEU A 135 -18.39 3.62 2.33
CA LEU A 135 -17.20 2.90 2.80
C LEU A 135 -17.25 1.43 2.42
N LEU A 136 -18.45 0.83 2.42
CA LEU A 136 -18.55 -0.58 2.05
C LEU A 136 -18.33 -0.77 0.55
N LEU A 137 -18.83 0.17 -0.26
CA LEU A 137 -18.59 0.09 -1.70
C LEU A 137 -17.12 0.21 -2.03
N LEU A 138 -16.36 1.00 -1.26
CA LEU A 138 -14.92 1.07 -1.48
C LEU A 138 -14.23 -0.23 -1.09
N GLU A 139 -14.76 -0.94 -0.09
CA GLU A 139 -14.25 -2.27 0.22
C GLU A 139 -14.50 -3.24 -0.92
N ILE A 140 -15.68 -3.15 -1.56
CA ILE A 140 -15.98 -4.01 -2.70
C ILE A 140 -15.03 -3.70 -3.85
N ILE A 141 -14.70 -2.42 -4.03
CA ILE A 141 -13.75 -2.05 -5.08
C ILE A 141 -12.35 -2.57 -4.74
N GLN A 142 -11.98 -2.53 -3.47
CA GLN A 142 -10.62 -2.86 -3.07
C GLN A 142 -10.33 -4.35 -3.21
N GLN A 143 -11.30 -5.20 -2.89
CA GLN A 143 -11.04 -6.63 -2.80
C GLN A 143 -11.96 -7.47 -3.68
N GLY A 144 -12.71 -6.85 -4.59
CA GLY A 144 -13.65 -7.55 -5.42
C GLY A 144 -13.11 -7.90 -6.80
N SER A 145 -13.95 -8.59 -7.56
CA SER A 145 -13.64 -8.94 -8.93
C SER A 145 -13.71 -7.72 -9.83
N ARG A 146 -13.27 -7.90 -11.08
CA ARG A 146 -13.33 -6.80 -12.04
C ARG A 146 -14.78 -6.39 -12.29
N GLU A 147 -15.71 -7.35 -12.28
CA GLU A 147 -17.11 -6.99 -12.42
C GLU A 147 -17.61 -6.25 -11.19
N GLN A 148 -17.21 -6.72 -9.99
CA GLN A 148 -17.61 -6.04 -8.77
C GLN A 148 -16.98 -4.65 -8.68
N GLN A 149 -15.74 -4.51 -9.15
CA GLN A 149 -15.09 -3.21 -9.18
C GLN A 149 -15.94 -2.19 -9.95
N ALA A 150 -16.30 -2.54 -11.18
CA ALA A 150 -17.03 -1.58 -12.00
C ALA A 150 -18.41 -1.29 -11.43
N LEU A 151 -19.12 -2.32 -10.98
CA LEU A 151 -20.46 -2.13 -10.44
C LEU A 151 -20.44 -1.31 -9.15
N ALA A 152 -19.57 -1.69 -8.20
CA ALA A 152 -19.46 -0.91 -6.97
C ALA A 152 -19.08 0.54 -7.25
N MET A 153 -18.31 0.76 -8.32
CA MET A 153 -17.96 2.13 -8.69
C MET A 153 -19.18 2.93 -9.12
N SER A 154 -20.00 2.38 -10.01
CA SER A 154 -21.17 3.12 -10.46
C SER A 154 -22.18 3.28 -9.34
N LEU A 155 -22.32 2.28 -8.48
CA LEU A 155 -23.21 2.42 -7.33
C LEU A 155 -22.70 3.49 -6.38
N LEU A 156 -21.38 3.66 -6.29
CA LEU A 156 -20.84 4.73 -5.47
C LEU A 156 -21.22 6.09 -6.04
N LEU A 157 -21.10 6.25 -7.36
CA LEU A 157 -21.52 7.49 -7.99
C LEU A 157 -23.04 7.68 -7.88
N LEU A 158 -23.79 6.59 -8.01
CA LEU A 158 -25.23 6.67 -7.85
C LEU A 158 -25.59 7.13 -6.44
N LEU A 159 -24.81 6.71 -5.44
CA LEU A 159 -25.04 7.14 -4.07
C LEU A 159 -24.63 8.58 -3.87
N LEU A 160 -23.50 8.99 -4.46
CA LEU A 160 -23.08 10.38 -4.36
C LEU A 160 -24.12 11.30 -5.00
N LEU A 161 -24.68 10.89 -6.14
CA LEU A 161 -25.76 11.67 -6.75
C LEU A 161 -26.96 11.76 -5.82
N ALA A 162 -27.20 10.73 -5.01
CA ALA A 162 -28.30 10.73 -4.07
C ALA A 162 -28.03 11.56 -2.84
N GLY A 163 -26.79 12.01 -2.64
CA GLY A 163 -26.44 12.85 -1.52
C GLY A 163 -25.48 12.24 -0.52
N ALA A 164 -24.81 11.14 -0.85
CA ALA A 164 -23.88 10.52 0.08
C ALA A 164 -22.71 11.44 0.37
N ASP A 165 -22.31 11.48 1.64
CA ASP A 165 -21.19 12.30 2.07
C ASP A 165 -19.90 11.50 2.00
N PRO A 166 -18.90 11.95 1.21
CA PRO A 166 -17.68 11.15 1.05
C PRO A 166 -16.64 11.41 2.13
N ASN A 167 -17.05 12.00 3.25
CA ASN A 167 -16.13 12.26 4.34
C ASN A 167 -16.54 11.57 5.64
N MET A 168 -17.68 10.89 5.66
CA MET A 168 -18.10 10.18 6.86
C MET A 168 -17.17 9.00 7.11
N ALA A 169 -16.62 8.92 8.31
CA ALA A 169 -15.76 7.81 8.71
C ALA A 169 -16.56 6.78 9.48
N ASN A 170 -15.97 5.61 9.66
CA ASN A 170 -16.58 4.56 10.46
C ASN A 170 -16.21 4.76 11.93
N SER A 171 -16.52 3.76 12.76
CA SER A 171 -16.22 3.86 14.20
C SER A 171 -14.72 3.91 14.47
N GLU A 172 -13.90 3.24 13.66
CA GLU A 172 -12.45 3.27 13.80
C GLU A 172 -11.83 4.54 13.24
N GLY A 173 -12.65 5.50 12.81
CA GLY A 173 -12.13 6.73 12.24
C GLY A 173 -11.57 6.59 10.84
N THR A 174 -11.95 5.56 10.11
CA THR A 174 -11.43 5.32 8.76
C THR A 174 -12.28 6.07 7.74
N THR A 175 -11.70 7.07 7.11
CA THR A 175 -12.40 7.88 6.13
C THR A 175 -12.35 7.23 4.75
N PRO A 176 -13.31 7.55 3.87
CA PRO A 176 -13.25 7.02 2.50
C PRO A 176 -12.01 7.42 1.73
N LYS A 177 -11.51 8.65 1.96
CA LYS A 177 -10.26 9.06 1.32
C LYS A 177 -9.09 8.22 1.82
N GLU A 178 -9.11 7.85 3.10
CA GLU A 178 -8.07 6.99 3.65
C GLU A 178 -8.07 5.62 2.99
N LEU A 179 -9.25 5.09 2.71
CA LEU A 179 -9.32 3.79 2.05
C LEU A 179 -8.95 3.90 0.57
N LEU A 180 -9.26 5.02 -0.06
CA LEU A 180 -8.92 5.19 -1.48
C LEU A 180 -7.41 5.24 -1.70
N LYS A 181 -6.67 5.85 -0.77
CA LYS A 181 -5.23 5.85 -0.87
C LYS A 181 -4.68 4.43 -0.77
N GLU A 182 -5.28 3.62 0.08
CA GLU A 182 -4.85 2.23 0.21
C GLU A 182 -5.12 1.46 -1.07
N ILE A 183 -6.26 1.71 -1.72
CA ILE A 183 -6.56 1.08 -3.00
C ILE A 183 -5.53 1.50 -4.05
N GLN A 184 -5.09 2.76 -4.01
CA GLN A 184 -4.14 3.25 -4.99
C GLN A 184 -2.75 2.65 -4.79
N GLN A 185 -2.35 2.39 -3.54
CA GLN A 185 -0.97 1.98 -3.29
C GLN A 185 -0.74 0.51 -3.64
N GLN A 186 -1.71 -0.35 -3.39
CA GLN A 186 -1.52 -1.78 -3.60
C GLN A 186 -2.57 -2.40 -4.53
N GLY A 187 -3.30 -1.58 -5.30
CA GLY A 187 -4.33 -2.11 -6.18
C GLY A 187 -3.83 -2.41 -7.59
N SER A 188 -4.72 -3.02 -8.39
CA SER A 188 -4.42 -3.30 -9.78
C SER A 188 -4.37 -2.01 -10.60
N ASP A 189 -4.02 -2.14 -11.89
CA ASP A 189 -4.00 -0.96 -12.75
C ASP A 189 -5.40 -0.35 -12.86
N GLU A 190 -6.43 -1.18 -12.92
CA GLU A 190 -7.79 -0.67 -13.01
C GLU A 190 -8.29 -0.15 -11.67
N GLN A 191 -7.96 -0.84 -10.57
CA GLN A 191 -8.32 -0.34 -9.25
C GLN A 191 -7.66 0.99 -8.95
N ARG A 192 -6.38 1.14 -9.33
CA ARG A 192 -5.69 2.40 -9.09
C ARG A 192 -6.34 3.53 -9.87
N LEU A 193 -6.80 3.26 -11.09
CA LEU A 193 -7.50 4.28 -11.87
C LEU A 193 -8.77 4.73 -11.18
N LEU A 194 -9.59 3.78 -10.72
CA LEU A 194 -10.82 4.13 -10.01
C LEU A 194 -10.52 4.94 -8.76
N ALA A 195 -9.45 4.58 -8.05
CA ALA A 195 -9.09 5.30 -6.84
C ALA A 195 -8.63 6.72 -7.17
N GLU A 196 -7.79 6.86 -8.20
CA GLU A 196 -7.32 8.18 -8.61
C GLU A 196 -8.46 9.07 -9.08
N VAL A 197 -9.45 8.49 -9.74
CA VAL A 197 -10.62 9.26 -10.16
C VAL A 197 -11.36 9.79 -8.94
N LEU A 198 -11.68 8.89 -8.00
CA LEU A 198 -12.42 9.30 -6.82
C LEU A 198 -11.60 10.26 -5.96
N LEU A 199 -10.28 10.08 -5.93
CA LEU A 199 -9.44 11.02 -5.19
C LEU A 199 -9.47 12.41 -5.81
N GLN A 200 -9.43 12.50 -7.15
CA GLN A 200 -9.51 13.81 -7.80
C GLN A 200 -10.88 14.45 -7.60
N LEU A 201 -11.95 13.65 -7.68
CA LEU A 201 -13.28 14.20 -7.49
C LEU A 201 -13.44 14.78 -6.09
N LEU A 202 -12.96 14.07 -5.06
CA LEU A 202 -13.09 14.57 -3.70
C LEU A 202 -12.31 15.86 -3.49
N GLU A 203 -11.07 15.91 -4.00
CA GLU A 203 -10.24 17.09 -3.77
C GLU A 203 -10.77 18.33 -4.46
N ALA A 204 -11.66 18.17 -5.44
CA ALA A 204 -12.16 19.31 -6.20
C ALA A 204 -13.57 19.72 -5.77
N ALA A 205 -14.22 18.93 -4.92
CA ALA A 205 -15.51 19.29 -4.35
C ALA A 205 -15.86 18.35 -3.20
N THR B 2 -37.78 -38.48 -19.95
CA THR B 2 -36.54 -38.56 -19.20
C THR B 2 -36.39 -39.90 -18.50
N THR B 3 -35.28 -40.06 -17.81
CA THR B 3 -34.79 -41.12 -16.94
C THR B 3 -35.03 -40.76 -15.47
N PRO B 4 -35.37 -41.77 -14.66
CA PRO B 4 -35.62 -41.50 -13.24
C PRO B 4 -34.55 -40.65 -12.58
N VAL B 5 -33.28 -40.86 -12.95
CA VAL B 5 -32.21 -40.02 -12.41
C VAL B 5 -32.44 -38.57 -12.84
N LEU B 6 -32.72 -38.36 -14.13
CA LEU B 6 -32.96 -37.01 -14.62
C LEU B 6 -34.24 -36.42 -14.02
N GLU B 7 -35.28 -37.25 -13.89
CA GLU B 7 -36.52 -36.77 -13.28
C GLU B 7 -36.30 -36.34 -11.83
N LEU B 8 -35.54 -37.12 -11.08
CA LEU B 8 -35.24 -36.76 -9.69
C LEU B 8 -34.49 -35.43 -9.61
N LEU B 9 -33.45 -35.26 -10.43
CA LEU B 9 -32.70 -34.01 -10.39
C LEU B 9 -33.59 -32.83 -10.74
N GLU B 10 -34.50 -33.00 -11.70
CA GLU B 10 -35.43 -31.92 -12.01
C GLU B 10 -36.40 -31.65 -10.86
N GLN B 11 -36.75 -32.69 -10.09
CA GLN B 11 -37.61 -32.46 -8.93
C GLN B 11 -36.90 -31.71 -7.81
N ILE B 12 -35.56 -31.74 -7.79
CA ILE B 12 -34.80 -31.00 -6.81
C ILE B 12 -34.78 -29.53 -7.20
N GLN B 13 -34.55 -29.29 -8.48
CA GLN B 13 -34.49 -27.93 -9.02
C GLN B 13 -35.84 -27.23 -8.87
N GLN B 14 -36.93 -27.93 -9.16
CA GLN B 14 -38.27 -27.37 -9.17
C GLN B 14 -39.08 -27.68 -7.91
N GLY B 15 -38.44 -27.93 -6.77
CA GLY B 15 -39.16 -28.37 -5.58
C GLY B 15 -38.86 -27.50 -4.36
N SER B 16 -39.51 -27.91 -3.26
CA SER B 16 -39.40 -27.24 -1.98
C SER B 16 -38.15 -27.72 -1.24
N GLU B 17 -37.90 -27.10 -0.08
CA GLU B 17 -36.74 -27.49 0.72
C GLU B 17 -36.97 -28.83 1.41
N GLU B 18 -38.22 -29.16 1.74
CA GLU B 18 -38.50 -30.43 2.39
C GLU B 18 -38.37 -31.60 1.43
N GLN B 19 -38.76 -31.41 0.17
CA GLN B 19 -38.55 -32.44 -0.85
C GLN B 19 -37.08 -32.77 -1.07
N GLN B 20 -36.21 -31.77 -0.92
CA GLN B 20 -34.79 -31.96 -1.22
C GLN B 20 -34.07 -32.82 -0.19
N LYS B 21 -34.51 -32.82 1.07
CA LYS B 21 -33.79 -33.57 2.09
C LYS B 21 -33.81 -35.07 1.79
N GLU B 22 -34.96 -35.59 1.34
CA GLU B 22 -35.07 -37.02 1.06
C GLU B 22 -34.62 -37.37 -0.37
N ALA B 23 -34.10 -36.41 -1.12
CA ALA B 23 -33.73 -36.66 -2.51
C ALA B 23 -32.44 -37.48 -2.63
N LEU B 24 -31.45 -37.22 -1.77
CA LEU B 24 -30.19 -37.95 -1.85
C LEU B 24 -30.38 -39.45 -1.62
N ALA B 25 -31.22 -39.80 -0.65
CA ALA B 25 -31.53 -41.21 -0.44
C ALA B 25 -32.24 -41.81 -1.65
N ARG B 26 -33.17 -41.05 -2.24
CA ARG B 26 -33.91 -41.51 -3.40
C ARG B 26 -32.98 -41.83 -4.57
N LEU B 27 -31.96 -41.00 -4.78
CA LEU B 27 -30.98 -41.29 -5.82
C LEU B 27 -30.19 -42.57 -5.52
N GLN B 28 -29.83 -42.76 -4.26
CA GLN B 28 -29.11 -43.98 -3.87
C GLN B 28 -29.91 -45.22 -4.19
N GLU B 29 -31.22 -45.16 -4.01
CA GLU B 29 -32.06 -46.31 -4.31
C GLU B 29 -32.14 -46.53 -5.81
N LEU B 30 -32.05 -45.45 -6.60
CA LEU B 30 -32.10 -45.58 -8.04
C LEU B 30 -30.79 -46.12 -8.59
N LEU B 31 -29.67 -45.56 -8.11
CA LEU B 31 -28.37 -45.98 -8.62
C LEU B 31 -28.03 -47.41 -8.20
N GLU B 32 -28.32 -47.78 -6.95
CA GLU B 32 -28.05 -49.16 -6.53
C GLU B 32 -28.87 -50.15 -7.35
N ALA B 33 -30.06 -49.74 -7.78
CA ALA B 33 -30.92 -50.59 -8.56
C ALA B 33 -30.53 -50.65 -10.03
N GLY B 34 -29.42 -50.01 -10.41
CA GLY B 34 -28.96 -50.06 -11.77
C GLY B 34 -29.46 -48.95 -12.67
N ALA B 35 -29.72 -47.76 -12.14
CA ALA B 35 -30.16 -46.66 -12.98
C ALA B 35 -28.96 -46.07 -13.70
N ASP B 36 -29.13 -45.76 -14.98
CA ASP B 36 -28.03 -45.25 -15.79
C ASP B 36 -27.71 -43.81 -15.41
N PRO B 37 -26.51 -43.53 -14.89
CA PRO B 37 -26.13 -42.17 -14.54
C PRO B 37 -25.59 -41.34 -15.71
N ASN B 38 -25.67 -41.82 -16.94
CA ASN B 38 -25.10 -41.07 -18.05
C ASN B 38 -26.08 -40.73 -19.15
N MET B 39 -27.30 -41.27 -19.13
CA MET B 39 -28.29 -40.96 -20.15
C MET B 39 -28.67 -39.47 -20.08
N ALA B 40 -28.36 -38.73 -21.15
CA ALA B 40 -28.70 -37.32 -21.24
C ALA B 40 -30.11 -37.12 -21.76
N ASN B 41 -30.64 -35.91 -21.56
CA ASN B 41 -31.98 -35.57 -21.98
C ASN B 41 -31.95 -34.97 -23.39
N SER B 42 -33.03 -34.29 -23.79
CA SER B 42 -33.19 -33.80 -25.15
C SER B 42 -32.08 -32.82 -25.57
N GLU B 43 -31.58 -32.01 -24.65
CA GLU B 43 -30.55 -31.04 -24.96
C GLU B 43 -29.15 -31.60 -24.80
N GLY B 44 -29.02 -32.90 -24.51
CA GLY B 44 -27.72 -33.48 -24.32
C GLY B 44 -27.15 -33.28 -22.94
N THR B 45 -27.97 -32.80 -22.01
CA THR B 45 -27.54 -32.54 -20.64
C THR B 45 -27.54 -33.84 -19.85
N THR B 46 -26.37 -34.25 -19.38
CA THR B 46 -26.20 -35.45 -18.60
C THR B 46 -26.57 -35.19 -17.14
N PRO B 47 -26.79 -36.24 -16.35
CA PRO B 47 -27.08 -36.03 -14.91
C PRO B 47 -26.03 -35.18 -14.21
N VAL B 48 -24.76 -35.31 -14.60
CA VAL B 48 -23.72 -34.47 -14.00
C VAL B 48 -23.91 -33.01 -14.41
N LEU B 49 -24.15 -32.78 -15.70
CA LEU B 49 -24.30 -31.40 -16.18
C LEU B 49 -25.55 -30.73 -15.62
N LEU B 50 -26.64 -31.48 -15.49
CA LEU B 50 -27.84 -30.91 -14.88
C LEU B 50 -27.58 -30.58 -13.42
N LEU B 51 -26.80 -31.42 -12.75
CA LEU B 51 -26.45 -31.16 -11.35
C LEU B 51 -25.62 -29.89 -11.21
N LEU B 52 -24.65 -29.69 -12.11
CA LEU B 52 -23.89 -28.45 -12.10
C LEU B 52 -24.79 -27.26 -12.39
N GLU B 53 -25.78 -27.45 -13.25
CA GLU B 53 -26.75 -26.38 -13.50
C GLU B 53 -27.53 -26.06 -12.24
N ILE B 54 -27.85 -27.06 -11.42
CA ILE B 54 -28.54 -26.81 -10.16
C ILE B 54 -27.64 -26.01 -9.21
N ILE B 55 -26.35 -26.35 -9.18
CA ILE B 55 -25.43 -25.57 -8.36
C ILE B 55 -25.36 -24.13 -8.87
N GLN B 56 -25.31 -23.96 -10.19
CA GLN B 56 -25.16 -22.62 -10.76
C GLN B 56 -26.39 -21.75 -10.51
N GLN B 57 -27.59 -22.32 -10.62
CA GLN B 57 -28.82 -21.55 -10.53
C GLN B 57 -29.68 -21.88 -9.32
N GLY B 58 -29.25 -22.76 -8.43
CA GLY B 58 -30.08 -23.18 -7.32
C GLY B 58 -29.82 -22.38 -6.06
N SER B 59 -30.71 -22.58 -5.08
CA SER B 59 -30.55 -21.94 -3.79
C SER B 59 -29.35 -22.53 -3.06
N GLU B 60 -28.98 -21.90 -1.94
CA GLU B 60 -27.86 -22.41 -1.16
C GLU B 60 -28.13 -23.83 -0.65
N GLU B 61 -29.39 -24.14 -0.34
CA GLU B 61 -29.73 -25.51 0.06
C GLU B 61 -29.51 -26.49 -1.08
N GLN B 62 -30.03 -26.15 -2.27
CA GLN B 62 -29.85 -27.02 -3.44
C GLN B 62 -28.39 -27.19 -3.78
N GLN B 63 -27.56 -26.19 -3.47
CA GLN B 63 -26.15 -26.25 -3.82
C GLN B 63 -25.43 -27.33 -3.01
N LYS B 64 -25.44 -27.20 -1.67
CA LYS B 64 -24.72 -28.16 -0.83
C LYS B 64 -25.30 -29.57 -0.93
N LEU B 65 -26.58 -29.69 -1.30
CA LEU B 65 -27.14 -31.01 -1.55
C LEU B 65 -26.49 -31.65 -2.77
N ALA B 66 -26.24 -30.84 -3.82
CA ALA B 66 -25.75 -31.36 -5.09
C ALA B 66 -24.30 -31.86 -5.00
N LEU B 67 -23.52 -31.38 -4.03
CA LEU B 67 -22.18 -31.93 -3.87
C LEU B 67 -22.24 -33.40 -3.45
N ALA B 68 -23.19 -33.73 -2.57
CA ALA B 68 -23.39 -35.13 -2.20
C ALA B 68 -23.98 -35.93 -3.36
N LEU B 69 -24.86 -35.30 -4.15
CA LEU B 69 -25.44 -35.97 -5.30
C LEU B 69 -24.41 -36.29 -6.36
N LEU B 70 -23.38 -35.45 -6.51
CA LEU B 70 -22.34 -35.72 -7.51
C LEU B 70 -21.51 -36.93 -7.12
N GLN B 71 -21.14 -37.03 -5.84
CA GLN B 71 -20.39 -38.20 -5.38
C GLN B 71 -21.17 -39.48 -5.64
N GLU B 72 -22.48 -39.46 -5.43
CA GLU B 72 -23.31 -40.62 -5.71
C GLU B 72 -23.30 -40.95 -7.20
N LEU B 73 -23.46 -39.92 -8.05
CA LEU B 73 -23.46 -40.14 -9.50
C LEU B 73 -22.11 -40.62 -9.99
N LEU B 74 -21.02 -40.05 -9.48
CA LEU B 74 -19.70 -40.48 -9.93
C LEU B 74 -19.40 -41.90 -9.46
N GLU B 75 -19.81 -42.24 -8.23
CA GLU B 75 -19.65 -43.61 -7.75
C GLU B 75 -20.45 -44.59 -8.60
N ALA B 76 -21.63 -44.16 -9.06
CA ALA B 76 -22.44 -45.01 -9.92
C ALA B 76 -21.83 -45.23 -11.30
N GLY B 77 -20.77 -44.51 -11.64
CA GLY B 77 -20.11 -44.64 -12.92
C GLY B 77 -20.45 -43.57 -13.92
N ALA B 78 -20.75 -42.36 -13.48
CA ALA B 78 -21.03 -41.27 -14.40
C ALA B 78 -19.72 -40.78 -15.01
N ASP B 79 -19.76 -40.49 -16.30
CA ASP B 79 -18.58 -40.03 -17.03
C ASP B 79 -18.28 -38.57 -16.71
N PRO B 80 -17.17 -38.27 -16.05
CA PRO B 80 -16.82 -36.87 -15.76
C PRO B 80 -16.30 -36.12 -16.98
N ASN B 81 -16.20 -36.76 -18.14
CA ASN B 81 -15.68 -36.10 -19.33
C ASN B 81 -16.73 -35.92 -20.42
N MET B 82 -17.97 -36.31 -20.18
CA MET B 82 -19.02 -36.16 -21.18
C MET B 82 -19.45 -34.70 -21.20
N ALA B 83 -19.17 -34.01 -22.30
CA ALA B 83 -19.50 -32.61 -22.42
C ALA B 83 -20.90 -32.44 -22.99
N ASN B 84 -21.44 -31.23 -22.84
CA ASN B 84 -22.74 -30.94 -23.40
C ASN B 84 -22.63 -30.82 -24.92
N SER B 85 -23.76 -30.48 -25.56
CA SER B 85 -23.77 -30.39 -27.01
C SER B 85 -22.77 -29.36 -27.52
N GLU B 86 -22.56 -28.26 -26.79
CA GLU B 86 -21.60 -27.24 -27.21
C GLU B 86 -20.15 -27.67 -27.01
N GLY B 87 -19.89 -28.70 -26.22
CA GLY B 87 -18.53 -29.12 -25.95
C GLY B 87 -17.91 -28.61 -24.67
N THR B 88 -18.72 -28.14 -23.72
CA THR B 88 -18.21 -27.66 -22.44
C THR B 88 -18.21 -28.83 -21.48
N THR B 89 -17.03 -29.19 -20.98
CA THR B 89 -16.87 -30.33 -20.10
C THR B 89 -17.31 -29.99 -18.68
N PRO B 90 -17.62 -31.00 -17.87
CA PRO B 90 -18.01 -30.72 -16.47
C PRO B 90 -16.98 -29.88 -15.71
N VAL B 91 -15.69 -30.13 -15.93
CA VAL B 91 -14.67 -29.34 -15.23
C VAL B 91 -14.68 -27.90 -15.71
N LEU B 92 -14.81 -27.69 -17.02
CA LEU B 92 -14.83 -26.32 -17.53
C LEU B 92 -16.11 -25.61 -17.14
N LEU B 93 -17.22 -26.33 -17.03
CA LEU B 93 -18.46 -25.72 -16.57
C LEU B 93 -18.37 -25.33 -15.10
N LEU B 94 -17.70 -26.17 -14.28
CA LEU B 94 -17.46 -25.81 -12.89
C LEU B 94 -16.68 -24.52 -12.77
N LEU B 95 -15.60 -24.40 -13.53
CA LEU B 95 -14.76 -23.22 -13.46
C LEU B 95 -15.51 -21.98 -13.92
N GLU B 96 -16.41 -22.12 -14.89
CA GLU B 96 -17.24 -20.98 -15.28
C GLU B 96 -18.18 -20.58 -14.16
N ILE B 97 -18.71 -21.55 -13.41
CA ILE B 97 -19.55 -21.25 -12.26
C ILE B 97 -18.76 -20.52 -11.18
N ILE B 98 -17.54 -20.97 -10.92
CA ILE B 98 -16.70 -20.30 -9.93
C ILE B 98 -16.43 -18.86 -10.34
N GLN B 99 -16.10 -18.67 -11.62
CA GLN B 99 -15.70 -17.36 -12.13
C GLN B 99 -16.79 -16.32 -11.93
N GLN B 100 -18.05 -16.72 -12.00
CA GLN B 100 -19.17 -15.79 -11.89
C GLN B 100 -20.02 -16.04 -10.66
N GLY B 101 -19.61 -16.95 -9.78
CA GLY B 101 -20.45 -17.38 -8.69
C GLY B 101 -20.19 -16.67 -7.38
N SER B 102 -21.10 -16.90 -6.43
CA SER B 102 -21.03 -16.32 -5.11
C SER B 102 -19.90 -16.97 -4.30
N GLU B 103 -19.61 -16.36 -3.15
CA GLU B 103 -18.61 -16.94 -2.25
C GLU B 103 -19.06 -18.30 -1.73
N GLU B 104 -20.37 -18.50 -1.54
CA GLU B 104 -20.87 -19.80 -1.14
C GLU B 104 -20.63 -20.84 -2.23
N GLN B 105 -20.92 -20.48 -3.47
CA GLN B 105 -20.69 -21.37 -4.60
C GLN B 105 -19.20 -21.67 -4.77
N GLN B 106 -18.35 -20.69 -4.48
CA GLN B 106 -16.91 -20.87 -4.60
C GLN B 106 -16.40 -21.95 -3.64
N LYS B 107 -16.84 -21.92 -2.38
CA LYS B 107 -16.35 -22.92 -1.43
C LYS B 107 -16.77 -24.31 -1.85
N LEU B 108 -17.99 -24.47 -2.34
CA LEU B 108 -18.49 -25.79 -2.70
C LEU B 108 -17.78 -26.33 -3.93
N ALA B 109 -17.67 -25.51 -4.99
CA ALA B 109 -17.09 -25.95 -6.26
C ALA B 109 -15.63 -26.38 -6.14
N ALA B 110 -14.92 -25.91 -5.12
CA ALA B 110 -13.58 -26.42 -4.88
C ALA B 110 -13.61 -27.92 -4.60
N ALA B 111 -14.61 -28.37 -3.84
CA ALA B 111 -14.76 -29.79 -3.56
C ALA B 111 -15.24 -30.57 -4.78
N LEU B 112 -16.11 -29.97 -5.61
CA LEU B 112 -16.60 -30.69 -6.79
C LEU B 112 -15.49 -30.94 -7.79
N LEU B 113 -14.55 -30.00 -7.93
CA LEU B 113 -13.44 -30.22 -8.85
C LEU B 113 -12.60 -31.41 -8.40
N LYS B 114 -12.35 -31.51 -7.09
CA LYS B 114 -11.59 -32.65 -6.57
C LYS B 114 -12.33 -33.96 -6.84
N GLU B 115 -13.65 -33.97 -6.63
CA GLU B 115 -14.44 -35.16 -6.92
C GLU B 115 -14.39 -35.54 -8.39
N LEU B 116 -14.49 -34.54 -9.29
CA LEU B 116 -14.45 -34.83 -10.73
C LEU B 116 -13.09 -35.33 -11.18
N LEU B 117 -12.01 -34.73 -10.70
CA LEU B 117 -10.69 -35.20 -11.08
C LEU B 117 -10.45 -36.61 -10.57
N ASP B 118 -10.89 -36.89 -9.34
CA ASP B 118 -10.77 -38.25 -8.80
C ASP B 118 -11.57 -39.24 -9.63
N ALA B 119 -12.76 -38.83 -10.10
CA ALA B 119 -13.55 -39.70 -10.95
C ALA B 119 -12.86 -39.99 -12.27
N GLY B 120 -11.92 -39.13 -12.66
CA GLY B 120 -11.16 -39.36 -13.87
C GLY B 120 -11.36 -38.29 -14.92
N ALA B 121 -11.66 -37.06 -14.48
CA ALA B 121 -11.81 -35.97 -15.42
C ALA B 121 -10.46 -35.59 -15.99
N ASP B 122 -10.43 -35.31 -17.29
CA ASP B 122 -9.19 -34.96 -17.98
C ASP B 122 -8.81 -33.54 -17.63
N PRO B 123 -7.70 -33.34 -16.92
CA PRO B 123 -7.32 -31.98 -16.51
C PRO B 123 -6.82 -31.11 -17.65
N ASN B 124 -6.64 -31.66 -18.85
CA ASN B 124 -6.18 -30.91 -20.00
C ASN B 124 -7.23 -30.78 -21.07
N MET B 125 -8.46 -31.25 -20.81
CA MET B 125 -9.52 -31.19 -21.80
C MET B 125 -9.96 -29.75 -22.00
N ALA B 126 -9.84 -29.26 -23.24
CA ALA B 126 -10.17 -27.90 -23.61
C ALA B 126 -11.56 -27.81 -24.22
N ASN B 127 -12.02 -26.57 -24.38
CA ASN B 127 -13.29 -26.27 -25.02
C ASN B 127 -13.06 -26.09 -26.52
N SER B 128 -14.06 -25.56 -27.22
CA SER B 128 -13.94 -25.35 -28.66
C SER B 128 -12.81 -24.38 -29.00
N GLU B 129 -12.56 -23.42 -28.11
CA GLU B 129 -11.52 -22.42 -28.31
C GLU B 129 -10.14 -22.85 -27.83
N GLY B 130 -10.00 -24.08 -27.35
CA GLY B 130 -8.72 -24.51 -26.83
C GLY B 130 -8.42 -24.06 -25.42
N THR B 131 -9.36 -23.40 -24.77
CA THR B 131 -9.15 -22.93 -23.40
C THR B 131 -9.11 -24.11 -22.44
N THR B 132 -7.98 -24.29 -21.80
CA THR B 132 -7.76 -25.38 -20.86
C THR B 132 -8.22 -24.99 -19.46
N PRO B 133 -8.43 -25.98 -18.58
CA PRO B 133 -8.77 -25.64 -17.19
C PRO B 133 -7.73 -24.76 -16.51
N VAL B 134 -6.44 -24.97 -16.81
CA VAL B 134 -5.41 -24.12 -16.23
C VAL B 134 -5.52 -22.69 -16.76
N LEU B 135 -5.69 -22.55 -18.08
CA LEU B 135 -5.81 -21.22 -18.66
C LEU B 135 -7.05 -20.50 -18.14
N LEU B 136 -8.13 -21.24 -17.87
CA LEU B 136 -9.33 -20.61 -17.35
C LEU B 136 -9.15 -20.18 -15.90
N LEU B 137 -8.46 -20.99 -15.10
CA LEU B 137 -8.17 -20.58 -13.72
C LEU B 137 -7.30 -19.35 -13.69
N LEU B 138 -6.40 -19.20 -14.67
CA LEU B 138 -5.57 -18.00 -14.72
C LEU B 138 -6.40 -16.76 -15.05
N GLU B 139 -7.48 -16.93 -15.82
CA GLU B 139 -8.41 -15.83 -16.00
C GLU B 139 -9.10 -15.48 -14.69
N ILE B 140 -9.46 -16.49 -13.91
CA ILE B 140 -10.10 -16.24 -12.62
C ILE B 140 -9.16 -15.49 -11.68
N ILE B 141 -7.87 -15.82 -11.72
CA ILE B 141 -6.89 -15.08 -10.93
C ILE B 141 -6.77 -13.66 -11.44
N GLN B 142 -6.81 -13.48 -12.76
CA GLN B 142 -6.53 -12.18 -13.36
C GLN B 142 -7.63 -11.18 -13.07
N GLN B 143 -8.89 -11.61 -13.08
CA GLN B 143 -10.02 -10.70 -13.01
C GLN B 143 -11.01 -11.02 -11.91
N GLY B 144 -10.66 -11.90 -10.97
CA GLY B 144 -11.57 -12.28 -9.91
C GLY B 144 -11.35 -11.49 -8.63
N SER B 145 -12.21 -11.79 -7.66
CA SER B 145 -12.13 -11.17 -6.35
C SER B 145 -10.92 -11.70 -5.59
N ARG B 146 -10.64 -11.10 -4.43
CA ARG B 146 -9.51 -11.56 -3.63
C ARG B 146 -9.74 -12.98 -3.16
N GLU B 147 -10.99 -13.35 -2.87
CA GLU B 147 -11.30 -14.73 -2.50
C GLU B 147 -11.09 -15.68 -3.68
N GLN B 148 -11.53 -15.27 -4.87
CA GLN B 148 -11.36 -16.10 -6.06
C GLN B 148 -9.89 -16.30 -6.41
N GLN B 149 -9.07 -15.27 -6.18
CA GLN B 149 -7.63 -15.40 -6.34
C GLN B 149 -7.07 -16.52 -5.48
N ALA B 150 -7.38 -16.51 -4.18
CA ALA B 150 -6.85 -17.55 -3.31
C ALA B 150 -7.43 -18.91 -3.67
N LEU B 151 -8.72 -18.97 -3.97
CA LEU B 151 -9.34 -20.25 -4.31
C LEU B 151 -8.77 -20.80 -5.61
N ALA B 152 -8.76 -19.99 -6.67
CA ALA B 152 -8.20 -20.44 -7.95
C ALA B 152 -6.76 -20.87 -7.79
N MET B 153 -6.06 -20.30 -6.81
CA MET B 153 -4.68 -20.69 -6.56
C MET B 153 -4.60 -22.16 -6.14
N SER B 154 -5.42 -22.56 -5.18
CA SER B 154 -5.44 -23.95 -4.72
C SER B 154 -6.01 -24.89 -5.78
N LEU B 155 -7.02 -24.44 -6.53
CA LEU B 155 -7.60 -25.27 -7.58
C LEU B 155 -6.61 -25.56 -8.70
N LEU B 156 -5.68 -24.64 -8.97
CA LEU B 156 -4.65 -24.90 -9.96
C LEU B 156 -3.71 -26.01 -9.51
N LEU B 157 -3.32 -25.99 -8.24
CA LEU B 157 -2.45 -27.02 -7.69
C LEU B 157 -3.14 -28.38 -7.69
N LEU B 158 -4.45 -28.38 -7.41
CA LEU B 158 -5.22 -29.62 -7.48
C LEU B 158 -5.23 -30.17 -8.92
N LEU B 159 -5.26 -29.28 -9.92
CA LEU B 159 -5.21 -29.72 -11.31
C LEU B 159 -3.82 -30.22 -11.67
N LEU B 160 -2.78 -29.56 -11.16
CA LEU B 160 -1.42 -30.04 -11.40
C LEU B 160 -1.22 -31.42 -10.79
N LEU B 161 -1.77 -31.65 -9.59
CA LEU B 161 -1.76 -33.00 -9.02
C LEU B 161 -2.52 -33.98 -9.91
N ALA B 162 -3.55 -33.51 -10.61
CA ALA B 162 -4.33 -34.36 -11.50
C ALA B 162 -3.62 -34.66 -12.81
N GLY B 163 -2.56 -33.94 -13.13
CA GLY B 163 -1.79 -34.18 -14.34
C GLY B 163 -1.91 -33.10 -15.39
N ALA B 164 -2.43 -31.93 -15.04
CA ALA B 164 -2.58 -30.87 -16.01
C ALA B 164 -1.23 -30.38 -16.49
N ASP B 165 -1.13 -30.14 -17.79
CA ASP B 165 0.11 -29.64 -18.38
C ASP B 165 0.09 -28.12 -18.38
N PRO B 166 1.04 -27.46 -17.71
CA PRO B 166 0.99 -26.00 -17.61
C PRO B 166 1.63 -25.29 -18.80
N ASN B 167 1.77 -26.00 -19.92
CA ASN B 167 2.35 -25.45 -21.12
C ASN B 167 1.39 -25.46 -22.30
N MET B 168 0.20 -26.02 -22.16
CA MET B 168 -0.76 -26.06 -23.26
C MET B 168 -1.28 -24.66 -23.57
N ALA B 169 -1.21 -24.28 -24.84
CA ALA B 169 -1.74 -23.00 -25.28
C ALA B 169 -3.15 -23.19 -25.83
N ASN B 170 -3.87 -22.07 -25.97
CA ASN B 170 -5.21 -22.11 -26.53
C ASN B 170 -5.12 -21.99 -28.05
N SER B 171 -6.26 -21.79 -28.71
CA SER B 171 -6.28 -21.66 -30.15
C SER B 171 -5.53 -20.42 -30.61
N GLU B 172 -5.55 -19.35 -29.81
CA GLU B 172 -4.80 -18.13 -30.11
C GLU B 172 -3.32 -18.24 -29.78
N GLY B 173 -2.86 -19.43 -29.38
CA GLY B 173 -1.46 -19.60 -29.03
C GLY B 173 -1.06 -18.97 -27.72
N THR B 174 -2.00 -18.71 -26.83
CA THR B 174 -1.72 -18.10 -25.54
C THR B 174 -1.42 -19.19 -24.51
N THR B 175 -0.17 -19.25 -24.02
CA THR B 175 0.26 -20.24 -23.04
C THR B 175 -0.03 -19.74 -21.62
N PRO B 176 -0.08 -20.64 -20.64
CA PRO B 176 -0.29 -20.19 -19.25
C PRO B 176 0.79 -19.24 -18.77
N LYS B 177 2.04 -19.44 -19.18
CA LYS B 177 3.09 -18.51 -18.80
C LYS B 177 2.87 -17.14 -19.45
N GLU B 178 2.36 -17.12 -20.69
CA GLU B 178 2.08 -15.87 -21.37
C GLU B 178 0.99 -15.09 -20.63
N LEU B 179 -0.01 -15.80 -20.11
CA LEU B 179 -1.08 -15.13 -19.38
C LEU B 179 -0.60 -14.69 -17.99
N LEU B 180 0.32 -15.43 -17.39
CA LEU B 180 0.84 -15.06 -16.08
C LEU B 180 1.62 -13.75 -16.14
N LYS B 181 2.35 -13.53 -17.24
CA LYS B 181 3.08 -12.26 -17.39
C LYS B 181 2.12 -11.08 -17.44
N GLU B 182 0.95 -11.25 -18.06
CA GLU B 182 -0.02 -10.15 -18.09
C GLU B 182 -0.56 -9.87 -16.70
N ILE B 183 -0.80 -10.92 -15.90
CA ILE B 183 -1.27 -10.73 -14.53
C ILE B 183 -0.22 -9.96 -13.72
N GLN B 184 1.05 -10.25 -13.98
CA GLN B 184 2.14 -9.56 -13.30
C GLN B 184 2.26 -8.12 -13.76
N GLN B 185 1.93 -7.83 -15.02
CA GLN B 185 2.14 -6.48 -15.54
C GLN B 185 1.08 -5.51 -15.05
N GLN B 186 -0.19 -5.95 -14.96
CA GLN B 186 -1.27 -5.05 -14.60
C GLN B 186 -2.09 -5.55 -13.41
N GLY B 187 -1.56 -6.47 -12.63
CA GLY B 187 -2.30 -6.97 -11.49
C GLY B 187 -2.03 -6.15 -10.25
N SER B 188 -2.77 -6.47 -9.19
CA SER B 188 -2.57 -5.83 -7.89
C SER B 188 -1.26 -6.30 -7.26
N ASP B 189 -0.94 -5.74 -6.10
CA ASP B 189 0.24 -6.19 -5.37
C ASP B 189 0.10 -7.66 -4.99
N GLU B 190 -1.12 -8.10 -4.67
CA GLU B 190 -1.33 -9.50 -4.33
C GLU B 190 -1.34 -10.39 -5.57
N GLN B 191 -1.95 -9.93 -6.66
CA GLN B 191 -1.95 -10.68 -7.91
C GLN B 191 -0.55 -10.87 -8.46
N ARG B 192 0.29 -9.83 -8.38
CA ARG B 192 1.64 -9.97 -8.90
C ARG B 192 2.41 -11.03 -8.13
N LEU B 193 2.21 -11.09 -6.82
CA LEU B 193 2.88 -12.10 -6.02
C LEU B 193 2.41 -13.50 -6.43
N LEU B 194 1.09 -13.69 -6.57
CA LEU B 194 0.57 -14.97 -7.03
C LEU B 194 1.10 -15.34 -8.41
N ALA B 195 1.24 -14.35 -9.29
CA ALA B 195 1.78 -14.62 -10.62
C ALA B 195 3.24 -15.04 -10.54
N GLU B 196 4.04 -14.33 -9.75
CA GLU B 196 5.45 -14.69 -9.59
C GLU B 196 5.60 -16.05 -8.93
N VAL B 197 4.68 -16.40 -8.03
CA VAL B 197 4.71 -17.74 -7.45
C VAL B 197 4.49 -18.79 -8.53
N LEU B 198 3.43 -18.60 -9.32
CA LEU B 198 3.09 -19.54 -10.38
C LEU B 198 4.15 -19.58 -11.49
N LEU B 199 4.76 -18.43 -11.78
CA LEU B 199 5.83 -18.43 -12.78
C LEU B 199 7.03 -19.25 -12.32
N GLN B 200 7.37 -19.13 -11.02
CA GLN B 200 8.48 -19.91 -10.48
C GLN B 200 8.15 -21.40 -10.42
N LEU B 201 6.91 -21.74 -10.07
CA LEU B 201 6.50 -23.14 -10.05
C LEU B 201 6.63 -23.75 -11.45
N LEU B 202 6.17 -23.03 -12.47
CA LEU B 202 6.30 -23.50 -13.84
C LEU B 202 7.76 -23.60 -14.25
N GLU B 203 8.57 -22.62 -13.84
CA GLU B 203 9.98 -22.56 -14.26
C GLU B 203 10.80 -23.72 -13.72
N ALA B 204 10.37 -24.38 -12.65
CA ALA B 204 11.18 -25.44 -12.08
C ALA B 204 10.62 -26.84 -12.32
N ALA B 205 9.40 -26.96 -12.81
CA ALA B 205 8.84 -28.26 -13.17
C ALA B 205 7.60 -28.08 -14.04
N THR C 2 -25.57 22.07 28.23
CA THR C 2 -26.03 23.33 28.79
C THR C 2 -26.57 23.12 30.21
N THR C 3 -26.63 21.86 30.63
CA THR C 3 -27.15 21.54 31.94
C THR C 3 -26.26 22.14 33.02
N PRO C 4 -26.84 22.64 34.11
CA PRO C 4 -26.02 23.24 35.18
C PRO C 4 -24.87 22.36 35.62
N VAL C 5 -25.09 21.05 35.71
CA VAL C 5 -24.01 20.14 36.05
C VAL C 5 -22.94 20.15 34.96
N LEU C 6 -23.36 20.11 33.69
CA LEU C 6 -22.40 20.11 32.59
C LEU C 6 -21.62 21.42 32.55
N GLU C 7 -22.28 22.54 32.79
CA GLU C 7 -21.53 23.79 32.78
C GLU C 7 -20.53 23.84 33.91
N LEU C 8 -20.92 23.37 35.10
CA LEU C 8 -20.00 23.31 36.23
C LEU C 8 -18.77 22.46 35.91
N LEU C 9 -18.98 21.28 35.32
CA LEU C 9 -17.86 20.42 34.95
C LEU C 9 -16.98 21.10 33.92
N GLU C 10 -17.58 21.83 32.98
CA GLU C 10 -16.80 22.58 32.00
C GLU C 10 -16.01 23.70 32.67
N GLN C 11 -16.54 24.25 33.78
CA GLN C 11 -15.83 25.23 34.57
C GLN C 11 -14.69 24.61 35.37
N ILE C 12 -14.72 23.29 35.56
CA ILE C 12 -13.66 22.63 36.31
C ILE C 12 -12.43 22.44 35.45
N GLN C 13 -12.60 21.92 34.23
CA GLN C 13 -11.46 21.72 33.34
C GLN C 13 -10.85 23.05 32.91
N GLN C 14 -11.69 24.04 32.59
CA GLN C 14 -11.25 25.35 32.15
C GLN C 14 -11.23 26.38 33.27
N GLY C 15 -10.98 25.96 34.52
CA GLY C 15 -11.00 26.85 35.67
C GLY C 15 -9.71 26.83 36.45
N SER C 16 -9.71 27.60 37.54
CA SER C 16 -8.52 27.74 38.38
C SER C 16 -8.42 26.60 39.38
N GLU C 17 -7.30 26.58 40.09
CA GLU C 17 -7.12 25.52 41.08
C GLU C 17 -7.99 25.75 42.31
N GLU C 18 -8.19 27.01 42.69
CA GLU C 18 -9.04 27.33 43.83
C GLU C 18 -10.52 27.18 43.49
N GLN C 19 -10.92 27.55 42.26
CA GLN C 19 -12.28 27.26 41.82
C GLN C 19 -12.57 25.76 41.82
N GLN C 20 -11.54 24.93 41.58
CA GLN C 20 -11.74 23.50 41.61
C GLN C 20 -12.09 23.03 43.02
N LYS C 21 -11.55 23.71 44.02
CA LYS C 21 -11.88 23.38 45.41
C LYS C 21 -13.35 23.66 45.66
N GLU C 22 -13.87 24.72 45.07
CA GLU C 22 -15.25 25.13 45.25
C GLU C 22 -16.23 24.41 44.32
N ALA C 23 -15.77 23.45 43.52
CA ALA C 23 -16.61 22.86 42.48
C ALA C 23 -17.59 21.84 43.03
N LEU C 24 -17.08 20.81 43.73
CA LEU C 24 -17.95 19.78 44.32
C LEU C 24 -18.84 20.36 45.39
N ALA C 25 -18.34 21.37 46.12
CA ALA C 25 -19.20 22.10 47.04
C ALA C 25 -20.39 22.67 46.28
N ARG C 26 -20.14 23.29 45.12
CA ARG C 26 -21.23 23.72 44.25
C ARG C 26 -22.05 22.51 43.77
N LEU C 27 -21.38 21.41 43.40
CA LEU C 27 -22.10 20.25 42.88
C LEU C 27 -22.97 19.59 43.95
N GLN C 28 -22.46 19.46 45.18
CA GLN C 28 -23.29 18.90 46.25
C GLN C 28 -24.54 19.75 46.45
N GLU C 29 -24.40 21.08 46.34
CA GLU C 29 -25.57 21.93 46.46
C GLU C 29 -26.45 21.84 45.22
N LEU C 30 -25.86 21.60 44.04
CA LEU C 30 -26.66 21.49 42.82
C LEU C 30 -27.43 20.19 42.78
N LEU C 31 -26.79 19.08 43.15
CA LEU C 31 -27.48 17.80 43.16
C LEU C 31 -28.57 17.80 44.22
N GLU C 32 -28.26 18.31 45.41
CA GLU C 32 -29.25 18.35 46.47
C GLU C 32 -30.42 19.25 46.09
N ALA C 33 -30.17 20.26 45.26
CA ALA C 33 -31.19 21.18 44.75
C ALA C 33 -32.01 20.60 43.60
N GLY C 34 -31.81 19.32 43.28
CA GLY C 34 -32.60 18.68 42.25
C GLY C 34 -32.01 18.73 40.86
N ALA C 35 -30.68 18.76 40.73
CA ALA C 35 -30.06 18.76 39.41
C ALA C 35 -30.02 17.35 38.84
N ASP C 36 -30.35 17.24 37.56
CA ASP C 36 -30.35 15.95 36.88
C ASP C 36 -28.91 15.52 36.58
N PRO C 37 -28.44 14.41 37.15
CA PRO C 37 -27.07 13.94 36.86
C PRO C 37 -26.94 13.13 35.58
N ASN C 38 -27.97 13.08 34.72
CA ASN C 38 -27.90 12.29 33.50
C ASN C 38 -28.14 13.08 32.22
N MET C 39 -28.55 14.35 32.32
CA MET C 39 -28.79 15.15 31.13
C MET C 39 -27.53 15.31 30.29
N ALA C 40 -27.54 14.75 29.09
CA ALA C 40 -26.44 14.90 28.15
C ALA C 40 -26.65 16.15 27.30
N ASN C 41 -25.57 16.61 26.68
CA ASN C 41 -25.64 17.79 25.83
C ASN C 41 -25.89 17.39 24.38
N SER C 42 -25.65 18.32 23.46
CA SER C 42 -25.92 18.09 22.04
C SER C 42 -25.14 16.91 21.49
N GLU C 43 -23.92 16.70 21.98
CA GLU C 43 -23.04 15.62 21.50
C GLU C 43 -23.24 14.32 22.24
N GLY C 44 -24.20 14.25 23.17
CA GLY C 44 -24.45 13.03 23.91
C GLY C 44 -23.54 12.79 25.08
N THR C 45 -22.74 13.78 25.49
CA THR C 45 -21.80 13.61 26.59
C THR C 45 -22.53 13.77 27.92
N THR C 46 -22.58 12.70 28.70
CA THR C 46 -23.20 12.75 30.01
C THR C 46 -22.23 13.32 31.03
N PRO C 47 -22.72 13.77 32.18
CA PRO C 47 -21.81 14.28 33.23
C PRO C 47 -20.71 13.29 33.61
N VAL C 48 -21.00 11.99 33.61
CA VAL C 48 -19.96 11.00 33.87
C VAL C 48 -18.95 10.99 32.72
N LEU C 49 -19.44 10.99 31.49
CA LEU C 49 -18.54 10.94 30.34
C LEU C 49 -17.67 12.20 30.25
N LEU C 50 -18.24 13.35 30.57
CA LEU C 50 -17.44 14.58 30.61
C LEU C 50 -16.44 14.53 31.75
N LEU C 51 -16.85 13.98 32.90
CA LEU C 51 -15.96 13.89 34.04
C LEU C 51 -14.78 12.97 33.73
N LEU C 52 -15.04 11.85 33.06
CA LEU C 52 -13.97 10.98 32.61
C LEU C 52 -13.08 11.67 31.60
N GLU C 53 -13.68 12.54 30.76
CA GLU C 53 -12.90 13.35 29.84
C GLU C 53 -12.02 14.34 30.59
N ILE C 54 -12.50 14.88 31.71
CA ILE C 54 -11.69 15.78 32.51
C ILE C 54 -10.49 15.04 33.10
N ILE C 55 -10.71 13.82 33.58
CA ILE C 55 -9.62 13.00 34.09
C ILE C 55 -8.60 12.75 32.99
N GLN C 56 -9.07 12.49 31.78
CA GLN C 56 -8.19 12.14 30.67
C GLN C 56 -7.28 13.30 30.29
N GLN C 57 -7.80 14.53 30.30
CA GLN C 57 -7.05 15.68 29.85
C GLN C 57 -6.69 16.66 30.96
N GLY C 58 -7.03 16.37 32.20
CA GLY C 58 -6.81 17.31 33.28
C GLY C 58 -5.51 17.04 34.03
N SER C 59 -5.13 18.03 34.83
CA SER C 59 -3.96 17.93 35.67
C SER C 59 -4.20 16.93 36.79
N GLU C 60 -3.14 16.63 37.54
CA GLU C 60 -3.27 15.72 38.68
C GLU C 60 -4.23 16.26 39.73
N GLU C 61 -4.31 17.59 39.87
CA GLU C 61 -5.29 18.17 40.79
C GLU C 61 -6.72 17.88 40.32
N GLN C 62 -6.99 18.15 39.03
CA GLN C 62 -8.31 17.88 38.47
C GLN C 62 -8.66 16.40 38.52
N GLN C 63 -7.65 15.53 38.45
CA GLN C 63 -7.90 14.09 38.41
C GLN C 63 -8.48 13.60 39.73
N LYS C 64 -7.76 13.79 40.84
CA LYS C 64 -8.28 13.33 42.12
C LYS C 64 -9.56 14.08 42.52
N LEU C 65 -9.77 15.28 41.98
CA LEU C 65 -11.03 15.98 42.21
C LEU C 65 -12.20 15.24 41.57
N ALA C 66 -12.02 14.73 40.35
CA ALA C 66 -13.10 14.07 39.63
C ALA C 66 -13.45 12.70 40.22
N LEU C 67 -12.52 12.08 40.94
CA LEU C 67 -12.84 10.83 41.64
C LEU C 67 -13.92 11.06 42.69
N ALA C 68 -13.82 12.18 43.41
CA ALA C 68 -14.88 12.55 44.35
C ALA C 68 -16.14 12.99 43.62
N LEU C 69 -15.98 13.70 42.49
CA LEU C 69 -17.12 14.15 41.71
C LEU C 69 -17.92 13.00 41.12
N LEU C 70 -17.24 11.89 40.79
CA LEU C 70 -17.95 10.74 40.23
C LEU C 70 -18.81 10.07 41.29
N GLN C 71 -18.29 9.89 42.49
CA GLN C 71 -19.07 9.33 43.58
C GLN C 71 -20.29 10.20 43.88
N GLU C 72 -20.13 11.52 43.81
CA GLU C 72 -21.29 12.40 44.00
C GLU C 72 -22.31 12.19 42.90
N LEU C 73 -21.85 12.11 41.65
CA LEU C 73 -22.78 11.90 40.54
C LEU C 73 -23.46 10.53 40.64
N LEU C 74 -22.69 9.50 41.01
CA LEU C 74 -23.25 8.16 41.12
C LEU C 74 -24.25 8.07 42.28
N GLU C 75 -23.93 8.71 43.41
CA GLU C 75 -24.86 8.74 44.53
C GLU C 75 -26.13 9.49 44.15
N ALA C 76 -26.00 10.54 43.34
CA ALA C 76 -27.16 11.28 42.84
C ALA C 76 -27.99 10.47 41.86
N GLY C 77 -27.51 9.30 41.44
CA GLY C 77 -28.23 8.46 40.52
C GLY C 77 -27.79 8.51 39.08
N ALA C 78 -26.51 8.73 38.82
CA ALA C 78 -26.04 8.75 37.45
C ALA C 78 -26.02 7.35 36.87
N ASP C 79 -26.48 7.22 35.63
CA ASP C 79 -26.54 5.94 34.94
C ASP C 79 -25.12 5.56 34.51
N PRO C 80 -24.53 4.51 35.07
CA PRO C 80 -23.17 4.13 34.70
C PRO C 80 -23.06 3.44 33.35
N ASN C 81 -24.16 3.22 32.65
CA ASN C 81 -24.14 2.55 31.35
C ASN C 81 -24.52 3.45 30.19
N MET C 82 -24.80 4.73 30.44
CA MET C 82 -25.21 5.64 29.38
C MET C 82 -23.99 6.05 28.56
N ALA C 83 -23.96 5.60 27.30
CA ALA C 83 -22.82 5.88 26.42
C ALA C 83 -23.06 7.15 25.61
N ASN C 84 -21.98 7.67 25.03
CA ASN C 84 -22.06 8.82 24.15
C ASN C 84 -22.61 8.42 22.79
N SER C 85 -22.67 9.39 21.87
CA SER C 85 -23.22 9.13 20.54
C SER C 85 -22.42 8.06 19.81
N GLU C 86 -21.11 8.02 20.00
CA GLU C 86 -20.29 7.02 19.32
C GLU C 86 -20.50 5.62 19.88
N GLY C 87 -21.09 5.50 21.07
CA GLY C 87 -21.29 4.21 21.69
C GLY C 87 -20.26 3.81 22.71
N THR C 88 -19.49 4.76 23.25
CA THR C 88 -18.46 4.45 24.24
C THR C 88 -19.06 4.59 25.63
N THR C 89 -19.10 3.48 26.36
CA THR C 89 -19.64 3.46 27.71
C THR C 89 -18.60 4.00 28.69
N PRO C 90 -19.04 4.44 29.88
CA PRO C 90 -18.08 4.91 30.89
C PRO C 90 -16.98 3.89 31.23
N VAL C 91 -17.32 2.60 31.29
CA VAL C 91 -16.29 1.60 31.56
C VAL C 91 -15.31 1.53 30.40
N LEU C 92 -15.81 1.61 29.16
CA LEU C 92 -14.92 1.55 28.00
C LEU C 92 -14.06 2.81 27.86
N LEU C 93 -14.59 3.98 28.24
CA LEU C 93 -13.78 5.19 28.21
C LEU C 93 -12.70 5.16 29.29
N LEU C 94 -13.03 4.61 30.46
CA LEU C 94 -12.02 4.45 31.51
C LEU C 94 -10.86 3.60 31.03
N LEU C 95 -11.17 2.46 30.41
CA LEU C 95 -10.13 1.57 29.93
C LEU C 95 -9.28 2.24 28.86
N GLU C 96 -9.90 3.09 28.05
CA GLU C 96 -9.14 3.87 27.08
C GLU C 96 -8.25 4.88 27.79
N ILE C 97 -8.72 5.46 28.89
CA ILE C 97 -7.87 6.35 29.68
C ILE C 97 -6.67 5.60 30.20
N ILE C 98 -6.89 4.39 30.72
CA ILE C 98 -5.77 3.58 31.22
C ILE C 98 -4.81 3.24 30.09
N GLN C 99 -5.34 2.84 28.94
CA GLN C 99 -4.51 2.41 27.82
C GLN C 99 -3.53 3.49 27.37
N GLN C 100 -3.94 4.75 27.45
CA GLN C 100 -3.13 5.85 26.95
C GLN C 100 -2.67 6.80 28.05
N GLY C 101 -2.97 6.49 29.31
CA GLY C 101 -2.76 7.43 30.39
C GLY C 101 -1.45 7.19 31.13
N SER C 102 -1.14 8.16 32.00
CA SER C 102 0.02 8.07 32.86
C SER C 102 -0.21 7.07 33.98
N GLU C 103 0.86 6.78 34.73
CA GLU C 103 0.75 5.87 35.87
C GLU C 103 -0.14 6.45 36.96
N GLU C 104 -0.13 7.78 37.11
CA GLU C 104 -1.04 8.42 38.07
C GLU C 104 -2.49 8.24 37.63
N GLN C 105 -2.78 8.45 36.35
CA GLN C 105 -4.13 8.22 35.84
C GLN C 105 -4.52 6.75 35.95
N GLN C 106 -3.56 5.84 35.76
CA GLN C 106 -3.87 4.42 35.84
C GLN C 106 -4.35 4.05 37.24
N LYS C 107 -3.65 4.50 38.27
CA LYS C 107 -4.06 4.17 39.63
C LYS C 107 -5.44 4.75 39.93
N LEU C 108 -5.71 5.97 39.46
CA LEU C 108 -7.00 6.59 39.75
C LEU C 108 -8.13 5.86 39.04
N ALA C 109 -7.97 5.59 37.74
CA ALA C 109 -9.03 4.96 36.96
C ALA C 109 -9.35 3.53 37.45
N ALA C 110 -8.39 2.85 38.07
CA ALA C 110 -8.68 1.54 38.65
C ALA C 110 -9.71 1.64 39.75
N ALA C 111 -9.62 2.70 40.57
CA ALA C 111 -10.61 2.89 41.62
C ALA C 111 -11.96 3.28 41.04
N LEU C 112 -11.95 4.06 39.96
CA LEU C 112 -13.18 4.47 39.31
C LEU C 112 -13.94 3.29 38.73
N LEU C 113 -13.23 2.27 38.26
CA LEU C 113 -13.90 1.09 37.72
C LEU C 113 -14.69 0.36 38.79
N LYS C 114 -14.13 0.26 40.00
CA LYS C 114 -14.86 -0.36 41.09
C LYS C 114 -16.13 0.42 41.42
N GLU C 115 -16.05 1.75 41.41
CA GLU C 115 -17.22 2.58 41.63
C GLU C 115 -18.28 2.36 40.56
N LEU C 116 -17.86 2.30 39.29
CA LEU C 116 -18.82 2.09 38.22
C LEU C 116 -19.46 0.71 38.31
N LEU C 117 -18.67 -0.31 38.60
CA LEU C 117 -19.22 -1.66 38.73
C LEU C 117 -20.17 -1.76 39.92
N ASP C 118 -19.83 -1.13 41.04
CA ASP C 118 -20.73 -1.11 42.19
C ASP C 118 -22.01 -0.36 41.85
N ALA C 119 -21.91 0.72 41.07
CA ALA C 119 -23.10 1.44 40.64
C ALA C 119 -23.99 0.60 39.73
N GLY C 120 -23.44 -0.42 39.10
CA GLY C 120 -24.23 -1.31 38.27
C GLY C 120 -23.85 -1.28 36.81
N ALA C 121 -22.58 -1.00 36.52
CA ALA C 121 -22.13 -0.97 35.14
C ALA C 121 -22.09 -2.37 34.56
N ASP C 122 -22.53 -2.50 33.31
CA ASP C 122 -22.56 -3.79 32.62
C ASP C 122 -21.16 -4.18 32.17
N PRO C 123 -20.59 -5.25 32.72
CA PRO C 123 -19.21 -5.63 32.34
C PRO C 123 -19.10 -6.21 30.94
N ASN C 124 -20.22 -6.44 30.24
CA ASN C 124 -20.19 -7.01 28.90
C ASN C 124 -20.64 -6.05 27.81
N MET C 125 -20.94 -4.80 28.15
CA MET C 125 -21.41 -3.84 27.16
C MET C 125 -20.24 -3.44 26.25
N ALA C 126 -20.41 -3.68 24.96
CA ALA C 126 -19.37 -3.36 23.98
C ALA C 126 -19.68 -2.02 23.32
N ASN C 127 -18.69 -1.51 22.59
CA ASN C 127 -18.85 -0.26 21.85
C ASN C 127 -19.38 -0.56 20.45
N SER C 128 -19.36 0.45 19.58
CA SER C 128 -19.86 0.27 18.22
C SER C 128 -19.05 -0.75 17.44
N GLU C 129 -17.75 -0.87 17.75
CA GLU C 129 -16.90 -1.85 17.06
C GLU C 129 -16.99 -3.23 17.70
N GLY C 130 -17.82 -3.40 18.73
CA GLY C 130 -17.96 -4.67 19.41
C GLY C 130 -16.89 -5.01 20.42
N THR C 131 -15.94 -4.10 20.66
CA THR C 131 -14.88 -4.35 21.61
C THR C 131 -15.45 -4.36 23.03
N THR C 132 -15.34 -5.51 23.70
CA THR C 132 -15.85 -5.67 25.05
C THR C 132 -14.81 -5.22 26.06
N PRO C 133 -15.24 -4.92 27.29
CA PRO C 133 -14.25 -4.52 28.32
C PRO C 133 -13.16 -5.56 28.53
N VAL C 134 -13.48 -6.85 28.44
CA VAL C 134 -12.45 -7.87 28.56
C VAL C 134 -11.50 -7.78 27.37
N LEU C 135 -12.06 -7.67 26.16
CA LEU C 135 -11.23 -7.62 24.96
C LEU C 135 -10.33 -6.39 24.93
N LEU C 136 -10.82 -5.26 25.45
CA LEU C 136 -10.01 -4.05 25.47
C LEU C 136 -8.89 -4.13 26.52
N LEU C 137 -9.18 -4.75 27.67
CA LEU C 137 -8.13 -4.96 28.67
C LEU C 137 -7.03 -5.87 28.13
N LEU C 138 -7.41 -6.87 27.33
CA LEU C 138 -6.41 -7.75 26.75
C LEU C 138 -5.52 -7.02 25.76
N GLU C 139 -6.06 -6.00 25.09
CA GLU C 139 -5.20 -5.15 24.27
C GLU C 139 -4.21 -4.40 25.14
N ILE C 140 -4.66 -3.92 26.30
CA ILE C 140 -3.76 -3.23 27.22
C ILE C 140 -2.67 -4.18 27.69
N ILE C 141 -3.02 -5.44 27.92
CA ILE C 141 -2.03 -6.45 28.28
C ILE C 141 -1.09 -6.70 27.12
N GLN C 142 -1.62 -6.74 25.90
CA GLN C 142 -0.81 -7.11 24.76
C GLN C 142 0.20 -6.01 24.40
N GLN C 143 -0.21 -4.74 24.52
CA GLN C 143 0.59 -3.63 24.01
C GLN C 143 0.89 -2.57 25.05
N GLY C 144 0.67 -2.84 26.33
CA GLY C 144 0.89 -1.86 27.36
C GLY C 144 2.25 -2.01 28.03
N SER C 145 2.50 -1.09 28.96
CA SER C 145 3.71 -1.12 29.76
C SER C 145 3.63 -2.26 30.78
N ARG C 146 4.75 -2.50 31.47
CA ARG C 146 4.76 -3.55 32.49
C ARG C 146 3.79 -3.22 33.61
N GLU C 147 3.64 -1.93 33.94
CA GLU C 147 2.64 -1.52 34.92
C GLU C 147 1.23 -1.71 34.38
N GLN C 148 1.01 -1.35 33.11
CA GLN C 148 -0.30 -1.54 32.51
C GLN C 148 -0.65 -3.03 32.41
N GLN C 149 0.35 -3.87 32.14
CA GLN C 149 0.12 -5.32 32.11
C GLN C 149 -0.45 -5.81 33.44
N ALA C 150 0.22 -5.47 34.55
CA ALA C 150 -0.22 -5.96 35.86
C ALA C 150 -1.56 -5.37 36.26
N LEU C 151 -1.75 -4.07 36.02
CA LEU C 151 -3.01 -3.43 36.39
C LEU C 151 -4.16 -3.97 35.54
N ALA C 152 -4.00 -3.98 34.22
CA ALA C 152 -5.04 -4.51 33.35
C ALA C 152 -5.36 -5.96 33.69
N MET C 153 -4.37 -6.70 34.17
CA MET C 153 -4.62 -8.07 34.60
C MET C 153 -5.58 -8.12 35.78
N SER C 154 -5.32 -7.30 36.81
CA SER C 154 -6.20 -7.31 37.98
C SER C 154 -7.57 -6.74 37.65
N LEU C 155 -7.64 -5.71 36.79
CA LEU C 155 -8.92 -5.16 36.39
C LEU C 155 -9.75 -6.18 35.62
N LEU C 156 -9.09 -7.06 34.86
CA LEU C 156 -9.80 -8.12 34.15
C LEU C 156 -10.42 -9.12 35.12
N LEU C 157 -9.68 -9.50 36.16
CA LEU C 157 -10.25 -10.38 37.18
C LEU C 157 -11.38 -9.69 37.92
N LEU C 158 -11.25 -8.38 38.16
CA LEU C 158 -12.33 -7.63 38.79
C LEU C 158 -13.59 -7.65 37.94
N LEU C 159 -13.44 -7.64 36.61
CA LEU C 159 -14.59 -7.72 35.72
C LEU C 159 -15.19 -9.11 35.70
N LEU C 160 -14.35 -10.14 35.74
CA LEU C 160 -14.88 -11.51 35.79
C LEU C 160 -15.68 -11.73 37.05
N LEU C 161 -15.18 -11.25 38.19
CA LEU C 161 -15.95 -11.29 39.43
C LEU C 161 -17.24 -10.49 39.30
N ALA C 162 -17.21 -9.41 38.50
CA ALA C 162 -18.39 -8.60 38.27
C ALA C 162 -19.37 -9.26 37.31
N GLY C 163 -18.96 -10.34 36.64
CA GLY C 163 -19.84 -11.08 35.76
C GLY C 163 -19.51 -11.02 34.28
N ALA C 164 -18.32 -10.54 33.91
CA ALA C 164 -17.97 -10.44 32.50
C ALA C 164 -17.85 -11.84 31.88
N ASP C 165 -18.37 -11.98 30.68
CA ASP C 165 -18.32 -13.26 29.96
C ASP C 165 -17.04 -13.32 29.14
N PRO C 166 -16.16 -14.30 29.38
CA PRO C 166 -14.87 -14.31 28.70
C PRO C 166 -14.90 -14.98 27.33
N ASN C 167 -16.10 -15.13 26.76
CA ASN C 167 -16.25 -15.75 25.45
C ASN C 167 -16.88 -14.84 24.41
N MET C 168 -17.30 -13.64 24.79
CA MET C 168 -17.87 -12.71 23.83
C MET C 168 -16.80 -12.21 22.87
N ALA C 169 -17.08 -12.34 21.57
CA ALA C 169 -16.20 -11.86 20.52
C ALA C 169 -16.65 -10.46 20.07
N ASN C 170 -15.76 -9.79 19.34
CA ASN C 170 -16.07 -8.47 18.78
C ASN C 170 -16.79 -8.65 17.45
N SER C 171 -16.97 -7.54 16.71
CA SER C 171 -17.64 -7.62 15.43
C SER C 171 -16.86 -8.48 14.44
N GLU C 172 -15.52 -8.48 14.54
CA GLU C 172 -14.68 -9.32 13.69
C GLU C 172 -14.62 -10.78 14.15
N GLY C 173 -15.39 -11.16 15.17
CA GLY C 173 -15.38 -12.53 15.63
C GLY C 173 -14.15 -12.94 16.43
N THR C 174 -13.42 -11.99 16.98
CA THR C 174 -12.21 -12.27 17.76
C THR C 174 -12.60 -12.51 19.23
N THR C 175 -12.43 -13.76 19.70
CA THR C 175 -12.76 -14.08 21.08
C THR C 175 -11.60 -13.76 22.01
N PRO C 176 -11.87 -13.55 23.30
CA PRO C 176 -10.75 -13.31 24.24
C PRO C 176 -9.73 -14.43 24.26
N LYS C 177 -10.17 -15.68 24.12
CA LYS C 177 -9.21 -16.78 24.05
C LYS C 177 -8.37 -16.68 22.78
N GLU C 178 -8.97 -16.21 21.68
CA GLU C 178 -8.20 -16.03 20.45
C GLU C 178 -7.16 -14.94 20.61
N LEU C 179 -7.49 -13.88 21.34
CA LEU C 179 -6.53 -12.80 21.56
C LEU C 179 -5.45 -13.20 22.54
N LEU C 180 -5.78 -14.04 23.51
CA LEU C 180 -4.78 -14.50 24.48
C LEU C 180 -3.70 -15.32 23.80
N LYS C 181 -4.10 -16.11 22.80
CA LYS C 181 -3.11 -16.89 22.06
C LYS C 181 -2.12 -16.01 21.34
N GLU C 182 -2.59 -14.88 20.79
CA GLU C 182 -1.67 -13.94 20.14
C GLU C 182 -0.71 -13.34 21.16
N ILE C 183 -1.21 -13.01 22.35
CA ILE C 183 -0.35 -12.47 23.40
C ILE C 183 0.71 -13.49 23.80
N GLN C 184 0.35 -14.77 23.84
CA GLN C 184 1.33 -15.79 24.22
C GLN C 184 2.35 -16.04 23.13
N GLN C 185 1.96 -15.95 21.85
CA GLN C 185 2.85 -16.35 20.77
C GLN C 185 3.95 -15.32 20.52
N GLN C 186 3.61 -14.03 20.61
CA GLN C 186 4.55 -12.98 20.27
C GLN C 186 4.76 -11.98 21.41
N GLY C 187 4.37 -12.35 22.63
CA GLY C 187 4.55 -11.48 23.78
C GLY C 187 5.87 -11.73 24.51
N SER C 188 6.14 -10.88 25.50
CA SER C 188 7.31 -11.05 26.33
C SER C 188 7.16 -12.27 27.23
N ASP C 189 8.22 -12.57 27.98
CA ASP C 189 8.17 -13.69 28.92
C ASP C 189 7.12 -13.45 29.99
N GLU C 190 6.96 -12.20 30.44
CA GLU C 190 5.96 -11.88 31.45
C GLU C 190 4.56 -11.85 30.85
N GLN C 191 4.41 -11.31 29.64
CA GLN C 191 3.10 -11.29 28.99
C GLN C 191 2.59 -12.69 28.74
N ARG C 192 3.48 -13.60 28.31
CA ARG C 192 3.08 -14.97 28.04
C ARG C 192 2.58 -15.65 29.31
N LEU C 193 3.22 -15.37 30.44
CA LEU C 193 2.78 -15.94 31.71
C LEU C 193 1.36 -15.49 32.04
N LEU C 194 1.09 -14.18 31.93
CA LEU C 194 -0.26 -13.68 32.16
C LEU C 194 -1.26 -14.33 31.20
N ALA C 195 -0.85 -14.52 29.95
CA ALA C 195 -1.75 -15.16 28.99
C ALA C 195 -2.01 -16.61 29.36
N GLU C 196 -0.95 -17.35 29.74
CA GLU C 196 -1.12 -18.74 30.15
C GLU C 196 -1.97 -18.86 31.40
N VAL C 197 -1.88 -17.89 32.30
CA VAL C 197 -2.74 -17.88 33.48
C VAL C 197 -4.20 -17.71 33.06
N LEU C 198 -4.47 -16.70 32.22
CA LEU C 198 -5.83 -16.45 31.76
C LEU C 198 -6.36 -17.60 30.91
N LEU C 199 -5.50 -18.21 30.09
CA LEU C 199 -5.95 -19.34 29.29
C LEU C 199 -6.35 -20.51 30.16
N GLN C 200 -5.60 -20.77 31.24
CA GLN C 200 -5.97 -21.83 32.16
C GLN C 200 -7.26 -21.49 32.91
N LEU C 201 -7.41 -20.23 33.31
CA LEU C 201 -8.64 -19.82 34.00
C LEU C 201 -9.86 -19.99 33.12
N LEU C 202 -9.75 -19.59 31.84
CA LEU C 202 -10.87 -19.77 30.91
C LEU C 202 -11.18 -21.24 30.68
N GLU C 203 -10.14 -22.07 30.54
CA GLU C 203 -10.34 -23.49 30.29
C GLU C 203 -11.03 -24.19 31.45
N ALA C 204 -10.98 -23.61 32.65
CA ALA C 204 -11.56 -24.22 33.83
C ALA C 204 -12.86 -23.56 34.27
N ALA C 205 -13.22 -22.42 33.68
CA ALA C 205 -14.50 -21.80 33.96
C ALA C 205 -15.59 -22.46 33.11
N GLY C 206 -16.71 -22.78 33.75
CA GLY C 206 -17.82 -23.42 33.05
C GLY C 206 -18.79 -22.43 32.45
N GLY C 207 -19.12 -21.38 33.21
CA GLY C 207 -20.04 -20.36 32.75
C GLY C 207 -19.83 -19.02 33.44
N THR D 3 38.95 -40.47 1.22
CA THR D 3 38.28 -40.83 -0.02
C THR D 3 38.56 -39.79 -1.11
N PRO D 4 38.95 -40.26 -2.30
CA PRO D 4 39.26 -39.32 -3.40
C PRO D 4 38.13 -38.36 -3.75
N VAL D 5 36.89 -38.82 -3.76
CA VAL D 5 35.77 -37.95 -4.13
C VAL D 5 35.66 -36.79 -3.16
N LEU D 6 35.75 -37.08 -1.86
CA LEU D 6 35.68 -36.01 -0.87
C LEU D 6 36.88 -35.08 -0.96
N GLU D 7 38.07 -35.61 -1.21
CA GLU D 7 39.24 -34.75 -1.33
C GLU D 7 39.15 -33.85 -2.55
N LEU D 8 38.68 -34.39 -3.69
CA LEU D 8 38.52 -33.59 -4.90
C LEU D 8 37.56 -32.42 -4.67
N LEU D 9 36.43 -32.69 -4.03
CA LEU D 9 35.47 -31.62 -3.75
C LEU D 9 36.05 -30.58 -2.80
N GLU D 10 36.86 -31.02 -1.82
CA GLU D 10 37.50 -30.08 -0.90
C GLU D 10 38.49 -29.18 -1.61
N GLN D 11 39.15 -29.68 -2.65
CA GLN D 11 40.07 -28.86 -3.42
C GLN D 11 39.34 -27.87 -4.32
N ILE D 12 38.05 -28.07 -4.55
CA ILE D 12 37.29 -27.14 -5.38
C ILE D 12 36.90 -25.89 -4.61
N GLN D 13 36.37 -26.04 -3.40
CA GLN D 13 35.95 -24.87 -2.64
C GLN D 13 37.13 -23.99 -2.24
N GLN D 14 38.21 -24.61 -1.73
CA GLN D 14 39.40 -23.88 -1.33
C GLN D 14 40.53 -23.95 -2.36
N GLY D 15 40.18 -23.97 -3.65
CA GLY D 15 41.15 -24.07 -4.71
C GLY D 15 41.04 -22.94 -5.72
N SER D 16 41.84 -23.04 -6.78
CA SER D 16 41.83 -22.01 -7.81
C SER D 16 40.65 -22.21 -8.76
N GLU D 17 40.44 -21.26 -9.69
CA GLU D 17 39.26 -21.29 -10.55
C GLU D 17 39.35 -22.31 -11.69
N GLU D 18 40.53 -22.53 -12.28
CA GLU D 18 40.60 -23.50 -13.37
C GLU D 18 40.50 -24.91 -12.82
N GLN D 19 41.03 -25.14 -11.62
CA GLN D 19 40.74 -26.39 -10.93
C GLN D 19 39.24 -26.54 -10.77
N GLN D 20 38.53 -25.43 -10.59
CA GLN D 20 37.08 -25.48 -10.57
C GLN D 20 36.52 -25.72 -11.98
N LYS D 21 37.19 -25.17 -13.00
CA LYS D 21 36.70 -25.34 -14.37
C LYS D 21 36.82 -26.80 -14.83
N GLU D 22 37.99 -27.41 -14.61
CA GLU D 22 38.24 -28.78 -15.02
C GLU D 22 37.91 -29.81 -13.94
N ALA D 23 37.35 -29.38 -12.80
CA ALA D 23 37.00 -30.34 -11.76
C ALA D 23 35.81 -31.18 -12.20
N LEU D 24 34.89 -30.54 -12.93
CA LEU D 24 33.73 -31.22 -13.47
C LEU D 24 34.13 -32.40 -14.34
N ALA D 25 35.21 -32.25 -15.11
CA ALA D 25 35.67 -33.34 -15.96
C ALA D 25 36.16 -34.55 -15.16
N ARG D 26 37.02 -34.33 -14.16
CA ARG D 26 37.55 -35.45 -13.41
C ARG D 26 36.48 -36.22 -12.65
N LEU D 27 35.49 -35.53 -12.08
CA LEU D 27 34.48 -36.25 -11.30
C LEU D 27 33.77 -37.29 -12.17
N GLN D 28 33.49 -36.95 -13.42
CA GLN D 28 32.95 -37.96 -14.34
C GLN D 28 33.96 -39.07 -14.57
N GLU D 29 35.26 -38.72 -14.67
CA GLU D 29 36.28 -39.73 -14.95
C GLU D 29 36.53 -40.65 -13.75
N LEU D 30 36.37 -40.15 -12.53
CA LEU D 30 36.55 -40.97 -11.33
C LEU D 30 35.37 -41.89 -11.04
N LEU D 31 34.14 -41.43 -11.30
CA LEU D 31 32.97 -42.19 -10.92
C LEU D 31 32.89 -43.55 -11.61
N GLU D 32 33.08 -43.60 -12.93
CA GLU D 32 33.02 -44.90 -13.60
C GLU D 32 34.13 -45.84 -13.16
N ALA D 33 35.26 -45.31 -12.69
CA ALA D 33 36.33 -46.19 -12.26
C ALA D 33 36.03 -46.87 -10.93
N GLY D 34 34.79 -46.76 -10.46
CA GLY D 34 34.36 -47.41 -9.24
C GLY D 34 34.47 -46.54 -8.01
N ALA D 35 34.37 -45.23 -8.17
CA ALA D 35 34.43 -44.34 -7.02
C ALA D 35 33.07 -44.29 -6.34
N ASP D 36 33.07 -44.42 -5.02
CA ASP D 36 31.84 -44.41 -4.25
C ASP D 36 31.33 -42.98 -4.11
N PRO D 37 30.16 -42.64 -4.65
CA PRO D 37 29.60 -41.30 -4.45
C PRO D 37 28.87 -41.12 -3.13
N ASN D 38 28.96 -42.10 -2.22
CA ASN D 38 28.27 -42.04 -0.94
C ASN D 38 29.21 -42.17 0.25
N MET D 39 30.48 -42.47 0.04
CA MET D 39 31.43 -42.63 1.14
C MET D 39 31.59 -41.32 1.92
N ALA D 40 31.14 -41.31 3.17
CA ALA D 40 31.31 -40.15 4.02
C ALA D 40 32.63 -40.22 4.75
N ASN D 41 33.09 -39.07 5.24
CA ASN D 41 34.34 -38.98 5.97
C ASN D 41 34.07 -39.06 7.47
N SER D 42 35.08 -38.68 8.28
CA SER D 42 34.97 -38.81 9.73
C SER D 42 33.82 -37.99 10.30
N GLU D 43 33.52 -36.83 9.69
CA GLU D 43 32.47 -35.95 10.18
C GLU D 43 31.09 -36.28 9.60
N GLY D 44 30.99 -37.36 8.82
CA GLY D 44 29.72 -37.80 8.26
C GLY D 44 29.26 -37.05 7.03
N THR D 45 30.11 -36.21 6.47
CA THR D 45 29.75 -35.39 5.32
C THR D 45 29.88 -36.20 4.04
N THR D 46 28.77 -36.39 3.35
CA THR D 46 28.73 -37.11 2.08
C THR D 46 29.12 -36.18 0.94
N PRO D 47 29.46 -36.73 -0.23
CA PRO D 47 29.75 -35.87 -1.39
C PRO D 47 28.64 -34.90 -1.71
N VAL D 48 27.38 -35.29 -1.51
CA VAL D 48 26.28 -34.37 -1.74
C VAL D 48 26.29 -33.25 -0.70
N LEU D 49 26.45 -33.62 0.58
CA LEU D 49 26.40 -32.64 1.65
C LEU D 49 27.59 -31.68 1.58
N LEU D 50 28.77 -32.19 1.23
CA LEU D 50 29.92 -31.30 1.06
C LEU D 50 29.72 -30.39 -0.14
N LEU D 51 29.12 -30.90 -1.21
CA LEU D 51 28.85 -30.07 -2.38
C LEU D 51 27.87 -28.96 -2.04
N LEU D 52 26.83 -29.27 -1.27
CA LEU D 52 25.89 -28.23 -0.83
C LEU D 52 26.59 -27.23 0.09
N GLU D 53 27.51 -27.71 0.92
CA GLU D 53 28.29 -26.80 1.76
C GLU D 53 29.13 -25.85 0.92
N ILE D 54 29.65 -26.33 -0.22
CA ILE D 54 30.38 -25.46 -1.12
C ILE D 54 29.45 -24.41 -1.71
N ILE D 55 28.23 -24.81 -2.07
CA ILE D 55 27.24 -23.87 -2.61
C ILE D 55 26.92 -22.79 -1.58
N GLN D 56 26.78 -23.19 -0.32
CA GLN D 56 26.42 -22.24 0.73
C GLN D 56 27.49 -21.18 0.94
N GLN D 57 28.77 -21.57 0.84
CA GLN D 57 29.89 -20.69 1.12
C GLN D 57 30.72 -20.33 -0.11
N GLY D 58 30.34 -20.78 -1.30
CA GLY D 58 31.16 -20.58 -2.47
C GLY D 58 30.75 -19.37 -3.29
N SER D 59 31.64 -19.01 -4.21
CA SER D 59 31.39 -17.91 -5.13
C SER D 59 30.33 -18.30 -6.14
N GLU D 60 29.86 -17.31 -6.91
CA GLU D 60 28.88 -17.59 -7.95
C GLU D 60 29.43 -18.56 -8.99
N GLU D 61 30.74 -18.50 -9.24
CA GLU D 61 31.35 -19.46 -10.16
C GLU D 61 31.26 -20.88 -9.61
N GLN D 62 31.65 -21.06 -8.34
CA GLN D 62 31.54 -22.38 -7.72
C GLN D 62 30.08 -22.84 -7.65
N GLN D 63 29.14 -21.90 -7.54
CA GLN D 63 27.73 -22.26 -7.42
C GLN D 63 27.24 -22.92 -8.71
N LYS D 64 27.39 -22.22 -9.84
CA LYS D 64 26.92 -22.75 -11.11
C LYS D 64 27.66 -24.03 -11.47
N LEU D 65 28.90 -24.19 -10.99
CA LEU D 65 29.64 -25.43 -11.20
C LEU D 65 29.03 -26.59 -10.41
N ALA D 66 28.67 -26.36 -9.16
CA ALA D 66 28.23 -27.44 -8.28
C ALA D 66 26.86 -28.00 -8.66
N LEU D 67 26.04 -27.23 -9.37
CA LEU D 67 24.76 -27.74 -9.81
C LEU D 67 24.94 -28.90 -10.78
N ALA D 68 25.94 -28.80 -11.66
CA ALA D 68 26.24 -29.90 -12.58
C ALA D 68 26.83 -31.11 -11.85
N LEU D 69 27.71 -30.89 -10.87
CA LEU D 69 28.28 -32.02 -10.14
C LEU D 69 27.24 -32.78 -9.34
N LEU D 70 26.18 -32.11 -8.90
CA LEU D 70 25.13 -32.83 -8.18
C LEU D 70 24.42 -33.81 -9.08
N GLN D 71 24.11 -33.39 -10.31
CA GLN D 71 23.52 -34.30 -11.28
C GLN D 71 24.43 -35.49 -11.55
N GLU D 72 25.74 -35.24 -11.63
CA GLU D 72 26.70 -36.33 -11.84
C GLU D 72 26.74 -37.27 -10.65
N LEU D 73 26.79 -36.72 -9.43
CA LEU D 73 26.81 -37.58 -8.25
C LEU D 73 25.52 -38.36 -8.13
N LEU D 74 24.38 -37.73 -8.43
CA LEU D 74 23.11 -38.43 -8.36
C LEU D 74 23.02 -39.52 -9.41
N GLU D 75 23.50 -39.23 -10.63
CA GLU D 75 23.53 -40.26 -11.68
C GLU D 75 24.45 -41.41 -11.28
N ALA D 76 25.56 -41.11 -10.62
CA ALA D 76 26.45 -42.16 -10.15
C ALA D 76 25.85 -42.97 -9.01
N GLY D 77 24.69 -42.58 -8.50
CA GLY D 77 24.02 -43.31 -7.44
C GLY D 77 24.17 -42.74 -6.06
N ALA D 78 24.30 -41.43 -5.90
CA ALA D 78 24.37 -40.83 -4.58
C ALA D 78 23.00 -40.83 -3.94
N ASP D 79 22.95 -41.19 -2.66
CA ASP D 79 21.70 -41.25 -1.91
C ASP D 79 21.24 -39.84 -1.56
N PRO D 80 20.11 -39.38 -2.11
CA PRO D 80 19.61 -38.05 -1.77
C PRO D 80 18.99 -37.96 -0.38
N ASN D 81 18.97 -39.07 0.36
CA ASN D 81 18.37 -39.12 1.68
C ASN D 81 19.39 -39.35 2.79
N MET D 82 20.69 -39.45 2.47
CA MET D 82 21.72 -39.69 3.48
C MET D 82 22.02 -38.40 4.24
N ALA D 83 21.70 -38.38 5.54
CA ALA D 83 21.91 -37.19 6.35
C ALA D 83 23.28 -37.21 7.00
N ASN D 84 23.71 -36.02 7.44
CA ASN D 84 24.96 -35.89 8.16
C ASN D 84 24.81 -36.37 9.61
N SER D 85 25.89 -36.22 10.38
CA SER D 85 25.87 -36.67 11.78
C SER D 85 24.81 -35.94 12.60
N GLU D 86 24.55 -34.67 12.29
CA GLU D 86 23.54 -33.91 13.02
C GLU D 86 22.13 -34.35 12.66
N GLY D 87 21.93 -35.05 11.55
CA GLY D 87 20.62 -35.45 11.10
C GLY D 87 20.01 -34.54 10.05
N THR D 88 20.83 -33.74 9.38
CA THR D 88 20.36 -32.81 8.36
C THR D 88 20.45 -33.48 6.99
N THR D 89 19.30 -33.62 6.33
CA THR D 89 19.20 -34.25 5.01
C THR D 89 19.58 -33.25 3.91
N PRO D 90 19.94 -33.76 2.72
CA PRO D 90 20.25 -32.84 1.60
C PRO D 90 19.13 -31.86 1.30
N VAL D 91 17.87 -32.30 1.39
CA VAL D 91 16.75 -31.40 1.11
C VAL D 91 16.66 -30.32 2.19
N LEU D 92 16.83 -30.70 3.45
CA LEU D 92 16.74 -29.72 4.53
C LEU D 92 17.92 -28.76 4.54
N LEU D 93 19.10 -29.23 4.12
CA LEU D 93 20.25 -28.33 4.01
C LEU D 93 20.07 -27.36 2.86
N LEU D 94 19.48 -27.82 1.76
CA LEU D 94 19.18 -26.93 0.63
C LEU D 94 18.26 -25.80 1.08
N LEU D 95 17.21 -26.13 1.83
CA LEU D 95 16.27 -25.11 2.29
C LEU D 95 16.95 -24.13 3.24
N GLU D 96 17.90 -24.62 4.04
CA GLU D 96 18.65 -23.72 4.92
C GLU D 96 19.51 -22.76 4.10
N ILE D 97 20.05 -23.24 2.97
CA ILE D 97 20.78 -22.35 2.07
C ILE D 97 19.86 -21.26 1.54
N ILE D 98 18.63 -21.64 1.16
CA ILE D 98 17.65 -20.68 0.67
C ILE D 98 17.29 -19.67 1.74
N GLN D 99 17.05 -20.15 2.97
CA GLN D 99 16.61 -19.28 4.05
C GLN D 99 17.62 -18.18 4.35
N GLN D 100 18.91 -18.47 4.20
CA GLN D 100 19.97 -17.52 4.57
C GLN D 100 20.81 -17.07 3.39
N GLY D 101 20.50 -17.48 2.17
CA GLY D 101 21.37 -17.26 1.04
C GLY D 101 20.97 -16.05 0.21
N SER D 102 21.84 -15.74 -0.75
CA SER D 102 21.58 -14.65 -1.69
C SER D 102 20.48 -15.05 -2.67
N GLU D 103 20.03 -14.06 -3.45
CA GLU D 103 19.03 -14.34 -4.49
C GLU D 103 19.57 -15.29 -5.55
N GLU D 104 20.87 -15.19 -5.84
CA GLU D 104 21.48 -16.14 -6.78
C GLU D 104 21.47 -17.55 -6.20
N GLN D 105 21.82 -17.68 -4.92
CA GLN D 105 21.78 -18.98 -4.26
C GLN D 105 20.37 -19.53 -4.16
N GLN D 106 19.38 -18.66 -3.99
CA GLN D 106 17.99 -19.12 -3.87
C GLN D 106 17.52 -19.81 -5.15
N LYS D 107 17.75 -19.16 -6.30
CA LYS D 107 17.31 -19.75 -7.57
C LYS D 107 18.05 -21.05 -7.88
N LEU D 108 19.33 -21.12 -7.51
CA LEU D 108 20.09 -22.35 -7.77
C LEU D 108 19.54 -23.51 -6.97
N ALA D 109 19.32 -23.30 -5.67
CA ALA D 109 18.83 -24.37 -4.81
C ALA D 109 17.42 -24.81 -5.19
N ALA D 110 16.65 -23.92 -5.81
CA ALA D 110 15.33 -24.31 -6.29
C ALA D 110 15.44 -25.38 -7.36
N ALA D 111 16.43 -25.25 -8.26
CA ALA D 111 16.65 -26.29 -9.26
C ALA D 111 17.27 -27.52 -8.62
N LEU D 112 18.14 -27.32 -7.63
CA LEU D 112 18.78 -28.44 -6.95
C LEU D 112 17.77 -29.28 -6.18
N LEU D 113 16.74 -28.65 -5.62
CA LEU D 113 15.71 -29.41 -4.91
C LEU D 113 14.94 -30.31 -5.87
N LYS D 114 14.63 -29.81 -7.07
CA LYS D 114 13.96 -30.62 -8.07
C LYS D 114 14.83 -31.82 -8.47
N GLU D 115 16.14 -31.61 -8.59
CA GLU D 115 17.06 -32.71 -8.88
C GLU D 115 17.03 -33.74 -7.75
N LEU D 116 17.05 -33.27 -6.49
CA LEU D 116 16.99 -34.20 -5.37
C LEU D 116 15.67 -34.94 -5.32
N LEU D 117 14.57 -34.22 -5.57
CA LEU D 117 13.26 -34.88 -5.58
C LEU D 117 13.16 -35.90 -6.70
N ASP D 118 13.69 -35.56 -7.89
CA ASP D 118 13.69 -36.52 -8.99
C ASP D 118 14.53 -37.74 -8.66
N ALA D 119 15.66 -37.54 -7.97
CA ALA D 119 16.51 -38.66 -7.57
C ALA D 119 15.83 -39.58 -6.57
N GLY D 120 14.80 -39.10 -5.87
CA GLY D 120 14.09 -39.95 -4.93
C GLY D 120 14.19 -39.46 -3.49
N ALA D 121 14.32 -38.16 -3.31
CA ALA D 121 14.37 -37.60 -1.96
C ALA D 121 12.99 -37.67 -1.31
N ASP D 122 12.97 -38.03 -0.04
CA ASP D 122 11.70 -38.13 0.70
C ASP D 122 11.21 -36.75 1.08
N PRO D 123 10.05 -36.30 0.56
CA PRO D 123 9.58 -34.96 0.90
C PRO D 123 9.10 -34.80 2.34
N ASN D 124 9.04 -35.89 3.11
CA ASN D 124 8.55 -35.84 4.48
C ASN D 124 9.64 -36.11 5.52
N MET D 125 10.89 -36.29 5.09
CA MET D 125 11.98 -36.59 6.01
C MET D 125 12.29 -35.39 6.90
N ALA D 126 12.20 -35.58 8.20
CA ALA D 126 12.50 -34.52 9.14
C ALA D 126 13.93 -34.64 9.64
N ASN D 127 14.40 -33.57 10.29
CA ASN D 127 15.73 -33.58 10.89
C ASN D 127 15.60 -34.08 12.33
N SER D 128 16.68 -33.96 13.11
CA SER D 128 16.65 -34.46 14.49
C SER D 128 15.60 -33.74 15.32
N GLU D 129 15.29 -32.49 14.99
CA GLU D 129 14.32 -31.71 15.72
C GLU D 129 12.88 -31.93 15.24
N GLY D 130 12.68 -32.84 14.28
CA GLY D 130 11.36 -33.11 13.74
C GLY D 130 10.87 -32.12 12.71
N THR D 131 11.69 -31.14 12.35
CA THR D 131 11.32 -30.15 11.35
C THR D 131 11.31 -30.79 9.97
N THR D 132 10.16 -30.77 9.30
CA THR D 132 9.93 -31.33 7.98
C THR D 132 10.26 -30.30 6.91
N PRO D 133 10.47 -30.75 5.65
CA PRO D 133 10.71 -29.78 4.57
C PRO D 133 9.60 -28.75 4.42
N VAL D 134 8.34 -29.17 4.61
CA VAL D 134 7.23 -28.22 4.53
C VAL D 134 7.28 -27.23 5.69
N LEU D 135 7.53 -27.73 6.90
CA LEU D 135 7.57 -26.85 8.06
C LEU D 135 8.71 -25.84 7.96
N LEU D 136 9.84 -26.24 7.37
CA LEU D 136 10.94 -25.29 7.23
C LEU D 136 10.62 -24.24 6.16
N LEU D 137 9.95 -24.65 5.09
CA LEU D 137 9.52 -23.68 4.08
C LEU D 137 8.54 -22.67 4.64
N LEU D 138 7.70 -23.08 5.59
CA LEU D 138 6.78 -22.13 6.21
C LEU D 138 7.53 -21.14 7.09
N GLU D 139 8.66 -21.54 7.67
CA GLU D 139 9.50 -20.56 8.36
C GLU D 139 10.07 -19.54 7.38
N ILE D 140 10.48 -20.00 6.19
CA ILE D 140 11.02 -19.10 5.18
C ILE D 140 9.96 -18.09 4.74
N ILE D 141 8.71 -18.53 4.64
CA ILE D 141 7.62 -17.61 4.32
C ILE D 141 7.40 -16.62 5.47
N GLN D 142 7.53 -17.08 6.71
CA GLN D 142 7.17 -16.24 7.85
C GLN D 142 8.17 -15.10 8.06
N GLN D 143 9.47 -15.36 7.87
CA GLN D 143 10.48 -14.36 8.19
C GLN D 143 11.42 -14.06 7.03
N GLY D 144 11.08 -14.47 5.81
CA GLY D 144 11.94 -14.26 4.68
C GLY D 144 11.60 -13.00 3.89
N SER D 145 12.45 -12.74 2.89
CA SER D 145 12.23 -11.60 2.01
C SER D 145 11.04 -11.86 1.09
N ARG D 146 10.63 -10.82 0.36
CA ARG D 146 9.53 -10.98 -0.58
C ARG D 146 9.88 -11.97 -1.67
N GLU D 147 11.15 -12.00 -2.08
CA GLU D 147 11.60 -13.00 -3.05
C GLU D 147 11.60 -14.38 -2.44
N GLN D 148 12.04 -14.51 -1.18
CA GLN D 148 12.02 -15.80 -0.52
C GLN D 148 10.59 -16.29 -0.32
N GLN D 149 9.67 -15.37 -0.01
CA GLN D 149 8.25 -15.72 0.10
C GLN D 149 7.75 -16.40 -1.16
N ALA D 150 8.00 -15.79 -2.32
CA ALA D 150 7.49 -16.36 -3.56
C ALA D 150 8.19 -17.69 -3.87
N LEU D 151 9.50 -17.76 -3.68
CA LEU D 151 10.23 -18.99 -3.99
C LEU D 151 9.82 -20.13 -3.04
N ALA D 152 9.85 -19.86 -1.73
CA ALA D 152 9.42 -20.88 -0.78
C ALA D 152 7.99 -21.30 -1.03
N MET D 153 7.16 -20.39 -1.53
CA MET D 153 5.78 -20.73 -1.85
C MET D 153 5.72 -21.75 -2.98
N SER D 154 6.46 -21.51 -4.07
CA SER D 154 6.46 -22.45 -5.18
C SER D 154 7.17 -23.76 -4.82
N LEU D 155 8.26 -23.68 -4.04
CA LEU D 155 8.93 -24.89 -3.59
C LEU D 155 8.02 -25.72 -2.69
N LEU D 156 7.14 -25.06 -1.93
CA LEU D 156 6.20 -25.79 -1.10
C LEU D 156 5.22 -26.59 -1.97
N LEU D 157 4.72 -25.97 -3.04
CA LEU D 157 3.85 -26.68 -3.98
C LEU D 157 4.60 -27.78 -4.70
N LEU D 158 5.88 -27.56 -5.01
CA LEU D 158 6.69 -28.62 -5.61
C LEU D 158 6.80 -29.82 -4.68
N LEU D 159 6.89 -29.57 -3.37
CA LEU D 159 6.97 -30.67 -2.42
C LEU D 159 5.63 -31.39 -2.29
N LEU D 160 4.54 -30.63 -2.29
CA LEU D 160 3.21 -31.24 -2.24
C LEU D 160 2.98 -32.10 -3.48
N LEU D 161 3.42 -31.61 -4.64
CA LEU D 161 3.37 -32.42 -5.86
C LEU D 161 4.25 -33.66 -5.73
N ALA D 162 5.36 -33.56 -5.00
CA ALA D 162 6.25 -34.69 -4.78
C ALA D 162 5.73 -35.68 -3.75
N GLY D 163 4.70 -35.31 -2.98
CA GLY D 163 4.12 -36.22 -2.01
C GLY D 163 4.29 -35.85 -0.56
N ALA D 164 4.68 -34.61 -0.24
CA ALA D 164 4.81 -34.21 1.15
C ALA D 164 3.45 -34.18 1.82
N ASP D 165 3.40 -34.67 3.05
CA ASP D 165 2.15 -34.71 3.80
C ASP D 165 1.99 -33.40 4.57
N PRO D 166 0.89 -32.66 4.35
CA PRO D 166 0.79 -31.31 4.95
C PRO D 166 0.25 -31.30 6.38
N ASN D 167 0.29 -32.44 7.05
CA ASN D 167 -0.20 -32.54 8.42
C ASN D 167 0.86 -32.99 9.42
N MET D 168 2.07 -33.34 8.95
CA MET D 168 3.13 -33.76 9.87
C MET D 168 3.58 -32.62 10.76
N ALA D 169 3.59 -32.87 12.06
CA ALA D 169 4.07 -31.89 13.02
C ALA D 169 5.53 -32.18 13.33
N ASN D 170 6.17 -31.21 13.98
CA ASN D 170 7.54 -31.39 14.43
C ASN D 170 7.53 -32.08 15.79
N SER D 171 8.69 -32.15 16.44
CA SER D 171 8.76 -32.83 17.73
C SER D 171 7.91 -32.13 18.79
N GLU D 172 7.80 -30.80 18.72
CA GLU D 172 6.98 -30.02 19.65
C GLU D 172 5.50 -30.08 19.32
N GLY D 173 5.10 -30.90 18.36
CA GLY D 173 3.69 -30.98 18.00
C GLY D 173 3.16 -29.80 17.21
N THR D 174 4.04 -29.05 16.54
CA THR D 174 3.61 -27.91 15.75
C THR D 174 3.30 -28.36 14.32
N THR D 175 2.02 -28.33 13.93
CA THR D 175 1.67 -28.75 12.57
C THR D 175 1.83 -27.59 11.59
N PRO D 176 1.93 -27.88 10.30
CA PRO D 176 2.01 -26.78 9.31
C PRO D 176 0.80 -25.85 9.35
N LYS D 177 -0.39 -26.37 9.61
CA LYS D 177 -1.56 -25.49 9.74
C LYS D 177 -1.44 -24.62 10.98
N GLU D 178 -0.87 -25.15 12.06
CA GLU D 178 -0.66 -24.36 13.28
C GLU D 178 0.32 -23.22 13.01
N LEU D 179 1.32 -23.46 12.17
CA LEU D 179 2.26 -22.39 11.82
C LEU D 179 1.64 -21.39 10.84
N LEU D 180 0.77 -21.85 9.94
CA LEU D 180 0.14 -20.94 8.98
C LEU D 180 -0.74 -19.91 9.67
N LYS D 181 -1.41 -20.30 10.75
CA LYS D 181 -2.24 -19.36 11.49
C LYS D 181 -1.39 -18.22 12.06
N GLU D 182 -0.18 -18.53 12.52
CA GLU D 182 0.68 -17.48 13.03
C GLU D 182 1.11 -16.51 11.93
N ILE D 183 1.41 -17.03 10.74
CA ILE D 183 1.79 -16.18 9.64
C ILE D 183 0.67 -15.21 9.29
N GLN D 184 -0.58 -15.69 9.36
CA GLN D 184 -1.71 -14.83 9.03
C GLN D 184 -1.94 -13.76 10.09
N GLN D 185 -1.65 -14.07 11.35
CA GLN D 185 -1.95 -13.14 12.44
C GLN D 185 -0.95 -11.99 12.51
N GLN D 186 0.33 -12.25 12.24
CA GLN D 186 1.37 -11.24 12.39
C GLN D 186 2.15 -11.01 11.09
N GLY D 187 1.62 -11.46 9.96
CA GLY D 187 2.32 -11.30 8.70
C GLY D 187 1.91 -10.04 7.96
N SER D 188 2.63 -9.79 6.86
CA SER D 188 2.29 -8.69 5.97
C SER D 188 1.01 -9.00 5.21
N ASP D 189 0.53 -8.03 4.43
CA ASP D 189 -0.65 -8.28 3.60
C ASP D 189 -0.39 -9.38 2.58
N GLU D 190 0.84 -9.44 2.06
CA GLU D 190 1.20 -10.50 1.11
C GLU D 190 1.42 -11.82 1.84
N GLN D 191 2.05 -11.79 3.02
CA GLN D 191 2.21 -13.01 3.81
C GLN D 191 0.86 -13.59 4.22
N ARG D 192 -0.10 -12.74 4.57
CA ARG D 192 -1.42 -13.24 4.92
C ARG D 192 -2.07 -13.94 3.73
N LEU D 193 -1.88 -13.38 2.52
CA LEU D 193 -2.42 -13.98 1.30
C LEU D 193 -1.85 -15.37 1.07
N LEU D 194 -0.53 -15.51 1.14
CA LEU D 194 0.09 -16.82 0.97
C LEU D 194 -0.39 -17.79 2.04
N ALA D 195 -0.57 -17.29 3.26
CA ALA D 195 -1.06 -18.15 4.34
C ALA D 195 -2.50 -18.59 4.09
N GLU D 196 -3.35 -17.66 3.68
CA GLU D 196 -4.74 -18.00 3.38
C GLU D 196 -4.83 -18.95 2.19
N VAL D 197 -3.93 -18.80 1.22
CA VAL D 197 -3.88 -19.72 0.09
C VAL D 197 -3.51 -21.13 0.56
N LEU D 198 -2.44 -21.24 1.35
CA LEU D 198 -1.99 -22.54 1.81
C LEU D 198 -3.00 -23.20 2.74
N LEU D 199 -3.71 -22.40 3.54
CA LEU D 199 -4.74 -22.97 4.41
C LEU D 199 -5.87 -23.59 3.58
N GLN D 200 -6.28 -22.92 2.50
CA GLN D 200 -7.30 -23.50 1.63
C GLN D 200 -6.78 -24.72 0.91
N LEU D 201 -5.53 -24.67 0.45
CA LEU D 201 -4.92 -25.81 -0.24
C LEU D 201 -4.83 -27.01 0.69
N LEU D 202 -4.36 -26.79 1.91
CA LEU D 202 -4.24 -27.86 2.89
C LEU D 202 -5.61 -28.41 3.28
N GLU D 203 -6.61 -27.52 3.44
CA GLU D 203 -7.92 -27.92 3.94
C GLU D 203 -8.65 -28.89 3.03
N ALA D 204 -8.32 -28.94 1.74
CA ALA D 204 -9.05 -29.80 0.81
C ALA D 204 -8.18 -30.63 -0.13
N ALA D 205 -6.87 -30.39 -0.16
CA ALA D 205 -5.96 -31.18 -0.98
C ALA D 205 -4.95 -31.96 -0.15
N GLY D 206 -5.34 -32.31 1.07
CA GLY D 206 -4.52 -33.14 1.94
C GLY D 206 -5.22 -34.45 2.25
N THR E 2 9.62 32.88 44.28
CA THR E 2 10.27 34.04 44.89
C THR E 2 10.68 35.06 43.83
N THR E 3 11.39 34.58 42.82
CA THR E 3 11.86 35.35 41.68
C THR E 3 10.72 35.55 40.68
N PRO E 4 10.64 36.71 40.03
CA PRO E 4 9.54 36.98 39.10
C PRO E 4 9.30 35.86 38.08
N VAL E 5 10.35 35.28 37.50
CA VAL E 5 10.14 34.17 36.58
C VAL E 5 9.53 32.98 37.31
N LEU E 6 10.06 32.65 38.49
CA LEU E 6 9.55 31.52 39.24
C LEU E 6 8.12 31.75 39.71
N GLU E 7 7.81 32.98 40.12
CA GLU E 7 6.46 33.28 40.59
C GLU E 7 5.45 33.17 39.46
N LEU E 8 5.80 33.63 38.25
CA LEU E 8 4.89 33.48 37.12
C LEU E 8 4.59 32.01 36.84
N LEU E 9 5.62 31.16 36.81
CA LEU E 9 5.41 29.74 36.54
C LEU E 9 4.51 29.09 37.59
N GLU E 10 4.67 29.47 38.85
CA GLU E 10 3.80 28.93 39.90
C GLU E 10 2.36 29.35 39.70
N GLN E 11 2.13 30.55 39.14
CA GLN E 11 0.77 30.97 38.83
C GLN E 11 0.18 30.27 37.61
N ILE E 12 1.02 29.63 36.79
CA ILE E 12 0.48 28.92 35.62
C ILE E 12 -0.11 27.58 36.05
N GLN E 13 0.64 26.81 36.84
CA GLN E 13 0.12 25.54 37.33
C GLN E 13 -1.03 25.75 38.32
N GLN E 14 -0.92 26.77 39.17
CA GLN E 14 -1.93 27.06 40.18
C GLN E 14 -2.96 28.09 39.74
N GLY E 15 -3.23 28.20 38.45
CA GLY E 15 -4.21 29.12 37.94
C GLY E 15 -5.19 28.40 37.02
N SER E 16 -6.11 29.19 36.46
CA SER E 16 -7.09 28.72 35.50
C SER E 16 -6.49 28.63 34.12
N GLU E 17 -7.31 28.17 33.19
CA GLU E 17 -6.88 28.03 31.82
C GLU E 17 -6.71 29.40 31.16
N GLU E 18 -7.46 30.42 31.59
CA GLU E 18 -7.36 31.74 30.95
C GLU E 18 -6.07 32.48 31.30
N GLN E 19 -5.60 32.41 32.54
CA GLN E 19 -4.30 33.03 32.85
C GLN E 19 -3.18 32.39 32.05
N GLN E 20 -3.34 31.12 31.69
CA GLN E 20 -2.29 30.42 30.99
C GLN E 20 -2.07 30.94 29.58
N LYS E 21 -3.12 31.43 28.88
CA LYS E 21 -2.92 31.83 27.48
C LYS E 21 -1.94 32.99 27.32
N GLU E 22 -2.07 34.05 28.12
CA GLU E 22 -1.16 35.18 28.00
C GLU E 22 0.10 35.03 28.84
N ALA E 23 0.31 33.86 29.45
CA ALA E 23 1.46 33.69 30.34
C ALA E 23 2.74 33.72 29.53
N LEU E 24 2.73 33.15 28.32
CA LEU E 24 3.88 33.23 27.44
C LEU E 24 4.23 34.67 27.11
N ALA E 25 3.22 35.52 26.88
CA ALA E 25 3.48 36.92 26.57
C ALA E 25 4.15 37.64 27.74
N ARG E 26 3.61 37.48 28.95
CA ARG E 26 4.23 38.12 30.11
C ARG E 26 5.64 37.58 30.35
N LEU E 27 5.82 36.27 30.18
CA LEU E 27 7.14 35.67 30.37
C LEU E 27 8.13 36.19 29.33
N GLN E 28 7.67 36.40 28.09
CA GLN E 28 8.55 36.95 27.07
C GLN E 28 9.03 38.36 27.44
N GLU E 29 8.13 39.21 27.96
CA GLU E 29 8.58 40.54 28.35
C GLU E 29 9.41 40.49 29.62
N LEU E 30 9.18 39.49 30.47
CA LEU E 30 9.96 39.40 31.69
C LEU E 30 11.39 38.97 31.37
N LEU E 31 11.55 38.00 30.47
CA LEU E 31 12.88 37.60 30.03
C LEU E 31 13.55 38.70 29.22
N GLU E 32 12.78 39.34 28.33
CA GLU E 32 13.34 40.42 27.53
C GLU E 32 13.86 41.56 28.41
N ALA E 33 13.25 41.76 29.58
CA ALA E 33 13.70 42.78 30.50
C ALA E 33 14.90 42.36 31.35
N GLY E 34 15.47 41.19 31.08
CA GLY E 34 16.65 40.76 31.80
C GLY E 34 16.41 39.94 33.04
N ALA E 35 15.33 39.17 33.09
CA ALA E 35 15.06 38.33 34.25
C ALA E 35 15.92 37.08 34.20
N ASP E 36 16.45 36.70 35.35
CA ASP E 36 17.34 35.55 35.42
C ASP E 36 16.56 34.26 35.22
N PRO E 37 16.82 33.51 34.15
CA PRO E 37 16.13 32.22 33.95
C PRO E 37 16.73 31.04 34.69
N ASN E 38 17.68 31.26 35.60
CA ASN E 38 18.31 30.16 36.31
C ASN E 38 18.22 30.26 37.83
N MET E 39 17.76 31.38 38.38
CA MET E 39 17.68 31.52 39.84
C MET E 39 16.70 30.50 40.42
N ALA E 40 17.23 29.59 41.23
CA ALA E 40 16.43 28.57 41.89
C ALA E 40 15.86 29.10 43.21
N ASN E 41 14.85 28.39 43.72
CA ASN E 41 14.21 28.77 44.97
C ASN E 41 14.90 28.08 46.13
N SER E 42 14.26 28.08 47.30
CA SER E 42 14.88 27.52 48.51
C SER E 42 15.20 26.05 48.34
N GLU E 43 14.38 25.30 47.61
CA GLU E 43 14.56 23.87 47.42
C GLU E 43 15.41 23.53 46.20
N GLY E 44 15.98 24.54 45.54
CA GLY E 44 16.84 24.30 44.40
C GLY E 44 16.15 24.10 43.08
N THR E 45 14.86 24.39 43.00
CA THR E 45 14.11 24.21 41.75
C THR E 45 14.35 25.39 40.82
N THR E 46 14.95 25.12 39.67
CA THR E 46 15.17 26.15 38.66
C THR E 46 13.90 26.35 37.84
N PRO E 47 13.79 27.48 37.12
CA PRO E 47 12.61 27.66 36.26
C PRO E 47 12.40 26.53 35.27
N VAL E 48 13.47 25.95 34.72
CA VAL E 48 13.31 24.81 33.82
C VAL E 48 12.76 23.60 34.57
N LEU E 49 13.32 23.32 35.74
CA LEU E 49 12.88 22.15 36.49
C LEU E 49 11.43 22.30 36.96
N LEU E 50 11.04 23.52 37.35
CA LEU E 50 9.65 23.75 37.70
C LEU E 50 8.75 23.59 36.48
N LEU E 51 9.23 24.03 35.32
CA LEU E 51 8.44 23.89 34.10
C LEU E 51 8.20 22.42 33.78
N LEU E 52 9.23 21.58 33.92
CA LEU E 52 9.07 20.14 33.75
C LEU E 52 8.15 19.55 34.82
N GLU E 53 8.20 20.09 36.03
CA GLU E 53 7.26 19.67 37.06
C GLU E 53 5.84 19.99 36.66
N ILE E 54 5.65 21.12 35.98
CA ILE E 54 4.32 21.48 35.48
C ILE E 54 3.88 20.52 34.38
N ILE E 55 4.79 20.16 33.48
CA ILE E 55 4.47 19.18 32.44
C ILE E 55 4.08 17.85 33.06
N GLN E 56 4.81 17.45 34.10
CA GLN E 56 4.57 16.15 34.71
C GLN E 56 3.21 16.07 35.37
N GLN E 57 2.78 17.14 36.04
CA GLN E 57 1.55 17.11 36.81
C GLN E 57 0.43 17.97 36.24
N GLY E 58 0.64 18.62 35.09
CA GLY E 58 -0.33 19.56 34.57
C GLY E 58 -1.26 18.93 33.54
N SER E 59 -2.33 19.68 33.25
CA SER E 59 -3.28 19.25 32.25
C SER E 59 -2.66 19.31 30.86
N GLU E 60 -3.37 18.76 29.88
CA GLU E 60 -2.87 18.80 28.50
C GLU E 60 -2.67 20.24 28.02
N GLU E 61 -3.52 21.17 28.46
CA GLU E 61 -3.34 22.58 28.10
C GLU E 61 -2.05 23.13 28.69
N GLN E 62 -1.82 22.91 29.98
CA GLN E 62 -0.58 23.37 30.61
C GLN E 62 0.65 22.73 29.99
N GLN E 63 0.51 21.51 29.46
CA GLN E 63 1.65 20.79 28.91
C GLN E 63 2.18 21.46 27.65
N LYS E 64 1.31 21.62 26.63
CA LYS E 64 1.76 22.21 25.37
C LYS E 64 2.18 23.66 25.57
N LEU E 65 1.65 24.35 26.58
CA LEU E 65 2.11 25.69 26.90
C LEU E 65 3.55 25.67 27.39
N ALA E 66 3.91 24.67 28.19
CA ALA E 66 5.24 24.64 28.78
C ALA E 66 6.33 24.35 27.75
N LEU E 67 5.98 23.75 26.61
CA LEU E 67 6.96 23.61 25.53
C LEU E 67 7.40 24.97 25.00
N ALA E 68 6.45 25.90 24.84
CA ALA E 68 6.81 27.24 24.42
C ALA E 68 7.57 27.96 25.51
N LEU E 69 7.18 27.77 26.77
CA LEU E 69 7.87 28.42 27.87
C LEU E 69 9.29 27.92 28.00
N LEU E 70 9.54 26.66 27.65
CA LEU E 70 10.91 26.14 27.72
C LEU E 70 11.79 26.75 26.65
N GLN E 71 11.29 26.87 25.42
CA GLN E 71 12.05 27.53 24.36
C GLN E 71 12.38 28.96 24.75
N GLU E 72 11.44 29.65 25.40
CA GLU E 72 11.67 31.02 25.84
C GLU E 72 12.77 31.06 26.91
N LEU E 73 12.70 30.16 27.89
CA LEU E 73 13.72 30.13 28.94
C LEU E 73 15.09 29.77 28.37
N LEU E 74 15.12 28.81 27.46
CA LEU E 74 16.40 28.38 26.89
C LEU E 74 17.01 29.48 26.04
N GLU E 75 16.19 30.20 25.27
CA GLU E 75 16.71 31.31 24.48
C GLU E 75 17.24 32.41 25.39
N ALA E 76 16.58 32.65 26.53
CA ALA E 76 17.03 33.64 27.49
C ALA E 76 18.32 33.24 28.19
N GLY E 77 18.80 32.02 27.97
CA GLY E 77 20.02 31.55 28.56
C GLY E 77 19.87 30.64 29.75
N ALA E 78 18.81 29.85 29.82
CA ALA E 78 18.65 28.90 30.90
C ALA E 78 19.60 27.73 30.70
N ASP E 79 20.24 27.30 31.78
CA ASP E 79 21.20 26.19 31.73
C ASP E 79 20.48 24.86 31.57
N PRO E 80 20.63 24.15 30.45
CA PRO E 80 19.95 22.86 30.31
C PRO E 80 20.57 21.75 31.14
N ASN E 81 21.64 22.03 31.89
CA ASN E 81 22.32 21.02 32.70
C ASN E 81 22.19 21.27 34.20
N MET E 82 21.45 22.30 34.61
CA MET E 82 21.33 22.62 36.03
C MET E 82 20.35 21.66 36.67
N ALA E 83 20.86 20.81 37.56
CA ALA E 83 20.08 19.80 38.25
C ALA E 83 19.52 20.33 39.58
N ASN E 84 18.56 19.59 40.12
CA ASN E 84 17.99 19.92 41.42
C ASN E 84 18.99 19.57 42.52
N SER E 85 18.56 19.77 43.77
CA SER E 85 19.43 19.46 44.90
C SER E 85 19.81 17.99 44.93
N GLU E 86 18.90 17.11 44.52
CA GLU E 86 19.18 15.67 44.49
C GLU E 86 20.13 15.28 43.36
N GLY E 87 20.34 16.14 42.38
CA GLY E 87 21.21 15.81 41.26
C GLY E 87 20.53 15.28 40.02
N THR E 88 19.23 15.50 39.86
CA THR E 88 18.52 15.02 38.69
C THR E 88 18.52 16.13 37.65
N THR E 89 19.11 15.84 36.49
CA THR E 89 19.21 16.82 35.42
C THR E 89 17.90 16.92 34.65
N PRO E 90 17.66 18.04 33.97
CA PRO E 90 16.42 18.18 33.18
C PRO E 90 16.17 17.06 32.17
N VAL E 91 17.21 16.57 31.48
CA VAL E 91 17.00 15.49 30.54
C VAL E 91 16.60 14.21 31.28
N LEU E 92 17.23 13.94 32.42
CA LEU E 92 16.89 12.75 33.19
C LEU E 92 15.51 12.88 33.81
N LEU E 93 15.12 14.09 34.20
CA LEU E 93 13.76 14.29 34.69
C LEU E 93 12.74 14.12 33.57
N LEU E 94 13.07 14.57 32.36
CA LEU E 94 12.19 14.36 31.21
C LEU E 94 11.95 12.88 30.97
N LEU E 95 13.02 12.09 30.95
CA LEU E 95 12.87 10.66 30.68
C LEU E 95 12.07 9.97 31.77
N GLU E 96 12.21 10.41 33.02
CA GLU E 96 11.37 9.87 34.08
C GLU E 96 9.91 10.21 33.84
N ILE E 97 9.64 11.40 33.32
CA ILE E 97 8.27 11.77 32.96
C ILE E 97 7.77 10.87 31.83
N ILE E 98 8.61 10.65 30.82
CA ILE E 98 8.22 9.78 29.72
C ILE E 98 7.95 8.37 30.24
N GLN E 99 8.83 7.88 31.12
CA GLN E 99 8.74 6.52 31.62
C GLN E 99 7.41 6.25 32.32
N GLN E 100 6.84 7.27 32.97
CA GLN E 100 5.62 7.12 33.74
C GLN E 100 4.45 7.95 33.21
N GLY E 101 4.62 8.60 32.05
CA GLY E 101 3.65 9.54 31.57
C GLY E 101 2.65 8.95 30.57
N SER E 102 1.63 9.76 30.29
CA SER E 102 0.60 9.43 29.33
C SER E 102 1.16 9.51 27.91
N GLU E 103 0.36 9.05 26.95
CA GLU E 103 0.79 9.14 25.55
C GLU E 103 0.91 10.58 25.10
N GLU E 104 0.04 11.47 25.59
CA GLU E 104 0.15 12.88 25.25
C GLU E 104 1.44 13.49 25.82
N GLN E 105 1.77 13.18 27.08
CA GLN E 105 3.02 13.65 27.65
C GLN E 105 4.22 13.07 26.92
N GLN E 106 4.11 11.84 26.42
CA GLN E 106 5.23 11.20 25.74
C GLN E 106 5.64 11.97 24.48
N LYS E 107 4.68 12.29 23.62
CA LYS E 107 5.03 13.02 22.41
C LYS E 107 5.58 14.40 22.73
N LEU E 108 5.06 15.05 23.77
CA LEU E 108 5.52 16.38 24.11
C LEU E 108 6.98 16.36 24.54
N ALA E 109 7.33 15.47 25.47
CA ALA E 109 8.68 15.41 26.00
C ALA E 109 9.72 15.05 24.94
N ALA E 110 9.32 14.39 23.86
CA ALA E 110 10.26 14.12 22.78
C ALA E 110 10.76 15.42 22.15
N ALA E 111 9.87 16.41 21.99
CA ALA E 111 10.30 17.71 21.48
C ALA E 111 11.09 18.47 22.53
N LEU E 112 10.73 18.32 23.82
CA LEU E 112 11.45 19.00 24.89
C LEU E 112 12.89 18.51 24.99
N LEU E 113 13.12 17.23 24.72
CA LEU E 113 14.48 16.70 24.74
C LEU E 113 15.33 17.29 23.62
N LYS E 114 14.74 17.42 22.42
CA LYS E 114 15.48 18.02 21.31
C LYS E 114 15.85 19.47 21.63
N GLU E 115 14.93 20.21 22.24
CA GLU E 115 15.21 21.58 22.64
C GLU E 115 16.34 21.65 23.67
N LEU E 116 16.32 20.75 24.67
CA LEU E 116 17.37 20.74 25.67
C LEU E 116 18.70 20.34 25.08
N LEU E 117 18.70 19.32 24.20
CA LEU E 117 19.95 18.89 23.58
C LEU E 117 20.52 20.00 22.70
N ASP E 118 19.65 20.69 21.94
CA ASP E 118 20.12 21.82 21.13
C ASP E 118 20.63 22.95 22.00
N ALA E 119 19.99 23.19 23.15
CA ALA E 119 20.48 24.22 24.05
C ALA E 119 21.86 23.88 24.59
N GLY E 120 22.24 22.61 24.55
CA GLY E 120 23.57 22.19 24.97
C GLY E 120 23.56 21.25 26.15
N ALA E 121 22.50 20.49 26.31
CA ALA E 121 22.43 19.54 27.41
C ALA E 121 23.40 18.39 27.16
N ASP E 122 24.07 17.94 28.22
CA ASP E 122 25.04 16.86 28.11
C ASP E 122 24.33 15.52 27.99
N PRO E 123 24.44 14.83 26.84
CA PRO E 123 23.70 13.56 26.68
C PRO E 123 24.27 12.42 27.51
N ASN E 124 25.43 12.61 28.15
CA ASN E 124 26.06 11.55 28.93
C ASN E 124 26.06 11.85 30.43
N MET E 125 25.45 12.95 30.86
CA MET E 125 25.41 13.28 32.28
C MET E 125 24.46 12.33 32.99
N ALA E 126 24.97 11.60 33.97
CA ALA E 126 24.24 10.58 34.70
C ALA E 126 23.69 11.12 36.02
N ASN E 127 22.82 10.33 36.64
CA ASN E 127 22.26 10.70 37.92
C ASN E 127 23.19 10.21 39.03
N SER E 128 22.72 10.25 40.28
CA SER E 128 23.57 9.85 41.40
C SER E 128 24.00 8.40 41.30
N GLU E 129 23.16 7.54 40.71
CA GLU E 129 23.52 6.13 40.61
C GLU E 129 24.30 5.80 39.34
N GLY E 130 24.65 6.80 38.53
CA GLY E 130 25.35 6.53 37.29
C GLY E 130 24.48 6.14 36.12
N THR E 131 23.16 6.18 36.27
CA THR E 131 22.26 5.88 35.15
C THR E 131 22.33 7.01 34.14
N THR E 132 22.76 6.68 32.93
CA THR E 132 22.87 7.63 31.83
C THR E 132 21.55 7.75 31.08
N PRO E 133 21.35 8.83 30.33
CA PRO E 133 20.12 8.94 29.52
C PRO E 133 19.90 7.78 28.57
N VAL E 134 20.98 7.22 27.99
CA VAL E 134 20.83 6.06 27.12
C VAL E 134 20.35 4.85 27.91
N LEU E 135 20.97 4.60 29.07
CA LEU E 135 20.59 3.45 29.88
C LEU E 135 19.16 3.56 30.39
N LEU E 136 18.70 4.77 30.70
CA LEU E 136 17.33 4.94 31.16
C LEU E 136 16.33 4.75 30.02
N LEU E 137 16.69 5.20 28.81
CA LEU E 137 15.82 4.93 27.67
C LEU E 137 15.73 3.44 27.38
N LEU E 138 16.81 2.69 27.63
CA LEU E 138 16.77 1.24 27.46
C LEU E 138 15.86 0.58 28.49
N GLU E 139 15.73 1.18 29.68
CA GLU E 139 14.73 0.70 30.62
C GLU E 139 13.33 0.95 30.09
N ILE E 140 13.11 2.11 29.47
CA ILE E 140 11.78 2.42 28.93
C ILE E 140 11.41 1.42 27.83
N ILE E 141 12.39 1.04 26.99
CA ILE E 141 12.10 0.04 25.99
C ILE E 141 11.82 -1.31 26.65
N GLN E 142 12.56 -1.59 27.73
CA GLN E 142 12.44 -2.91 28.34
C GLN E 142 11.10 -3.10 29.01
N GLN E 143 10.57 -2.06 29.67
CA GLN E 143 9.38 -2.23 30.48
C GLN E 143 8.25 -1.27 30.13
N GLY E 144 8.33 -0.57 29.00
CA GLY E 144 7.30 0.36 28.60
C GLY E 144 6.29 -0.25 27.64
N SER E 145 5.30 0.55 27.31
CA SER E 145 4.27 0.18 26.35
C SER E 145 4.85 0.10 24.94
N ARG E 146 4.02 -0.38 24.01
CA ARG E 146 4.46 -0.43 22.62
C ARG E 146 4.71 0.97 22.08
N GLU E 147 3.94 1.97 22.55
CA GLU E 147 4.19 3.35 22.15
C GLU E 147 5.48 3.87 22.76
N GLN E 148 5.72 3.57 24.04
CA GLN E 148 6.95 4.03 24.67
C GLN E 148 8.17 3.36 24.04
N GLN E 149 8.02 2.09 23.64
CA GLN E 149 9.10 1.40 22.94
C GLN E 149 9.52 2.17 21.69
N ALA E 150 8.55 2.52 20.84
CA ALA E 150 8.87 3.22 19.60
C ALA E 150 9.42 4.61 19.88
N LEU E 151 8.82 5.33 20.82
CA LEU E 151 9.28 6.69 21.10
C LEU E 151 10.69 6.69 21.68
N ALA E 152 10.93 5.88 22.71
CA ALA E 152 12.26 5.80 23.29
C ALA E 152 13.29 5.44 22.25
N MET E 153 12.87 4.72 21.21
CA MET E 153 13.77 4.35 20.13
C MET E 153 14.28 5.60 19.40
N SER E 154 13.37 6.50 19.03
CA SER E 154 13.78 7.73 18.36
C SER E 154 14.53 8.67 19.30
N LEU E 155 14.15 8.71 20.58
CA LEU E 155 14.89 9.52 21.55
C LEU E 155 16.33 9.05 21.72
N LEU E 156 16.56 7.75 21.62
CA LEU E 156 17.92 7.23 21.73
C LEU E 156 18.78 7.69 20.55
N LEU E 157 18.22 7.64 19.33
CA LEU E 157 18.95 8.12 18.16
C LEU E 157 19.18 9.62 18.24
N LEU E 158 18.20 10.35 18.79
CA LEU E 158 18.37 11.78 19.01
C LEU E 158 19.50 12.04 20.01
N LEU E 159 19.68 11.15 21.00
CA LEU E 159 20.78 11.31 21.94
C LEU E 159 22.12 11.01 21.29
N LEU E 160 22.16 9.96 20.45
CA LEU E 160 23.39 9.64 19.74
C LEU E 160 23.82 10.77 18.83
N LEU E 161 22.86 11.40 18.14
CA LEU E 161 23.17 12.57 17.35
C LEU E 161 23.72 13.70 18.22
N ALA E 162 23.28 13.78 19.47
CA ALA E 162 23.75 14.79 20.41
C ALA E 162 25.12 14.48 20.99
N GLY E 163 25.64 13.27 20.80
CA GLY E 163 26.95 12.91 21.29
C GLY E 163 26.98 11.88 22.41
N ALA E 164 25.90 11.16 22.65
CA ALA E 164 25.89 10.17 23.71
C ALA E 164 26.86 9.04 23.41
N ASP E 165 27.58 8.59 24.43
CA ASP E 165 28.49 7.46 24.29
C ASP E 165 27.75 6.18 24.63
N PRO E 166 27.64 5.22 23.70
CA PRO E 166 26.80 4.04 23.96
C PRO E 166 27.55 2.94 24.69
N ASN E 167 28.67 3.26 25.32
CA ASN E 167 29.44 2.29 26.07
C ASN E 167 29.57 2.63 27.55
N MET E 168 29.07 3.78 28.00
CA MET E 168 29.13 4.12 29.41
C MET E 168 28.22 3.20 30.20
N ALA E 169 28.77 2.60 31.25
CA ALA E 169 28.02 1.77 32.17
C ALA E 169 27.58 2.60 33.37
N ASN E 170 26.66 2.04 34.16
CA ASN E 170 26.23 2.69 35.37
C ASN E 170 27.19 2.32 36.51
N SER E 171 26.82 2.65 37.75
CA SER E 171 27.71 2.33 38.87
C SER E 171 27.86 0.83 39.06
N GLU E 172 26.83 0.05 38.73
CA GLU E 172 26.90 -1.41 38.83
C GLU E 172 27.66 -2.03 37.66
N GLY E 173 28.24 -1.20 36.79
CA GLY E 173 28.97 -1.72 35.65
C GLY E 173 28.12 -2.27 34.54
N THR E 174 26.84 -1.89 34.48
CA THR E 174 25.94 -2.38 33.44
C THR E 174 26.00 -1.46 32.22
N THR E 175 26.53 -1.99 31.09
CA THR E 175 26.66 -1.23 29.86
C THR E 175 25.38 -1.27 29.03
N PRO E 176 25.19 -0.31 28.13
CA PRO E 176 24.00 -0.36 27.26
C PRO E 176 23.92 -1.63 26.43
N LYS E 177 25.06 -2.16 25.98
CA LYS E 177 25.03 -3.43 25.25
C LYS E 177 24.59 -4.58 26.15
N GLU E 178 25.01 -4.55 27.43
CA GLU E 178 24.60 -5.59 28.38
C GLU E 178 23.09 -5.56 28.60
N LEU E 179 22.48 -4.38 28.66
CA LEU E 179 21.05 -4.30 28.86
C LEU E 179 20.27 -4.69 27.60
N LEU E 180 20.79 -4.38 26.42
CA LEU E 180 20.09 -4.75 25.18
C LEU E 180 19.98 -6.25 25.02
N LYS E 181 21.01 -7.00 25.45
CA LYS E 181 20.93 -8.45 25.44
C LYS E 181 19.82 -8.94 26.35
N GLU E 182 19.60 -8.26 27.47
CA GLU E 182 18.54 -8.64 28.39
C GLU E 182 17.17 -8.42 27.77
N ILE E 183 17.00 -7.30 27.08
CA ILE E 183 15.74 -7.01 26.40
C ILE E 183 15.45 -8.05 25.33
N GLN E 184 16.51 -8.53 24.66
CA GLN E 184 16.32 -9.53 23.62
C GLN E 184 15.91 -10.88 24.19
N GLN E 185 16.41 -11.25 25.38
CA GLN E 185 16.14 -12.57 25.94
C GLN E 185 14.75 -12.68 26.55
N GLN E 186 14.22 -11.60 27.14
CA GLN E 186 12.92 -11.68 27.81
C GLN E 186 11.91 -10.71 27.24
N GLY E 187 12.16 -10.14 26.07
CA GLY E 187 11.23 -9.19 25.50
C GLY E 187 10.25 -9.81 24.53
N SER E 188 9.27 -9.00 24.11
CA SER E 188 8.30 -9.42 23.12
C SER E 188 8.98 -9.54 21.76
N ASP E 189 8.20 -9.97 20.76
CA ASP E 189 8.75 -10.06 19.41
C ASP E 189 9.18 -8.69 18.91
N GLU E 190 8.42 -7.64 19.26
CA GLU E 190 8.80 -6.29 18.84
C GLU E 190 9.96 -5.76 19.65
N GLN E 191 9.98 -6.04 20.96
CA GLN E 191 11.11 -5.62 21.77
C GLN E 191 12.41 -6.28 21.30
N ARG E 192 12.34 -7.56 20.90
CA ARG E 192 13.55 -8.22 20.43
C ARG E 192 14.06 -7.57 19.15
N LEU E 193 13.15 -7.16 18.26
CA LEU E 193 13.56 -6.50 17.03
C LEU E 193 14.25 -5.17 17.30
N LEU E 194 13.65 -4.34 18.16
CA LEU E 194 14.27 -3.06 18.52
C LEU E 194 15.64 -3.28 19.15
N ALA E 195 15.77 -4.32 19.99
CA ALA E 195 17.06 -4.62 20.59
C ALA E 195 18.07 -5.09 19.55
N GLU E 196 17.67 -5.96 18.64
CA GLU E 196 18.59 -6.41 17.59
C GLU E 196 19.04 -5.25 16.72
N VAL E 197 18.15 -4.29 16.47
CA VAL E 197 18.52 -3.10 15.72
C VAL E 197 19.57 -2.30 16.49
N LEU E 198 19.29 -2.01 17.76
CA LEU E 198 20.22 -1.22 18.55
C LEU E 198 21.53 -1.96 18.79
N LEU E 199 21.48 -3.28 18.93
CA LEU E 199 22.72 -4.04 19.07
C LEU E 199 23.58 -3.92 17.81
N GLN E 200 22.94 -3.97 16.64
CA GLN E 200 23.70 -3.81 15.40
C GLN E 200 24.21 -2.38 15.25
N LEU E 201 23.40 -1.39 15.62
CA LEU E 201 23.84 0.01 15.53
C LEU E 201 25.05 0.25 16.41
N LEU E 202 25.02 -0.26 17.65
CA LEU E 202 26.15 -0.12 18.55
C LEU E 202 27.37 -0.85 18.01
N GLU E 203 27.19 -2.06 17.47
CA GLU E 203 28.32 -2.83 16.97
C GLU E 203 29.00 -2.13 15.81
N ALA E 204 28.30 -1.21 15.14
CA ALA E 204 28.82 -0.48 13.99
C ALA E 204 29.13 0.97 14.34
N ALA E 205 29.55 1.21 15.58
CA ALA E 205 29.96 2.54 16.02
C ALA E 205 31.22 2.46 16.89
N GLY E 206 32.08 1.47 16.64
CA GLY E 206 33.29 1.30 17.40
C GLY E 206 33.10 0.73 18.79
N GLY E 207 31.95 0.13 19.09
CA GLY E 207 31.70 -0.41 20.41
C GLY E 207 32.33 -1.76 20.65
N SER E 208 31.67 -2.82 20.16
CA SER E 208 32.14 -4.20 20.31
C SER E 208 32.42 -4.58 21.75
N THR F 2 44.27 -0.94 -17.48
CA THR F 2 45.41 -1.82 -17.25
C THR F 2 46.20 -1.38 -16.02
N THR F 3 45.52 -0.70 -15.10
CA THR F 3 46.18 -0.25 -13.88
C THR F 3 46.54 -1.45 -13.02
N PRO F 4 47.73 -1.47 -12.40
CA PRO F 4 48.13 -2.62 -11.58
C PRO F 4 47.11 -3.03 -10.52
N VAL F 5 46.50 -2.06 -9.84
CA VAL F 5 45.48 -2.38 -8.84
C VAL F 5 44.28 -3.05 -9.49
N LEU F 6 43.83 -2.52 -10.63
CA LEU F 6 42.66 -3.09 -11.28
C LEU F 6 42.92 -4.52 -11.76
N GLU F 7 44.11 -4.78 -12.29
CA GLU F 7 44.45 -6.15 -12.68
C GLU F 7 44.53 -7.08 -11.48
N LEU F 8 45.13 -6.61 -10.39
CA LEU F 8 45.25 -7.44 -9.20
C LEU F 8 43.88 -7.86 -8.70
N LEU F 9 42.93 -6.92 -8.60
CA LEU F 9 41.59 -7.25 -8.13
C LEU F 9 40.92 -8.28 -9.04
N GLU F 10 41.12 -8.15 -10.36
CA GLU F 10 40.58 -9.14 -11.27
C GLU F 10 41.27 -10.48 -11.08
N GLN F 11 42.56 -10.48 -10.75
CA GLN F 11 43.28 -11.70 -10.38
C GLN F 11 42.91 -12.20 -8.99
N ILE F 12 42.27 -11.38 -8.13
CA ILE F 12 41.86 -11.90 -6.83
C ILE F 12 40.53 -12.64 -6.95
N GLN F 13 39.54 -12.03 -7.61
CA GLN F 13 38.27 -12.71 -7.83
C GLN F 13 38.44 -13.89 -8.79
N GLN F 14 39.21 -13.69 -9.86
CA GLN F 14 39.51 -14.72 -10.86
C GLN F 14 40.87 -15.38 -10.61
N GLY F 15 41.22 -15.54 -9.33
CA GLY F 15 42.47 -16.15 -8.93
C GLY F 15 42.30 -17.31 -7.96
N SER F 16 43.43 -17.84 -7.49
CA SER F 16 43.42 -18.95 -6.57
C SER F 16 43.16 -18.46 -5.15
N GLU F 17 42.97 -19.42 -4.23
CA GLU F 17 42.84 -19.07 -2.82
C GLU F 17 44.18 -18.72 -2.21
N GLU F 18 45.27 -19.30 -2.72
CA GLU F 18 46.58 -19.07 -2.13
C GLU F 18 47.05 -17.64 -2.36
N GLN F 19 46.80 -17.08 -3.55
CA GLN F 19 47.04 -15.65 -3.75
C GLN F 19 46.15 -14.80 -2.87
N GLN F 20 44.95 -15.29 -2.53
CA GLN F 20 44.07 -14.47 -1.71
C GLN F 20 44.66 -14.26 -0.32
N LYS F 21 45.42 -15.24 0.18
CA LYS F 21 46.11 -15.05 1.45
C LYS F 21 47.16 -13.95 1.34
N GLU F 22 47.91 -13.96 0.24
CA GLU F 22 48.96 -12.98 -0.04
C GLU F 22 48.44 -11.72 -0.73
N ALA F 23 47.12 -11.59 -0.89
CA ALA F 23 46.59 -10.45 -1.64
C ALA F 23 46.70 -9.16 -0.87
N LEU F 24 46.44 -9.19 0.44
CA LEU F 24 46.55 -7.97 1.23
C LEU F 24 47.97 -7.43 1.22
N ALA F 25 48.96 -8.31 1.35
CA ALA F 25 50.36 -7.86 1.34
C ALA F 25 50.73 -7.23 0.01
N ARG F 26 50.34 -7.85 -1.11
CA ARG F 26 50.63 -7.27 -2.42
C ARG F 26 50.03 -5.89 -2.58
N LEU F 27 48.78 -5.72 -2.15
CA LEU F 27 48.14 -4.42 -2.30
C LEU F 27 48.85 -3.37 -1.45
N GLN F 28 49.30 -3.77 -0.26
CA GLN F 28 50.05 -2.87 0.62
C GLN F 28 51.33 -2.38 -0.05
N GLU F 29 52.05 -3.28 -0.73
CA GLU F 29 53.28 -2.87 -1.41
C GLU F 29 52.99 -2.11 -2.70
N LEU F 30 51.85 -2.35 -3.34
CA LEU F 30 51.52 -1.64 -4.57
C LEU F 30 51.17 -0.18 -4.29
N LEU F 31 50.45 0.07 -3.19
CA LEU F 31 50.07 1.45 -2.87
C LEU F 31 51.30 2.30 -2.58
N GLU F 32 52.26 1.75 -1.83
CA GLU F 32 53.49 2.48 -1.54
C GLU F 32 54.30 2.77 -2.80
N ALA F 33 54.17 1.94 -3.83
CA ALA F 33 54.90 2.16 -5.08
C ALA F 33 54.27 3.26 -5.94
N GLY F 34 53.25 3.94 -5.43
CA GLY F 34 52.65 5.04 -6.17
C GLY F 34 51.48 4.67 -7.06
N ALA F 35 50.73 3.62 -6.71
CA ALA F 35 49.59 3.22 -7.52
C ALA F 35 48.37 4.09 -7.23
N ASP F 36 47.69 4.50 -8.30
CA ASP F 36 46.50 5.32 -8.17
C ASP F 36 45.32 4.47 -7.72
N PRO F 37 44.73 4.72 -6.55
CA PRO F 37 43.58 3.94 -6.11
C PRO F 37 42.25 4.39 -6.71
N ASN F 38 42.25 5.28 -7.70
CA ASN F 38 41.02 5.77 -8.29
C ASN F 38 40.91 5.54 -9.78
N MET F 39 41.95 5.04 -10.44
CA MET F 39 41.91 4.81 -11.88
C MET F 39 40.86 3.79 -12.28
N ALA F 40 39.84 4.23 -13.01
CA ALA F 40 38.80 3.38 -13.56
C ALA F 40 39.21 2.87 -14.94
N ASN F 41 38.53 1.81 -15.37
CA ASN F 41 38.76 1.22 -16.68
C ASN F 41 37.80 1.84 -17.70
N SER F 42 37.66 1.20 -18.86
CA SER F 42 36.81 1.74 -19.92
C SER F 42 35.36 1.88 -19.48
N GLU F 43 34.87 0.97 -18.65
CA GLU F 43 33.48 1.02 -18.23
C GLU F 43 33.28 1.89 -17.00
N GLY F 44 34.33 2.55 -16.52
CA GLY F 44 34.19 3.40 -15.36
C GLY F 44 34.27 2.69 -14.04
N THR F 45 34.67 1.42 -14.03
CA THR F 45 34.73 0.66 -12.79
C THR F 45 36.01 1.02 -12.03
N THR F 46 35.83 1.63 -10.86
CA THR F 46 36.94 1.99 -10.00
C THR F 46 37.37 0.79 -9.17
N PRO F 47 38.57 0.83 -8.58
CA PRO F 47 38.99 -0.27 -7.70
C PRO F 47 38.01 -0.57 -6.58
N VAL F 48 37.36 0.47 -6.03
CA VAL F 48 36.36 0.25 -4.98
C VAL F 48 35.14 -0.45 -5.57
N LEU F 49 34.66 0.00 -6.73
CA LEU F 49 33.47 -0.59 -7.31
C LEU F 49 33.71 -2.04 -7.74
N LEU F 50 34.90 -2.32 -8.27
CA LEU F 50 35.23 -3.71 -8.59
C LEU F 50 35.35 -4.54 -7.32
N LEU F 51 35.90 -3.96 -6.26
CA LEU F 51 36.03 -4.69 -5.01
C LEU F 51 34.65 -5.04 -4.45
N LEU F 52 33.70 -4.10 -4.51
CA LEU F 52 32.33 -4.41 -4.10
C LEU F 52 31.72 -5.46 -5.02
N GLU F 53 32.05 -5.39 -6.31
CA GLU F 53 31.59 -6.42 -7.24
C GLU F 53 32.14 -7.78 -6.85
N ILE F 54 33.37 -7.82 -6.35
CA ILE F 54 33.95 -9.08 -5.89
C ILE F 54 33.20 -9.59 -4.66
N ILE F 55 32.85 -8.69 -3.75
CA ILE F 55 32.07 -9.06 -2.57
C ILE F 55 30.72 -9.62 -2.99
N GLN F 56 30.09 -9.00 -3.98
CA GLN F 56 28.75 -9.39 -4.42
C GLN F 56 28.74 -10.79 -5.01
N GLN F 57 29.78 -11.16 -5.77
CA GLN F 57 29.82 -12.43 -6.48
C GLN F 57 30.86 -13.41 -5.95
N GLY F 58 31.56 -13.09 -4.87
CA GLY F 58 32.65 -13.92 -4.39
C GLY F 58 32.22 -14.87 -3.28
N SER F 59 33.11 -15.82 -3.00
CA SER F 59 32.90 -16.76 -1.90
C SER F 59 33.04 -16.03 -0.57
N GLU F 60 32.69 -16.74 0.52
CA GLU F 60 32.84 -16.17 1.86
C GLU F 60 34.29 -15.83 2.16
N GLU F 61 35.24 -16.60 1.61
CA GLU F 61 36.65 -16.27 1.79
C GLU F 61 36.98 -14.95 1.11
N GLN F 62 36.58 -14.80 -0.16
CA GLN F 62 36.83 -13.57 -0.88
C GLN F 62 36.17 -12.37 -0.21
N GLN F 63 35.05 -12.61 0.48
CA GLN F 63 34.31 -11.52 1.10
C GLN F 63 35.10 -10.88 2.23
N LYS F 64 35.48 -11.70 3.22
CA LYS F 64 36.20 -11.17 4.38
C LYS F 64 37.57 -10.64 3.99
N LEU F 65 38.15 -11.16 2.91
CA LEU F 65 39.41 -10.61 2.41
C LEU F 65 39.22 -9.20 1.88
N ALA F 66 38.13 -8.95 1.16
CA ALA F 66 37.90 -7.67 0.51
C ALA F 66 37.57 -6.55 1.49
N LEU F 67 37.06 -6.87 2.68
CA LEU F 67 36.79 -5.82 3.66
C LEU F 67 38.10 -5.16 4.10
N ALA F 68 39.15 -5.96 4.31
CA ALA F 68 40.45 -5.39 4.63
C ALA F 68 41.04 -4.68 3.41
N LEU F 69 40.83 -5.24 2.21
CA LEU F 69 41.33 -4.62 0.99
C LEU F 69 40.69 -3.27 0.74
N LEU F 70 39.43 -3.10 1.15
CA LEU F 70 38.77 -1.81 0.99
C LEU F 70 39.37 -0.76 1.91
N GLN F 71 39.66 -1.14 3.15
CA GLN F 71 40.32 -0.22 4.08
C GLN F 71 41.66 0.23 3.52
N GLU F 72 42.39 -0.68 2.88
CA GLU F 72 43.67 -0.31 2.28
C GLU F 72 43.48 0.70 1.15
N LEU F 73 42.48 0.46 0.29
CA LEU F 73 42.22 1.40 -0.80
C LEU F 73 41.75 2.75 -0.29
N LEU F 74 40.88 2.75 0.72
CA LEU F 74 40.37 4.01 1.26
C LEU F 74 41.47 4.78 1.97
N GLU F 75 42.35 4.09 2.70
CA GLU F 75 43.49 4.76 3.33
C GLU F 75 44.41 5.37 2.28
N ALA F 76 44.56 4.70 1.15
CA ALA F 76 45.37 5.23 0.05
C ALA F 76 44.75 6.44 -0.61
N GLY F 77 43.52 6.79 -0.25
CA GLY F 77 42.85 7.94 -0.81
C GLY F 77 41.84 7.64 -1.89
N ALA F 78 41.18 6.48 -1.83
CA ALA F 78 40.17 6.17 -2.82
C ALA F 78 38.91 7.00 -2.54
N ASP F 79 38.33 7.53 -3.60
CA ASP F 79 37.15 8.37 -3.47
C ASP F 79 35.93 7.49 -3.18
N PRO F 80 35.32 7.59 -1.99
CA PRO F 80 34.15 6.77 -1.70
C PRO F 80 32.87 7.23 -2.38
N ASN F 81 32.92 8.30 -3.17
CA ASN F 81 31.76 8.82 -3.88
C ASN F 81 31.84 8.65 -5.39
N MET F 82 32.90 8.03 -5.89
CA MET F 82 33.08 7.87 -7.33
C MET F 82 32.15 6.77 -7.83
N ALA F 83 31.16 7.15 -8.62
CA ALA F 83 30.17 6.22 -9.15
C ALA F 83 30.61 5.66 -10.51
N ASN F 84 29.98 4.57 -10.91
CA ASN F 84 30.24 3.97 -12.21
C ASN F 84 29.56 4.77 -13.31
N SER F 85 29.66 4.27 -14.54
CA SER F 85 29.06 4.95 -15.68
C SER F 85 27.54 5.05 -15.55
N GLU F 86 26.90 4.06 -14.94
CA GLU F 86 25.46 4.11 -14.79
C GLU F 86 25.02 5.14 -13.75
N GLY F 87 25.93 5.57 -12.88
CA GLY F 87 25.59 6.48 -11.80
C GLY F 87 25.36 5.83 -10.46
N THR F 88 25.87 4.60 -10.26
CA THR F 88 25.71 3.89 -9.00
C THR F 88 26.91 4.15 -8.10
N THR F 89 26.66 4.78 -6.95
CA THR F 89 27.72 5.10 -6.01
C THR F 89 28.10 3.87 -5.19
N PRO F 90 29.30 3.85 -4.61
CA PRO F 90 29.69 2.70 -3.78
C PRO F 90 28.72 2.37 -2.65
N VAL F 91 28.16 3.39 -2.00
CA VAL F 91 27.17 3.11 -0.95
C VAL F 91 25.91 2.53 -1.57
N LEU F 92 25.49 3.06 -2.72
CA LEU F 92 24.29 2.55 -3.36
C LEU F 92 24.49 1.14 -3.88
N LEU F 93 25.71 0.81 -4.30
CA LEU F 93 26.01 -0.57 -4.68
C LEU F 93 26.05 -1.48 -3.45
N LEU F 94 26.59 -0.99 -2.33
CA LEU F 94 26.59 -1.78 -1.10
C LEU F 94 25.19 -2.15 -0.67
N LEU F 95 24.27 -1.20 -0.71
CA LEU F 95 22.89 -1.46 -0.30
C LEU F 95 22.22 -2.45 -1.25
N GLU F 96 22.56 -2.40 -2.54
CA GLU F 96 22.03 -3.38 -3.49
C GLU F 96 22.56 -4.79 -3.21
N ILE F 97 23.80 -4.89 -2.77
CA ILE F 97 24.33 -6.20 -2.37
C ILE F 97 23.54 -6.75 -1.19
N ILE F 98 23.24 -5.90 -0.21
CA ILE F 98 22.44 -6.31 0.94
C ILE F 98 21.04 -6.73 0.51
N GLN F 99 20.42 -5.94 -0.37
CA GLN F 99 19.05 -6.20 -0.77
C GLN F 99 18.91 -7.59 -1.39
N GLN F 100 19.94 -8.06 -2.09
CA GLN F 100 19.89 -9.33 -2.81
C GLN F 100 20.89 -10.35 -2.30
N GLY F 101 21.60 -10.05 -1.20
CA GLY F 101 22.69 -10.88 -0.74
C GLY F 101 22.31 -11.85 0.36
N SER F 102 23.27 -12.72 0.67
CA SER F 102 23.12 -13.68 1.76
C SER F 102 23.23 -12.97 3.11
N GLU F 103 22.92 -13.71 4.18
CA GLU F 103 23.08 -13.16 5.52
C GLU F 103 24.55 -12.88 5.82
N GLU F 104 25.46 -13.68 5.28
CA GLU F 104 26.88 -13.41 5.47
C GLU F 104 27.30 -12.12 4.76
N GLN F 105 26.82 -11.92 3.52
CA GLN F 105 27.11 -10.68 2.81
C GLN F 105 26.50 -9.47 3.53
N GLN F 106 25.33 -9.66 4.14
CA GLN F 106 24.68 -8.57 4.86
C GLN F 106 25.52 -8.12 6.04
N LYS F 107 26.02 -9.09 6.82
CA LYS F 107 26.82 -8.76 8.00
C LYS F 107 28.08 -8.02 7.58
N LEU F 108 28.67 -8.41 6.45
CA LEU F 108 29.90 -7.78 5.97
C LEU F 108 29.68 -6.34 5.57
N ALA F 109 28.65 -6.11 4.74
CA ALA F 109 28.40 -4.78 4.18
C ALA F 109 28.03 -3.76 5.25
N ALA F 110 27.52 -4.19 6.40
CA ALA F 110 27.25 -3.26 7.48
C ALA F 110 28.53 -2.58 7.95
N ALA F 111 29.63 -3.34 8.02
CA ALA F 111 30.92 -2.76 8.36
C ALA F 111 31.47 -1.93 7.20
N LEU F 112 31.22 -2.38 5.96
CA LEU F 112 31.73 -1.66 4.80
C LEU F 112 31.09 -0.27 4.67
N LEU F 113 29.82 -0.16 5.02
CA LEU F 113 29.17 1.15 4.99
C LEU F 113 29.80 2.09 6.01
N LYS F 114 30.12 1.58 7.19
CA LYS F 114 30.80 2.39 8.19
C LYS F 114 32.15 2.86 7.68
N GLU F 115 32.90 1.98 7.01
CA GLU F 115 34.18 2.37 6.42
C GLU F 115 34.01 3.42 5.33
N LEU F 116 33.02 3.23 4.45
CA LEU F 116 32.78 4.21 3.40
C LEU F 116 32.33 5.55 3.98
N LEU F 117 31.45 5.51 4.97
CA LEU F 117 31.02 6.75 5.61
C LEU F 117 32.20 7.42 6.32
N ASP F 118 33.06 6.62 6.97
CA ASP F 118 34.25 7.18 7.59
C ASP F 118 35.18 7.80 6.55
N ALA F 119 35.29 7.17 5.37
CA ALA F 119 36.11 7.74 4.31
C ALA F 119 35.56 9.07 3.83
N GLY F 120 34.26 9.33 4.04
CA GLY F 120 33.64 10.59 3.67
C GLY F 120 32.58 10.45 2.61
N ALA F 121 31.93 9.30 2.56
CA ALA F 121 30.89 9.07 1.56
C ALA F 121 29.65 9.91 1.87
N ASP F 122 29.04 10.42 0.81
CA ASP F 122 27.84 11.25 0.92
C ASP F 122 26.62 10.39 1.19
N PRO F 123 25.99 10.49 2.36
CA PRO F 123 24.81 9.68 2.66
C PRO F 123 23.57 10.11 1.88
N ASN F 124 23.65 11.21 1.14
CA ASN F 124 22.52 11.73 0.37
C ASN F 124 22.73 11.63 -1.13
N MET F 125 23.85 11.06 -1.58
CA MET F 125 24.13 10.97 -3.01
C MET F 125 23.21 9.95 -3.66
N ALA F 126 22.42 10.39 -4.63
CA ALA F 126 21.46 9.54 -5.31
C ALA F 126 22.03 9.01 -6.61
N ASN F 127 21.34 8.03 -7.18
CA ASN F 127 21.73 7.44 -8.45
C ASN F 127 21.07 8.19 -9.59
N SER F 128 21.14 7.63 -10.81
CA SER F 128 20.53 8.27 -11.97
C SER F 128 19.03 8.39 -11.82
N GLU F 129 18.41 7.47 -11.08
CA GLU F 129 16.96 7.48 -10.88
C GLU F 129 16.55 8.38 -9.72
N GLY F 130 17.49 9.05 -9.06
CA GLY F 130 17.14 9.86 -7.92
C GLY F 130 16.94 9.08 -6.63
N THR F 131 17.18 7.77 -6.65
CA THR F 131 17.04 6.94 -5.46
C THR F 131 18.18 7.24 -4.48
N THR F 132 17.83 7.68 -3.27
CA THR F 132 18.81 7.98 -2.24
C THR F 132 19.14 6.73 -1.44
N PRO F 133 20.28 6.72 -0.71
CA PRO F 133 20.55 5.56 0.16
C PRO F 133 19.47 5.29 1.19
N VAL F 134 18.85 6.34 1.75
CA VAL F 134 17.76 6.15 2.70
C VAL F 134 16.55 5.53 2.01
N LEU F 135 16.19 6.02 0.82
CA LEU F 135 15.03 5.47 0.13
C LEU F 135 15.24 4.00 -0.23
N LEU F 136 16.47 3.63 -0.58
CA LEU F 136 16.74 2.24 -0.91
C LEU F 136 16.70 1.37 0.35
N LEU F 137 17.17 1.90 1.48
CA LEU F 137 17.08 1.15 2.73
C LEU F 137 15.63 0.92 3.13
N LEU F 138 14.75 1.88 2.85
CA LEU F 138 13.35 1.68 3.17
C LEU F 138 12.71 0.61 2.28
N GLU F 139 13.19 0.47 1.04
CA GLU F 139 12.74 -0.64 0.21
C GLU F 139 13.18 -1.97 0.81
N ILE F 140 14.41 -2.01 1.33
CA ILE F 140 14.90 -3.24 1.96
C ILE F 140 14.05 -3.57 3.18
N ILE F 141 13.63 -2.56 3.92
CA ILE F 141 12.75 -2.80 5.06
C ILE F 141 11.38 -3.27 4.57
N GLN F 142 10.90 -2.71 3.46
CA GLN F 142 9.55 -3.00 3.00
C GLN F 142 9.43 -4.41 2.46
N GLN F 143 10.45 -4.89 1.74
CA GLN F 143 10.32 -6.17 1.04
C GLN F 143 11.45 -7.15 1.35
N GLY F 144 12.24 -6.90 2.39
CA GLY F 144 13.31 -7.79 2.77
C GLY F 144 12.90 -8.71 3.91
N SER F 145 13.82 -9.61 4.26
CA SER F 145 13.60 -10.55 5.36
C SER F 145 13.72 -9.83 6.71
N ARG F 146 13.41 -10.56 7.79
CA ARG F 146 13.53 -9.94 9.11
C ARG F 146 14.98 -9.61 9.42
N GLU F 147 15.92 -10.43 8.96
CA GLU F 147 17.33 -10.09 9.13
C GLU F 147 17.70 -8.86 8.33
N GLN F 148 17.18 -8.75 7.10
CA GLN F 148 17.42 -7.54 6.33
C GLN F 148 16.70 -6.35 6.94
N GLN F 149 15.48 -6.58 7.44
CA GLN F 149 14.73 -5.50 8.10
C GLN F 149 15.54 -4.89 9.24
N ALA F 150 16.03 -5.74 10.15
CA ALA F 150 16.76 -5.24 11.30
C ALA F 150 18.07 -4.58 10.86
N LEU F 151 18.78 -5.20 9.90
CA LEU F 151 20.03 -4.61 9.43
C LEU F 151 19.78 -3.30 8.72
N ALA F 152 18.87 -3.28 7.75
CA ALA F 152 18.58 -2.03 7.06
C ALA F 152 18.10 -0.95 8.03
N MET F 153 17.46 -1.37 9.12
CA MET F 153 17.03 -0.42 10.14
C MET F 153 18.23 0.24 10.81
N SER F 154 19.21 -0.56 11.25
CA SER F 154 20.39 0.02 11.89
C SER F 154 21.25 0.79 10.88
N LEU F 155 21.33 0.31 9.63
CA LEU F 155 22.07 1.07 8.63
C LEU F 155 21.41 2.40 8.31
N LEU F 156 20.08 2.46 8.40
CA LEU F 156 19.40 3.74 8.19
C LEU F 156 19.76 4.74 9.28
N LEU F 157 19.79 4.28 10.53
CA LEU F 157 20.20 5.16 11.63
C LEU F 157 21.66 5.54 11.49
N LEU F 158 22.50 4.61 11.01
CA LEU F 158 23.91 4.92 10.79
C LEU F 158 24.06 6.02 9.76
N LEU F 159 23.19 6.04 8.76
CA LEU F 159 23.26 7.10 7.76
C LEU F 159 22.77 8.43 8.34
N LEU F 160 21.71 8.38 9.16
CA LEU F 160 21.24 9.61 9.80
C LEU F 160 22.31 10.20 10.71
N LEU F 161 23.02 9.34 11.44
CA LEU F 161 24.14 9.79 12.24
C LEU F 161 25.23 10.41 11.35
N ALA F 162 25.39 9.92 10.13
CA ALA F 162 26.35 10.47 9.20
C ALA F 162 25.88 11.77 8.56
N GLY F 163 24.62 12.12 8.72
CA GLY F 163 24.08 13.35 8.20
C GLY F 163 23.05 13.22 7.09
N ALA F 164 22.49 12.02 6.89
CA ALA F 164 21.51 11.83 5.82
C ALA F 164 20.24 12.63 6.11
N ASP F 165 19.69 13.23 5.05
CA ASP F 165 18.44 13.97 5.16
C ASP F 165 17.27 13.04 4.88
N PRO F 166 16.37 12.84 5.83
CA PRO F 166 15.30 11.85 5.63
C PRO F 166 14.08 12.40 4.90
N ASN F 167 14.24 13.51 4.18
CA ASN F 167 13.13 14.11 3.44
C ASN F 167 13.38 14.20 1.94
N MET F 168 14.54 13.79 1.46
CA MET F 168 14.83 13.81 0.02
C MET F 168 13.95 12.81 -0.73
N ALA F 169 13.30 13.28 -1.79
CA ALA F 169 12.49 12.44 -2.65
C ALA F 169 13.30 11.97 -3.86
N ASN F 170 12.77 10.94 -4.54
CA ASN F 170 13.39 10.41 -5.76
C ASN F 170 12.87 11.17 -6.98
N SER F 171 13.14 10.63 -8.17
CA SER F 171 12.71 11.29 -9.41
C SER F 171 11.18 11.35 -9.51
N GLU F 172 10.49 10.33 -9.02
CA GLU F 172 9.03 10.35 -9.00
C GLU F 172 8.48 11.16 -7.82
N GLY F 173 9.33 11.86 -7.08
CA GLY F 173 8.83 12.64 -5.96
C GLY F 173 8.44 11.82 -4.76
N THR F 174 8.97 10.60 -4.64
CA THR F 174 8.63 9.73 -3.52
C THR F 174 9.59 10.01 -2.37
N THR F 175 9.05 10.57 -1.28
CA THR F 175 9.80 10.90 -0.07
C THR F 175 9.85 9.71 0.86
N PRO F 176 10.82 9.68 1.79
CA PRO F 176 10.87 8.58 2.76
C PRO F 176 9.61 8.45 3.60
N LYS F 177 9.01 9.58 4.01
CA LYS F 177 7.75 9.49 4.75
C LYS F 177 6.63 8.94 3.89
N GLU F 178 6.65 9.25 2.58
CA GLU F 178 5.64 8.70 1.67
C GLU F 178 5.75 7.18 1.60
N LEU F 179 6.98 6.66 1.59
CA LEU F 179 7.17 5.22 1.57
C LEU F 179 6.92 4.58 2.93
N LEU F 180 7.20 5.31 4.02
CA LEU F 180 7.00 4.76 5.35
C LEU F 180 5.54 4.51 5.65
N LYS F 181 4.65 5.37 5.16
CA LYS F 181 3.22 5.11 5.31
C LYS F 181 2.82 3.84 4.58
N GLU F 182 3.44 3.59 3.42
CA GLU F 182 3.13 2.38 2.67
C GLU F 182 3.54 1.14 3.45
N ILE F 183 4.71 1.19 4.10
CA ILE F 183 5.17 0.06 4.90
C ILE F 183 4.22 -0.21 6.06
N GLN F 184 3.71 0.85 6.68
CA GLN F 184 2.86 0.68 7.87
C GLN F 184 1.50 0.10 7.50
N GLN F 185 0.99 0.42 6.31
CA GLN F 185 -0.37 0.03 5.95
C GLN F 185 -0.45 -1.44 5.57
N GLN F 186 0.56 -1.98 4.88
CA GLN F 186 0.51 -3.34 4.38
C GLN F 186 1.69 -4.18 4.83
N GLY F 187 2.43 -3.73 5.86
CA GLY F 187 3.57 -4.48 6.33
C GLY F 187 3.20 -5.45 7.45
N SER F 188 4.18 -6.25 7.86
CA SER F 188 3.99 -7.18 8.97
C SER F 188 3.90 -6.41 10.29
N ASP F 189 3.63 -7.14 11.38
CA ASP F 189 3.58 -6.51 12.69
C ASP F 189 4.92 -5.90 13.06
N GLU F 190 6.01 -6.57 12.68
CA GLU F 190 7.33 -6.06 12.94
C GLU F 190 7.67 -4.93 11.98
N GLN F 191 7.24 -5.03 10.71
CA GLN F 191 7.45 -3.95 9.77
C GLN F 191 6.70 -2.69 10.20
N ARG F 192 5.46 -2.86 10.70
CA ARG F 192 4.67 -1.71 11.15
C ARG F 192 5.35 -1.00 12.31
N LEU F 193 5.97 -1.76 13.22
CA LEU F 193 6.66 -1.14 14.35
C LEU F 193 7.83 -0.30 13.87
N LEU F 194 8.70 -0.87 13.03
CA LEU F 194 9.86 -0.14 12.55
C LEU F 194 9.46 1.13 11.80
N ALA F 195 8.39 1.08 11.01
CA ALA F 195 7.96 2.27 10.29
C ALA F 195 7.52 3.35 11.26
N GLU F 196 6.74 2.98 12.29
CA GLU F 196 6.31 3.95 13.27
C GLU F 196 7.48 4.56 14.01
N VAL F 197 8.53 3.77 14.24
CA VAL F 197 9.74 4.32 14.84
C VAL F 197 10.35 5.38 13.92
N LEU F 198 10.52 5.03 12.65
CA LEU F 198 11.12 5.97 11.69
C LEU F 198 10.22 7.18 11.48
N LEU F 199 8.90 6.98 11.46
CA LEU F 199 7.99 8.10 11.34
C LEU F 199 8.08 9.02 12.55
N GLN F 200 8.20 8.43 13.75
CA GLN F 200 8.36 9.19 14.97
C GLN F 200 9.71 9.91 14.99
N LEU F 201 10.76 9.24 14.50
CA LEU F 201 12.08 9.85 14.41
C LEU F 201 12.10 11.02 13.44
N LEU F 202 11.49 10.87 12.26
CA LEU F 202 11.49 11.94 11.27
C LEU F 202 10.75 13.17 11.77
N GLU F 203 9.60 12.98 12.44
CA GLU F 203 8.79 14.10 12.87
C GLU F 203 9.50 14.99 13.90
N ALA F 204 10.53 14.47 14.57
CA ALA F 204 11.18 15.24 15.63
C ALA F 204 12.52 15.81 15.18
N ALA F 205 13.43 14.97 14.70
CA ALA F 205 14.66 15.47 14.10
C ALA F 205 15.10 14.55 12.98
N GLY F 206 15.72 15.13 11.95
CA GLY F 206 16.28 14.34 10.86
C GLY F 206 17.30 13.30 11.31
N THR G 3 27.28 33.24 -20.69
CA THR G 3 27.78 33.17 -22.06
C THR G 3 26.83 33.95 -22.99
N PRO G 4 27.41 34.73 -23.92
CA PRO G 4 26.59 35.61 -24.78
C PRO G 4 25.43 34.94 -25.52
N VAL G 5 25.65 33.77 -26.11
CA VAL G 5 24.54 33.10 -26.81
C VAL G 5 23.47 32.68 -25.81
N LEU G 6 23.89 32.09 -24.68
CA LEU G 6 22.92 31.62 -23.68
C LEU G 6 22.16 32.79 -23.06
N GLU G 7 22.84 33.92 -22.82
CA GLU G 7 22.16 35.07 -22.23
C GLU G 7 21.10 35.62 -23.17
N LEU G 8 21.38 35.65 -24.48
CA LEU G 8 20.39 36.10 -25.45
C LEU G 8 19.14 35.23 -25.39
N LEU G 9 19.32 33.90 -25.38
CA LEU G 9 18.17 33.00 -25.28
C LEU G 9 17.41 33.19 -23.98
N GLU G 10 18.13 33.50 -22.90
CA GLU G 10 17.45 33.75 -21.63
C GLU G 10 16.54 34.96 -21.72
N GLN G 11 16.92 35.97 -22.51
CA GLN G 11 16.04 37.13 -22.65
C GLN G 11 14.83 36.84 -23.54
N ILE G 12 14.87 35.76 -24.32
CA ILE G 12 13.71 35.39 -25.14
C ILE G 12 12.64 34.76 -24.28
N GLN G 13 13.03 33.80 -23.43
CA GLN G 13 12.07 33.19 -22.51
C GLN G 13 11.59 34.19 -21.48
N GLN G 14 12.50 35.03 -20.97
CA GLN G 14 12.17 36.02 -19.96
C GLN G 14 11.87 37.39 -20.53
N GLY G 15 11.39 37.45 -21.78
CA GLY G 15 11.11 38.72 -22.43
C GLY G 15 9.72 38.79 -23.04
N SER G 16 9.46 39.94 -23.65
CA SER G 16 8.20 40.25 -24.33
C SER G 16 8.19 39.70 -25.75
N GLU G 17 7.07 39.90 -26.44
CA GLU G 17 6.96 39.46 -27.83
C GLU G 17 7.74 40.35 -28.78
N GLU G 18 7.90 41.64 -28.46
CA GLU G 18 8.62 42.52 -29.38
C GLU G 18 10.10 42.18 -29.41
N GLN G 19 10.66 41.82 -28.26
CA GLN G 19 12.04 41.35 -28.20
C GLN G 19 12.25 40.08 -29.02
N GLN G 20 11.23 39.23 -29.09
CA GLN G 20 11.35 37.94 -29.78
C GLN G 20 11.37 38.08 -31.30
N LYS G 21 10.62 39.03 -31.87
CA LYS G 21 10.59 39.13 -33.33
C LYS G 21 11.96 39.51 -33.89
N GLU G 22 12.67 40.38 -33.19
CA GLU G 22 14.01 40.84 -33.57
C GLU G 22 15.11 39.90 -33.09
N ALA G 23 14.74 38.76 -32.48
CA ALA G 23 15.71 37.83 -31.94
C ALA G 23 16.36 36.96 -33.01
N LEU G 24 15.60 36.48 -34.00
CA LEU G 24 16.16 35.59 -35.02
C LEU G 24 17.30 36.26 -35.77
N ALA G 25 17.12 37.52 -36.18
CA ALA G 25 18.19 38.25 -36.84
C ALA G 25 19.36 38.48 -35.90
N ARG G 26 19.07 38.85 -34.64
CA ARG G 26 20.12 39.16 -33.70
C ARG G 26 21.07 37.98 -33.52
N LEU G 27 20.53 36.79 -33.32
CA LEU G 27 21.37 35.60 -33.23
C LEU G 27 21.97 35.24 -34.59
N GLN G 28 21.17 35.40 -35.65
CA GLN G 28 21.64 35.09 -37.00
C GLN G 28 22.86 35.92 -37.33
N GLU G 29 22.84 37.19 -36.96
CA GLU G 29 23.98 38.08 -37.14
C GLU G 29 25.04 37.85 -36.07
N LEU G 30 24.63 37.45 -34.86
CA LEU G 30 25.59 37.23 -33.78
C LEU G 30 26.36 35.93 -33.99
N LEU G 31 25.68 34.88 -34.48
CA LEU G 31 26.39 33.64 -34.79
C LEU G 31 27.40 33.85 -35.91
N GLU G 32 27.03 34.63 -36.92
CA GLU G 32 27.94 34.93 -38.03
C GLU G 32 29.22 35.60 -37.53
N ALA G 33 29.13 36.31 -36.42
CA ALA G 33 30.27 37.03 -35.83
C ALA G 33 31.23 36.12 -35.09
N GLY G 34 31.05 34.81 -35.15
CA GLY G 34 31.96 33.88 -34.52
C GLY G 34 31.61 33.47 -33.11
N ALA G 35 30.34 33.50 -32.76
CA ALA G 35 29.90 33.08 -31.44
C ALA G 35 29.79 31.56 -31.39
N ASP G 36 30.23 30.98 -30.28
CA ASP G 36 30.18 29.54 -30.12
C ASP G 36 28.73 29.08 -29.90
N PRO G 37 28.15 28.29 -30.80
CA PRO G 37 26.79 27.79 -30.59
C PRO G 37 26.71 26.57 -29.69
N ASN G 38 27.80 26.19 -29.05
CA ASN G 38 27.85 25.02 -28.19
C ASN G 38 28.30 25.35 -26.78
N MET G 39 28.76 26.58 -26.52
CA MET G 39 29.25 26.92 -25.19
C MET G 39 28.16 26.75 -24.14
N ALA G 40 28.33 25.75 -23.28
CA ALA G 40 27.39 25.52 -22.21
C ALA G 40 27.81 26.31 -20.97
N ASN G 41 26.85 26.50 -20.08
CA ASN G 41 27.11 27.20 -18.84
C ASN G 41 27.47 26.16 -17.78
N SER G 42 27.37 26.54 -16.50
CA SER G 42 27.82 25.67 -15.43
C SER G 42 27.15 24.30 -15.46
N GLU G 43 25.90 24.24 -15.91
CA GLU G 43 25.15 22.99 -15.84
C GLU G 43 25.21 22.16 -17.11
N GLY G 44 25.97 22.58 -18.10
CA GLY G 44 26.01 21.81 -19.32
C GLY G 44 24.82 22.08 -20.21
N THR G 45 24.01 23.09 -19.93
CA THR G 45 22.87 23.39 -20.79
C THR G 45 23.38 24.16 -21.99
N THR G 46 23.31 23.54 -23.17
CA THR G 46 23.74 24.13 -24.42
C THR G 46 22.66 25.05 -24.99
N PRO G 47 23.02 25.92 -25.94
CA PRO G 47 21.98 26.74 -26.60
C PRO G 47 20.84 25.92 -27.17
N VAL G 48 21.12 24.70 -27.64
CA VAL G 48 20.06 23.82 -28.13
C VAL G 48 19.16 23.36 -26.98
N LEU G 49 19.77 22.93 -25.87
CA LEU G 49 18.99 22.42 -24.75
C LEU G 49 18.14 23.51 -24.10
N LEU G 50 18.68 24.73 -23.99
CA LEU G 50 17.88 25.83 -23.46
C LEU G 50 16.77 26.21 -24.44
N LEU G 51 17.05 26.16 -25.73
CA LEU G 51 16.03 26.47 -26.74
C LEU G 51 14.87 25.48 -26.65
N LEU G 52 15.19 24.19 -26.48
CA LEU G 52 14.12 23.21 -26.26
C LEU G 52 13.41 23.47 -24.95
N GLU G 53 14.15 23.92 -23.92
CA GLU G 53 13.52 24.27 -22.65
C GLU G 53 12.54 25.43 -22.82
N ILE G 54 12.86 26.38 -23.70
CA ILE G 54 11.93 27.47 -23.97
C ILE G 54 10.68 26.93 -24.64
N ILE G 55 10.84 25.98 -25.57
CA ILE G 55 9.69 25.37 -26.24
C ILE G 55 8.78 24.70 -25.23
N GLN G 56 9.37 24.00 -24.24
CA GLN G 56 8.60 23.25 -23.27
C GLN G 56 7.73 24.16 -22.40
N GLN G 57 8.24 25.34 -22.06
CA GLN G 57 7.52 26.24 -21.16
C GLN G 57 7.03 27.52 -21.81
N GLY G 58 7.25 27.70 -23.12
CA GLY G 58 6.95 28.96 -23.76
C GLY G 58 5.59 28.99 -24.44
N SER G 59 5.17 30.21 -24.77
CA SER G 59 3.91 30.42 -25.47
C SER G 59 4.02 29.89 -26.89
N GLU G 60 2.87 29.83 -27.57
CA GLU G 60 2.86 29.37 -28.97
C GLU G 60 3.69 30.29 -29.85
N GLU G 61 3.75 31.58 -29.52
CA GLU G 61 4.62 32.50 -30.25
C GLU G 61 6.09 32.13 -30.06
N GLN G 62 6.50 31.94 -28.81
CA GLN G 62 7.88 31.55 -28.52
C GLN G 62 8.23 30.20 -29.15
N GLN G 63 7.24 29.31 -29.29
CA GLN G 63 7.52 27.96 -29.79
C GLN G 63 7.95 27.98 -31.25
N LYS G 64 7.12 28.53 -32.13
CA LYS G 64 7.45 28.57 -33.55
C LYS G 64 8.68 29.43 -33.83
N LEU G 65 8.98 30.38 -32.94
CA LEU G 65 10.21 31.15 -33.07
C LEU G 65 11.43 30.26 -32.87
N ALA G 66 11.37 29.36 -31.89
CA ALA G 66 12.53 28.54 -31.54
C ALA G 66 12.85 27.48 -32.58
N LEU G 67 11.88 27.08 -33.40
CA LEU G 67 12.17 26.12 -34.47
C LEU G 67 13.13 26.73 -35.50
N ALA G 68 12.95 28.02 -35.81
CA ALA G 68 13.89 28.68 -36.71
C ALA G 68 15.25 28.89 -36.07
N LEU G 69 15.29 29.27 -34.79
CA LEU G 69 16.57 29.47 -34.11
C LEU G 69 17.35 28.16 -33.98
N LEU G 70 16.66 27.02 -33.90
CA LEU G 70 17.40 25.77 -33.83
C LEU G 70 18.10 25.49 -35.14
N GLN G 71 17.42 25.70 -36.27
CA GLN G 71 18.05 25.56 -37.57
C GLN G 71 19.21 26.54 -37.72
N GLU G 72 19.05 27.75 -37.19
CA GLU G 72 20.12 28.74 -37.24
C GLU G 72 21.33 28.25 -36.44
N LEU G 73 21.07 27.73 -35.24
CA LEU G 73 22.14 27.19 -34.40
C LEU G 73 22.77 25.94 -35.02
N LEU G 74 21.94 25.08 -35.63
CA LEU G 74 22.45 23.86 -36.23
C LEU G 74 23.34 24.16 -37.44
N GLU G 75 22.95 25.15 -38.26
CA GLU G 75 23.82 25.55 -39.36
C GLU G 75 25.13 26.13 -38.84
N ALA G 76 25.07 26.83 -37.70
CA ALA G 76 26.29 27.36 -37.10
C ALA G 76 27.20 26.28 -36.54
N GLY G 77 26.74 25.03 -36.52
CA GLY G 77 27.54 23.92 -36.03
C GLY G 77 27.25 23.46 -34.63
N ALA G 78 26.01 23.56 -34.17
CA ALA G 78 25.67 23.09 -32.84
C ALA G 78 25.63 21.56 -32.82
N ASP G 79 26.20 20.98 -31.76
CA ASP G 79 26.27 19.53 -31.61
C ASP G 79 24.91 18.98 -31.19
N PRO G 80 24.23 18.21 -32.04
CA PRO G 80 22.91 17.67 -31.66
C PRO G 80 22.97 16.51 -30.68
N ASN G 81 24.18 16.11 -30.25
CA ASN G 81 24.33 15.01 -29.31
C ASN G 81 24.88 15.46 -27.96
N MET G 82 25.10 16.76 -27.76
CA MET G 82 25.63 17.26 -26.50
C MET G 82 24.51 17.28 -25.47
N ALA G 83 24.61 16.42 -24.46
CA ALA G 83 23.61 16.29 -23.42
C ALA G 83 23.92 17.18 -22.23
N ASN G 84 22.90 17.39 -21.40
CA ASN G 84 23.04 18.14 -20.16
C ASN G 84 23.75 17.29 -19.11
N SER G 85 23.87 17.84 -17.90
CA SER G 85 24.54 17.14 -16.81
C SER G 85 23.84 15.82 -16.46
N GLU G 86 22.52 15.78 -16.58
CA GLU G 86 21.78 14.56 -16.29
C GLU G 86 21.95 13.49 -17.35
N GLY G 87 22.45 13.85 -18.53
CA GLY G 87 22.61 12.90 -19.60
C GLY G 87 21.47 12.88 -20.60
N THR G 88 20.65 13.93 -20.64
CA THR G 88 19.51 13.99 -21.55
C THR G 88 19.93 14.65 -22.86
N THR G 89 19.82 13.89 -23.95
CA THR G 89 20.20 14.39 -25.26
C THR G 89 19.09 15.27 -25.83
N PRO G 90 19.41 16.11 -26.81
CA PRO G 90 18.36 16.95 -27.41
C PRO G 90 17.17 16.15 -27.95
N VAL G 91 17.40 14.97 -28.52
CA VAL G 91 16.27 14.17 -29.01
C VAL G 91 15.43 13.66 -27.85
N LEU G 92 16.08 13.25 -26.75
CA LEU G 92 15.32 12.75 -25.61
C LEU G 92 14.52 13.85 -24.92
N LEU G 93 15.06 15.08 -24.88
CA LEU G 93 14.28 16.17 -24.33
C LEU G 93 13.12 16.52 -25.24
N LEU G 94 13.33 16.44 -26.56
CA LEU G 94 12.25 16.66 -27.51
C LEU G 94 11.11 15.69 -27.26
N LEU G 95 11.43 14.41 -27.09
CA LEU G 95 10.42 13.41 -26.83
C LEU G 95 9.72 13.64 -25.50
N GLU G 96 10.46 14.14 -24.51
CA GLU G 96 9.82 14.48 -23.24
C GLU G 96 8.86 15.64 -23.41
N ILE G 97 9.20 16.60 -24.28
CA ILE G 97 8.29 17.70 -24.58
C ILE G 97 7.02 17.17 -25.22
N ILE G 98 7.14 16.25 -26.18
CA ILE G 98 5.97 15.67 -26.82
C ILE G 98 5.13 14.92 -25.80
N GLN G 99 5.79 14.13 -24.94
CA GLN G 99 5.08 13.26 -24.01
C GLN G 99 4.16 14.04 -23.09
N GLN G 100 4.54 15.26 -22.72
CA GLN G 100 3.78 16.06 -21.76
C GLN G 100 3.24 17.35 -22.37
N GLY G 101 3.42 17.56 -23.67
CA GLY G 101 3.13 18.85 -24.27
C GLY G 101 1.76 18.93 -24.94
N SER G 102 1.42 20.15 -25.34
CA SER G 102 0.18 20.41 -26.04
C SER G 102 0.26 19.85 -27.46
N GLU G 103 -0.89 19.84 -28.15
CA GLU G 103 -0.89 19.39 -29.53
C GLU G 103 -0.07 20.30 -30.43
N GLU G 104 -0.05 21.60 -30.12
CA GLU G 104 0.79 22.53 -30.87
C GLU G 104 2.26 22.22 -30.64
N GLN G 105 2.64 21.97 -29.38
CA GLN G 105 4.02 21.60 -29.09
C GLN G 105 4.39 20.28 -29.75
N GLN G 106 3.44 19.35 -29.82
CA GLN G 106 3.70 18.04 -30.43
C GLN G 106 4.05 18.19 -31.89
N LYS G 107 3.27 18.99 -32.63
CA LYS G 107 3.51 19.15 -34.06
C LYS G 107 4.88 19.78 -34.31
N LEU G 108 5.25 20.77 -33.49
CA LEU G 108 6.53 21.46 -33.67
C LEU G 108 7.70 20.55 -33.34
N ALA G 109 7.65 19.84 -32.22
CA ALA G 109 8.78 18.99 -31.84
C ALA G 109 9.00 17.86 -32.83
N ALA G 110 7.95 17.45 -33.55
CA ALA G 110 8.12 16.45 -34.61
C ALA G 110 9.03 16.96 -35.72
N ALA G 111 8.87 18.24 -36.09
CA ALA G 111 9.73 18.82 -37.12
C ALA G 111 11.15 19.02 -36.61
N LEU G 112 11.30 19.36 -35.33
CA LEU G 112 12.62 19.55 -34.76
C LEU G 112 13.41 18.24 -34.71
N LEU G 113 12.72 17.11 -34.49
CA LEU G 113 13.42 15.83 -34.45
C LEU G 113 14.04 15.49 -35.79
N LYS G 114 13.31 15.74 -36.88
CA LYS G 114 13.89 15.55 -38.20
C LYS G 114 15.08 16.48 -38.42
N GLU G 115 14.97 17.72 -37.92
CA GLU G 115 16.09 18.65 -38.01
C GLU G 115 17.30 18.11 -37.25
N LEU G 116 17.09 17.59 -36.05
CA LEU G 116 18.19 17.03 -35.27
C LEU G 116 18.77 15.79 -35.94
N LEU G 117 17.90 14.91 -36.46
CA LEU G 117 18.39 13.72 -37.14
C LEU G 117 19.19 14.07 -38.38
N ASP G 118 18.74 15.07 -39.13
CA ASP G 118 19.50 15.52 -40.29
C ASP G 118 20.84 16.12 -39.86
N ALA G 119 20.86 16.82 -38.73
CA ALA G 119 22.09 17.38 -38.21
C ALA G 119 23.08 16.30 -37.77
N GLY G 120 22.60 15.10 -37.48
CA GLY G 120 23.47 14.01 -37.10
C GLY G 120 23.25 13.48 -35.69
N ALA G 121 22.00 13.58 -35.21
CA ALA G 121 21.70 13.09 -33.88
C ALA G 121 21.75 11.56 -33.86
N ASP G 122 22.34 11.01 -32.80
CA ASP G 122 22.46 9.57 -32.66
C ASP G 122 21.12 8.99 -32.21
N PRO G 123 20.47 8.18 -33.05
CA PRO G 123 19.14 7.67 -32.69
C PRO G 123 19.15 6.64 -31.58
N ASN G 124 20.32 6.19 -31.13
CA ASN G 124 20.40 5.16 -30.10
C ASN G 124 21.00 5.68 -28.80
N MET G 125 21.32 6.97 -28.72
CA MET G 125 21.93 7.53 -27.52
C MET G 125 20.91 7.60 -26.39
N ALA G 126 21.19 6.90 -25.29
CA ALA G 126 20.29 6.85 -24.15
C ALA G 126 20.71 7.84 -23.08
N ASN G 127 19.82 8.05 -22.11
CA ASN G 127 20.10 8.94 -21.00
C ASN G 127 20.77 8.16 -19.87
N SER G 128 20.89 8.79 -18.70
CA SER G 128 21.53 8.16 -17.56
C SER G 128 20.78 6.91 -17.11
N GLU G 129 19.46 6.88 -17.31
CA GLU G 129 18.64 5.74 -16.94
C GLU G 129 18.60 4.66 -18.01
N GLY G 130 19.33 4.84 -19.11
CA GLY G 130 19.35 3.87 -20.19
C GLY G 130 18.16 3.93 -21.13
N THR G 131 17.25 4.87 -20.94
CA THR G 131 16.08 5.00 -21.79
C THR G 131 16.49 5.51 -23.17
N THR G 132 16.25 4.71 -24.21
CA THR G 132 16.59 5.09 -25.56
C THR G 132 15.43 5.87 -26.19
N PRO G 133 15.70 6.61 -27.27
CA PRO G 133 14.59 7.29 -27.96
C PRO G 133 13.48 6.34 -28.40
N VAL G 134 13.82 5.12 -28.82
CA VAL G 134 12.78 4.17 -29.19
C VAL G 134 11.96 3.76 -27.97
N LEU G 135 12.63 3.46 -26.86
CA LEU G 135 11.93 3.01 -25.65
C LEU G 135 11.04 4.11 -25.10
N LEU G 136 11.47 5.36 -25.21
CA LEU G 136 10.66 6.47 -24.70
C LEU G 136 9.44 6.70 -25.58
N LEU G 137 9.59 6.57 -26.90
CA LEU G 137 8.45 6.70 -27.80
C LEU G 137 7.41 5.63 -27.56
N LEU G 138 7.83 4.42 -27.18
CA LEU G 138 6.87 3.37 -26.86
C LEU G 138 6.09 3.70 -25.60
N GLU G 139 6.71 4.40 -24.65
CA GLU G 139 5.95 4.89 -23.50
C GLU G 139 4.92 5.92 -23.93
N ILE G 140 5.30 6.79 -24.87
CA ILE G 140 4.35 7.78 -25.36
C ILE G 140 3.16 7.10 -26.03
N ILE G 141 3.42 6.01 -26.77
CA ILE G 141 2.34 5.26 -27.40
C ILE G 141 1.50 4.58 -26.33
N GLN G 142 2.15 4.07 -25.29
CA GLN G 142 1.43 3.26 -24.30
C GLN G 142 0.50 4.12 -23.46
N GLN G 143 0.91 5.35 -23.14
CA GLN G 143 0.19 6.18 -22.19
C GLN G 143 -0.20 7.55 -22.74
N GLY G 144 -0.09 7.77 -24.05
CA GLY G 144 -0.41 9.05 -24.64
C GLY G 144 -1.81 9.11 -25.22
N SER G 145 -2.17 10.30 -25.71
CA SER G 145 -3.43 10.51 -26.38
C SER G 145 -3.43 9.83 -27.75
N ARG G 146 -4.60 9.83 -28.40
CA ARG G 146 -4.67 9.26 -29.74
C ARG G 146 -3.79 10.03 -30.72
N GLU G 147 -3.67 11.36 -30.55
CA GLU G 147 -2.77 12.13 -31.39
C GLU G 147 -1.31 11.79 -31.07
N GLN G 148 -0.99 11.64 -29.79
CA GLN G 148 0.38 11.28 -29.41
C GLN G 148 0.74 9.87 -29.89
N GLN G 149 -0.23 8.95 -29.87
CA GLN G 149 -0.01 7.61 -30.38
C GLN G 149 0.43 7.64 -31.85
N ALA G 150 -0.33 8.34 -32.69
CA ALA G 150 -0.01 8.40 -34.11
C ALA G 150 1.31 9.13 -34.35
N LEU G 151 1.55 10.23 -33.63
CA LEU G 151 2.78 10.98 -33.81
C LEU G 151 3.99 10.16 -33.36
N ALA G 152 3.94 9.60 -32.16
CA ALA G 152 5.05 8.76 -31.68
C ALA G 152 5.29 7.58 -32.61
N MET G 153 4.25 7.06 -33.25
CA MET G 153 4.44 5.96 -34.19
C MET G 153 5.26 6.42 -35.39
N SER G 154 4.90 7.54 -36.00
CA SER G 154 5.64 8.01 -37.16
C SER G 154 7.05 8.45 -36.77
N LEU G 155 7.21 9.05 -35.60
CA LEU G 155 8.54 9.40 -35.14
C LEU G 155 9.40 8.17 -34.90
N LEU G 156 8.78 7.08 -34.44
CA LEU G 156 9.51 5.84 -34.23
C LEU G 156 10.00 5.26 -35.56
N LEU G 157 9.16 5.29 -36.59
CA LEU G 157 9.60 4.84 -37.91
C LEU G 157 10.68 5.76 -38.46
N LEU G 158 10.57 7.07 -38.19
CA LEU G 158 11.61 8.01 -38.60
C LEU G 158 12.93 7.68 -37.93
N LEU G 159 12.89 7.22 -36.68
CA LEU G 159 14.13 6.84 -35.99
C LEU G 159 14.71 5.56 -36.57
N LEU G 160 13.86 4.57 -36.88
CA LEU G 160 14.34 3.35 -37.49
C LEU G 160 14.97 3.63 -38.84
N LEU G 161 14.35 4.52 -39.62
CA LEU G 161 14.95 4.96 -40.87
C LEU G 161 16.28 5.66 -40.63
N ALA G 162 16.42 6.36 -39.51
CA ALA G 162 17.67 7.02 -39.16
C ALA G 162 18.73 6.07 -38.63
N GLY G 163 18.39 4.83 -38.32
CA GLY G 163 19.35 3.86 -37.84
C GLY G 163 19.17 3.39 -36.40
N ALA G 164 18.03 3.64 -35.78
CA ALA G 164 17.81 3.20 -34.41
C ALA G 164 17.77 1.68 -34.34
N ASP G 165 18.37 1.12 -33.28
CA ASP G 165 18.35 -0.31 -33.06
C ASP G 165 17.15 -0.68 -32.21
N PRO G 166 16.24 -1.54 -32.68
CA PRO G 166 15.01 -1.82 -31.93
C PRO G 166 15.17 -2.91 -30.88
N ASN G 167 16.41 -3.23 -30.50
CA ASN G 167 16.65 -4.24 -29.49
C ASN G 167 17.38 -3.74 -28.25
N MET G 168 17.79 -2.48 -28.23
CA MET G 168 18.47 -1.94 -27.05
C MET G 168 17.52 -1.86 -25.87
N ALA G 169 17.92 -2.43 -24.75
CA ALA G 169 17.15 -2.38 -23.51
C ALA G 169 17.67 -1.24 -22.63
N ASN G 170 16.88 -0.90 -21.63
CA ASN G 170 17.28 0.13 -20.67
C ASN G 170 18.09 -0.53 -19.55
N SER G 171 18.36 0.22 -18.48
CA SER G 171 19.13 -0.30 -17.36
C SER G 171 18.39 -1.43 -16.65
N GLU G 172 17.07 -1.38 -16.64
CA GLU G 172 16.25 -2.43 -16.04
C GLU G 172 16.11 -3.65 -16.94
N GLY G 173 16.81 -3.68 -18.07
CA GLY G 173 16.72 -4.82 -18.96
C GLY G 173 15.41 -4.93 -19.71
N THR G 174 14.68 -3.83 -19.83
CA THR G 174 13.39 -3.82 -20.53
C THR G 174 13.63 -3.51 -22.00
N THR G 175 13.37 -4.51 -22.85
CA THR G 175 13.57 -4.34 -24.28
C THR G 175 12.34 -3.73 -24.92
N PRO G 176 12.49 -3.12 -26.10
CA PRO G 176 11.31 -2.59 -26.81
C PRO G 176 10.30 -3.66 -27.14
N LYS G 177 10.73 -4.89 -27.46
CA LYS G 177 9.76 -5.96 -27.71
C LYS G 177 9.00 -6.30 -26.43
N GLU G 178 9.67 -6.26 -25.28
CA GLU G 178 8.98 -6.52 -24.01
C GLU G 178 7.95 -5.44 -23.73
N LEU G 179 8.26 -4.19 -24.06
CA LEU G 179 7.30 -3.11 -23.84
C LEU G 179 6.15 -3.16 -24.83
N LEU G 180 6.41 -3.60 -26.07
CA LEU G 180 5.35 -3.70 -27.06
C LEU G 180 4.30 -4.75 -26.67
N LYS G 181 4.76 -5.84 -26.04
CA LYS G 181 3.82 -6.85 -25.57
C LYS G 181 2.87 -6.29 -24.54
N GLU G 182 3.35 -5.40 -23.67
CA GLU G 182 2.46 -4.78 -22.68
C GLU G 182 1.43 -3.90 -23.36
N ILE G 183 1.84 -3.14 -24.37
CA ILE G 183 0.91 -2.29 -25.11
C ILE G 183 -0.16 -3.15 -25.78
N GLN G 184 0.24 -4.31 -26.30
CA GLN G 184 -0.70 -5.17 -27.00
C GLN G 184 -1.70 -5.81 -26.06
N GLN G 185 -1.30 -6.12 -24.83
CA GLN G 185 -2.18 -6.87 -23.93
C GLN G 185 -3.24 -5.99 -23.31
N GLN G 186 -2.92 -4.74 -22.98
CA GLN G 186 -3.84 -3.86 -22.27
C GLN G 186 -4.11 -2.54 -23.00
N GLY G 187 -3.80 -2.47 -24.29
CA GLY G 187 -4.04 -1.24 -25.03
C GLY G 187 -5.40 -1.19 -25.70
N SER G 188 -5.69 -0.03 -26.29
CA SER G 188 -6.91 0.17 -27.07
C SER G 188 -6.83 -0.62 -28.37
N ASP G 189 -7.92 -0.58 -29.16
CA ASP G 189 -7.88 -1.24 -30.46
C ASP G 189 -6.80 -0.64 -31.35
N GLU G 190 -6.61 0.68 -31.27
CA GLU G 190 -5.58 1.32 -32.07
C GLU G 190 -4.19 1.09 -31.49
N GLN G 191 -4.07 1.13 -30.17
CA GLN G 191 -2.78 0.86 -29.54
C GLN G 191 -2.30 -0.55 -29.85
N ARG G 192 -3.21 -1.53 -29.82
CA ARG G 192 -2.83 -2.91 -30.11
C ARG G 192 -2.38 -3.07 -31.55
N LEU G 193 -3.04 -2.37 -32.48
CA LEU G 193 -2.64 -2.43 -33.88
C LEU G 193 -1.23 -1.89 -34.08
N LEU G 194 -0.93 -0.73 -33.47
CA LEU G 194 0.41 -0.18 -33.56
C LEU G 194 1.45 -1.13 -32.96
N ALA G 195 1.11 -1.79 -31.86
CA ALA G 195 2.03 -2.75 -31.25
C ALA G 195 2.22 -3.96 -32.15
N GLU G 196 1.14 -4.48 -32.73
CA GLU G 196 1.25 -5.63 -33.63
C GLU G 196 2.06 -5.30 -34.86
N VAL G 197 1.96 -4.06 -35.37
CA VAL G 197 2.79 -3.66 -36.51
C VAL G 197 4.26 -3.66 -36.13
N LEU G 198 4.60 -2.98 -35.04
CA LEU G 198 5.99 -2.88 -34.62
C LEU G 198 6.56 -4.24 -34.23
N LEU G 199 5.75 -5.10 -33.62
CA LEU G 199 6.25 -6.43 -33.28
C LEU G 199 6.59 -7.23 -34.53
N GLN G 200 5.74 -7.13 -35.56
CA GLN G 200 6.02 -7.83 -36.80
C GLN G 200 7.24 -7.25 -37.50
N LEU G 201 7.37 -5.92 -37.48
CA LEU G 201 8.54 -5.28 -38.08
C LEU G 201 9.82 -5.74 -37.42
N LEU G 202 9.84 -5.81 -36.08
CA LEU G 202 11.03 -6.26 -35.37
C LEU G 202 11.34 -7.72 -35.69
N GLU G 203 10.31 -8.57 -35.68
CA GLU G 203 10.54 -9.99 -35.92
C GLU G 203 11.00 -10.25 -37.34
N ALA G 204 10.80 -9.30 -38.25
CA ALA G 204 11.12 -9.47 -39.66
C ALA G 204 12.41 -8.78 -40.08
N ALA G 205 13.03 -8.00 -39.19
CA ALA G 205 14.33 -7.39 -39.47
C ALA G 205 15.24 -7.52 -38.25
N GLY G 206 15.20 -8.67 -37.59
CA GLY G 206 16.10 -8.92 -36.49
C GLY G 206 17.50 -9.23 -36.98
N GLY G 207 18.50 -8.78 -36.21
CA GLY G 207 19.86 -8.90 -36.65
C GLY G 207 20.19 -8.11 -37.88
N SER G 208 19.40 -7.07 -38.18
CA SER G 208 19.63 -6.21 -39.33
C SER G 208 19.09 -4.81 -39.08
N THR H 3 -12.04 48.13 -25.49
CA THR H 3 -12.33 48.24 -24.06
C THR H 3 -11.05 48.09 -23.24
N PRO H 4 -10.93 48.93 -22.19
CA PRO H 4 -9.72 48.89 -21.36
C PRO H 4 -9.34 47.51 -20.84
N VAL H 5 -10.32 46.72 -20.41
CA VAL H 5 -10.04 45.38 -19.89
C VAL H 5 -9.47 44.48 -20.98
N LEU H 6 -10.08 44.52 -22.17
CA LEU H 6 -9.62 43.63 -23.25
C LEU H 6 -8.21 43.97 -23.70
N GLU H 7 -7.86 45.26 -23.81
CA GLU H 7 -6.50 45.60 -24.22
C GLU H 7 -5.48 45.20 -23.16
N LEU H 8 -5.80 45.36 -21.87
CA LEU H 8 -4.91 44.91 -20.81
C LEU H 8 -4.62 43.42 -20.94
N LEU H 9 -5.66 42.62 -21.19
CA LEU H 9 -5.45 41.19 -21.39
C LEU H 9 -4.57 40.95 -22.61
N GLU H 10 -4.78 41.75 -23.67
CA GLU H 10 -3.92 41.66 -24.83
C GLU H 10 -2.50 42.11 -24.52
N GLN H 11 -2.33 43.09 -23.64
CA GLN H 11 -0.98 43.48 -23.24
C GLN H 11 -0.33 42.45 -22.33
N ILE H 12 -1.10 41.55 -21.72
CA ILE H 12 -0.50 40.49 -20.93
C ILE H 12 0.02 39.39 -21.83
N GLN H 13 -0.81 38.95 -22.77
CA GLN H 13 -0.33 37.98 -23.75
C GLN H 13 0.75 38.62 -24.62
N GLN H 14 0.53 39.86 -25.04
CA GLN H 14 1.51 40.55 -25.89
C GLN H 14 2.43 41.46 -25.09
N GLY H 15 2.76 41.10 -23.85
CA GLY H 15 3.67 41.88 -23.03
C GLY H 15 4.83 41.02 -22.56
N SER H 16 5.67 41.64 -21.72
CA SER H 16 6.83 40.95 -21.18
C SER H 16 6.44 40.11 -19.96
N GLU H 17 7.42 39.34 -19.46
CA GLU H 17 7.19 38.54 -18.27
C GLU H 17 7.21 39.41 -17.03
N GLU H 18 8.01 40.48 -17.03
CA GLU H 18 8.01 41.40 -15.91
C GLU H 18 6.74 42.25 -15.89
N GLN H 19 6.21 42.59 -17.07
CA GLN H 19 4.91 43.25 -17.15
C GLN H 19 3.81 42.37 -16.55
N GLN H 20 3.98 41.05 -16.61
CA GLN H 20 2.98 40.13 -16.06
C GLN H 20 2.86 40.28 -14.55
N LYS H 21 3.93 40.76 -13.90
CA LYS H 21 3.91 40.97 -12.46
C LYS H 21 2.86 42.01 -12.08
N GLU H 22 2.72 43.06 -12.89
CA GLU H 22 1.75 44.13 -12.65
C GLU H 22 0.37 43.82 -13.21
N ALA H 23 0.15 42.62 -13.74
CA ALA H 23 -1.12 42.34 -14.39
C ALA H 23 -2.25 42.19 -13.38
N LEU H 24 -2.02 41.45 -12.29
CA LEU H 24 -3.07 41.28 -11.28
C LEU H 24 -3.43 42.60 -10.63
N ALA H 25 -2.42 43.41 -10.31
CA ALA H 25 -2.67 44.73 -9.73
C ALA H 25 -3.38 45.64 -10.72
N ARG H 26 -2.92 45.69 -11.97
CA ARG H 26 -3.57 46.54 -12.95
C ARG H 26 -5.03 46.16 -13.18
N LEU H 27 -5.32 44.85 -13.24
CA LEU H 27 -6.71 44.45 -13.43
C LEU H 27 -7.55 44.86 -12.21
N GLN H 28 -6.99 44.69 -11.01
CA GLN H 28 -7.70 45.13 -9.80
C GLN H 28 -7.91 46.63 -9.80
N GLU H 29 -6.90 47.42 -10.20
CA GLU H 29 -7.12 48.86 -10.23
C GLU H 29 -8.00 49.27 -11.41
N LEU H 30 -8.00 48.51 -12.49
CA LEU H 30 -8.91 48.85 -13.58
C LEU H 30 -10.34 48.51 -13.22
N LEU H 31 -10.56 47.37 -12.57
CA LEU H 31 -11.91 46.99 -12.16
C LEU H 31 -12.46 47.92 -11.09
N GLU H 32 -11.63 48.28 -10.09
CA GLU H 32 -12.07 49.19 -9.04
C GLU H 32 -12.46 50.55 -9.60
N ALA H 33 -11.85 50.94 -10.73
CA ALA H 33 -12.16 52.20 -11.40
C ALA H 33 -13.46 52.16 -12.21
N GLY H 34 -14.23 51.08 -12.10
CA GLY H 34 -15.49 50.99 -12.79
C GLY H 34 -15.44 50.34 -14.16
N ALA H 35 -14.53 49.41 -14.37
CA ALA H 35 -14.40 48.71 -15.64
C ALA H 35 -15.41 47.57 -15.78
N ASP H 36 -16.01 47.46 -16.95
CA ASP H 36 -16.96 46.39 -17.24
C ASP H 36 -16.22 45.07 -17.45
N PRO H 37 -16.44 44.07 -16.61
CA PRO H 37 -15.80 42.76 -16.82
C PRO H 37 -16.50 41.89 -17.86
N ASN H 38 -17.46 42.45 -18.59
CA ASN H 38 -18.23 41.71 -19.58
C ASN H 38 -18.18 42.31 -20.97
N MET H 39 -17.59 43.49 -21.13
CA MET H 39 -17.53 44.16 -22.43
C MET H 39 -16.80 43.32 -23.48
N ALA H 40 -17.52 42.87 -24.50
CA ALA H 40 -16.92 42.10 -25.59
C ALA H 40 -16.41 43.04 -26.68
N ASN H 41 -15.54 42.50 -27.52
CA ASN H 41 -14.99 43.27 -28.63
C ASN H 41 -15.85 43.07 -29.88
N SER H 42 -15.32 43.50 -31.02
CA SER H 42 -16.10 43.45 -32.27
C SER H 42 -16.52 42.03 -32.62
N GLU H 43 -15.66 41.05 -32.35
CA GLU H 43 -15.94 39.66 -32.68
C GLU H 43 -16.63 38.89 -31.55
N GLY H 44 -17.00 39.57 -30.47
CA GLY H 44 -17.71 38.93 -29.38
C GLY H 44 -16.87 38.23 -28.32
N THR H 45 -15.56 38.44 -28.30
CA THR H 45 -14.70 37.79 -27.30
C THR H 45 -14.78 38.57 -26.00
N THR H 46 -15.25 37.92 -24.93
CA THR H 46 -15.35 38.54 -23.62
C THR H 46 -14.01 38.50 -22.88
N PRO H 47 -13.86 39.33 -21.84
CA PRO H 47 -12.61 39.26 -21.05
C PRO H 47 -12.30 37.88 -20.49
N VAL H 48 -13.32 37.10 -20.12
CA VAL H 48 -13.08 35.74 -19.67
C VAL H 48 -12.59 34.88 -20.82
N LEU H 49 -13.24 35.00 -21.98
CA LEU H 49 -12.87 34.19 -23.13
C LEU H 49 -11.46 34.53 -23.62
N LEU H 50 -11.11 35.82 -23.62
CA LEU H 50 -9.75 36.19 -24.01
C LEU H 50 -8.74 35.68 -22.98
N LEU H 51 -9.09 35.72 -21.70
CA LEU H 51 -8.19 35.23 -20.68
C LEU H 51 -7.95 33.72 -20.84
N LEU H 52 -9.02 32.96 -21.08
CA LEU H 52 -8.86 31.53 -21.34
C LEU H 52 -8.11 31.31 -22.65
N GLU H 53 -8.30 32.19 -23.63
CA GLU H 53 -7.53 32.11 -24.87
C GLU H 53 -6.05 32.36 -24.62
N ILE H 54 -5.73 33.24 -23.67
CA ILE H 54 -4.33 33.49 -23.31
C ILE H 54 -3.73 32.24 -22.68
N ILE H 55 -4.49 31.56 -21.82
CA ILE H 55 -4.04 30.31 -21.20
C ILE H 55 -3.74 29.28 -22.27
N GLN H 56 -4.61 29.19 -23.27
CA GLN H 56 -4.48 28.18 -24.31
C GLN H 56 -3.20 28.37 -25.12
N GLN H 57 -2.81 29.63 -25.35
CA GLN H 57 -1.65 29.94 -26.18
C GLN H 57 -0.48 30.53 -25.41
N GLY H 58 -0.57 30.67 -24.10
CA GLY H 58 0.46 31.35 -23.33
C GLY H 58 1.48 30.42 -22.72
N SER H 59 2.57 31.02 -22.26
CA SER H 59 3.61 30.29 -21.55
C SER H 59 3.13 29.85 -20.18
N GLU H 60 3.93 29.02 -19.51
CA GLU H 60 3.57 28.57 -18.17
C GLU H 60 3.47 29.74 -17.19
N GLU H 61 4.29 30.78 -17.38
CA GLU H 61 4.21 31.97 -16.54
C GLU H 61 2.88 32.68 -16.71
N GLN H 62 2.45 32.88 -17.95
CA GLN H 62 1.15 33.48 -18.19
C GLN H 62 0.03 32.62 -17.61
N GLN H 63 0.24 31.31 -17.53
CA GLN H 63 -0.78 30.39 -17.04
C GLN H 63 -1.06 30.60 -15.56
N LYS H 64 -0.01 30.53 -14.73
CA LYS H 64 -0.17 30.66 -13.30
C LYS H 64 -0.72 32.03 -12.91
N LEU H 65 -0.49 33.04 -13.76
CA LEU H 65 -1.05 34.37 -13.53
C LEU H 65 -2.57 34.37 -13.69
N ALA H 66 -3.10 33.59 -14.64
CA ALA H 66 -4.49 33.68 -15.06
C ALA H 66 -5.52 33.20 -14.03
N LEU H 67 -5.15 32.35 -13.06
CA LEU H 67 -6.14 31.97 -12.04
C LEU H 67 -6.57 33.18 -11.21
N ALA H 68 -5.63 34.04 -10.83
CA ALA H 68 -6.01 35.23 -10.09
C ALA H 68 -6.78 36.20 -10.99
N LEU H 69 -6.37 36.32 -12.25
CA LEU H 69 -7.07 37.21 -13.17
C LEU H 69 -8.50 36.75 -13.41
N LEU H 70 -8.74 35.43 -13.42
CA LEU H 70 -10.10 34.94 -13.61
C LEU H 70 -10.96 35.16 -12.37
N GLN H 71 -10.42 34.87 -11.18
CA GLN H 71 -11.19 35.14 -9.97
C GLN H 71 -11.52 36.63 -9.85
N GLU H 72 -10.59 37.50 -10.26
CA GLU H 72 -10.87 38.92 -10.25
C GLU H 72 -12.02 39.26 -11.19
N LEU H 73 -12.00 38.70 -12.40
CA LEU H 73 -13.08 38.96 -13.36
C LEU H 73 -14.39 38.37 -12.87
N LEU H 74 -14.36 37.16 -12.29
CA LEU H 74 -15.58 36.55 -11.80
C LEU H 74 -16.14 37.30 -10.59
N GLU H 75 -15.25 37.72 -9.68
CA GLU H 75 -15.70 38.52 -8.54
C GLU H 75 -16.27 39.86 -8.98
N ALA H 76 -15.69 40.45 -10.04
CA ALA H 76 -16.19 41.70 -10.58
C ALA H 76 -17.54 41.58 -11.26
N GLY H 77 -18.04 40.35 -11.44
CA GLY H 77 -19.34 40.13 -12.02
C GLY H 77 -19.37 39.68 -13.46
N ALA H 78 -18.35 38.96 -13.92
CA ALA H 78 -18.35 38.45 -15.28
C ALA H 78 -19.31 37.29 -15.42
N ASP H 79 -20.06 37.28 -16.52
CA ASP H 79 -21.02 36.21 -16.79
C ASP H 79 -20.27 34.97 -17.25
N PRO H 80 -20.27 33.90 -16.46
CA PRO H 80 -19.52 32.68 -16.85
C PRO H 80 -20.18 31.89 -17.97
N ASN H 81 -21.34 32.31 -18.47
CA ASN H 81 -22.03 31.61 -19.54
C ASN H 81 -22.07 32.39 -20.84
N MET H 82 -21.44 33.56 -20.90
CA MET H 82 -21.44 34.37 -22.11
C MET H 82 -20.49 33.75 -23.12
N ALA H 83 -21.04 33.26 -24.22
CA ALA H 83 -20.24 32.64 -25.26
C ALA H 83 -19.80 33.68 -26.30
N ASN H 84 -18.79 33.31 -27.08
CA ASN H 84 -18.32 34.17 -28.16
C ASN H 84 -19.28 34.08 -29.33
N SER H 85 -18.91 34.75 -30.43
CA SER H 85 -19.76 34.76 -31.62
C SER H 85 -19.95 33.35 -32.18
N GLU H 86 -18.95 32.48 -32.04
CA GLU H 86 -19.07 31.10 -32.51
C GLU H 86 -20.02 30.28 -31.65
N GLY H 87 -20.31 30.74 -30.43
CA GLY H 87 -21.13 30.00 -29.51
C GLY H 87 -20.37 29.16 -28.51
N THR H 88 -19.09 29.46 -28.29
CA THR H 88 -18.25 28.68 -27.38
C THR H 88 -18.30 29.29 -25.98
N THR H 89 -18.79 28.53 -25.02
CA THR H 89 -18.87 28.98 -23.65
C THR H 89 -17.51 28.82 -22.96
N PRO H 90 -17.28 29.58 -21.88
CA PRO H 90 -16.00 29.42 -21.16
C PRO H 90 -15.74 28.00 -20.70
N VAL H 91 -16.77 27.27 -20.29
CA VAL H 91 -16.58 25.88 -19.87
C VAL H 91 -16.17 25.03 -21.07
N LEU H 92 -16.81 25.24 -22.22
CA LEU H 92 -16.47 24.45 -23.39
C LEU H 92 -15.09 24.80 -23.92
N LEU H 93 -14.68 26.06 -23.78
CA LEU H 93 -13.32 26.44 -24.14
C LEU H 93 -12.31 25.85 -23.17
N LEU H 94 -12.65 25.81 -21.88
CA LEU H 94 -11.78 25.19 -20.89
C LEU H 94 -11.54 23.73 -21.21
N LEU H 95 -12.61 22.99 -21.54
CA LEU H 95 -12.47 21.58 -21.87
C LEU H 95 -11.67 21.39 -23.15
N GLU H 96 -11.75 22.32 -24.09
CA GLU H 96 -10.88 22.25 -25.27
C GLU H 96 -9.43 22.44 -24.87
N ILE H 97 -9.16 23.29 -23.88
CA ILE H 97 -7.80 23.44 -23.37
C ILE H 97 -7.32 22.13 -22.76
N ILE H 98 -8.18 21.43 -22.03
CA ILE H 98 -7.80 20.12 -21.51
C ILE H 98 -7.59 19.14 -22.66
N GLN H 99 -8.51 19.14 -23.63
CA GLN H 99 -8.46 18.16 -24.72
C GLN H 99 -7.18 18.26 -25.52
N GLN H 100 -6.69 19.47 -25.76
CA GLN H 100 -5.55 19.68 -26.66
C GLN H 100 -4.33 20.27 -25.97
N GLY H 101 -4.35 20.40 -24.64
CA GLY H 101 -3.31 21.10 -23.93
C GLY H 101 -2.27 20.18 -23.33
N SER H 102 -1.21 20.80 -22.82
CA SER H 102 -0.15 20.08 -22.11
C SER H 102 -0.67 19.61 -20.74
N GLU H 103 0.15 18.80 -20.06
CA GLU H 103 -0.25 18.34 -18.73
C GLU H 103 -0.36 19.51 -17.75
N GLU H 104 0.47 20.54 -17.92
CA GLU H 104 0.34 21.73 -17.08
C GLU H 104 -0.97 22.46 -17.33
N GLN H 105 -1.33 22.65 -18.60
CA GLN H 105 -2.60 23.29 -18.93
C GLN H 105 -3.78 22.47 -18.43
N GLN H 106 -3.66 21.15 -18.44
CA GLN H 106 -4.74 20.28 -17.98
C GLN H 106 -5.04 20.54 -16.52
N LYS H 107 -3.99 20.59 -15.69
CA LYS H 107 -4.19 20.80 -14.27
C LYS H 107 -4.83 22.16 -14.01
N LEU H 108 -4.42 23.18 -14.78
CA LEU H 108 -4.95 24.52 -14.59
C LEU H 108 -6.42 24.59 -14.99
N ALA H 109 -6.75 24.11 -16.20
CA ALA H 109 -8.13 24.21 -16.67
C ALA H 109 -9.08 23.40 -15.80
N ALA H 110 -8.58 22.37 -15.14
CA ALA H 110 -9.39 21.63 -14.17
C ALA H 110 -9.76 22.51 -12.98
N ALA H 111 -8.80 23.31 -12.49
CA ALA H 111 -9.08 24.20 -11.38
C ALA H 111 -9.96 25.37 -11.80
N LEU H 112 -9.77 25.86 -13.02
CA LEU H 112 -10.60 26.95 -13.52
C LEU H 112 -12.05 26.52 -13.70
N LEU H 113 -12.27 25.25 -14.07
CA LEU H 113 -13.63 24.77 -14.25
C LEU H 113 -14.43 24.82 -12.94
N LYS H 114 -13.79 24.45 -11.83
CA LYS H 114 -14.46 24.55 -10.55
C LYS H 114 -14.82 26.00 -10.24
N GLU H 115 -13.93 26.93 -10.56
CA GLU H 115 -14.24 28.35 -10.37
C GLU H 115 -15.46 28.75 -11.20
N LEU H 116 -15.53 28.28 -12.44
CA LEU H 116 -16.65 28.62 -13.30
C LEU H 116 -17.95 28.03 -12.77
N LEU H 117 -17.92 26.77 -12.33
CA LEU H 117 -19.12 26.17 -11.78
C LEU H 117 -19.56 26.90 -10.52
N ASP H 118 -18.60 27.30 -9.68
CA ASP H 118 -18.94 28.09 -8.50
C ASP H 118 -19.51 29.45 -8.90
N ALA H 119 -18.97 30.05 -9.97
CA ALA H 119 -19.49 31.32 -10.46
C ALA H 119 -20.92 31.20 -10.99
N GLY H 120 -21.33 29.99 -11.39
CA GLY H 120 -22.69 29.77 -11.83
C GLY H 120 -22.80 29.34 -13.28
N ALA H 121 -21.76 28.68 -13.79
CA ALA H 121 -21.77 28.24 -15.18
C ALA H 121 -22.77 27.11 -15.37
N ASP H 122 -23.50 27.16 -16.49
CA ASP H 122 -24.52 26.17 -16.82
C ASP H 122 -23.85 24.89 -17.32
N PRO H 123 -23.96 23.78 -16.58
CA PRO H 123 -23.30 22.54 -17.01
C PRO H 123 -23.94 21.88 -18.23
N ASN H 124 -25.07 22.38 -18.72
CA ASN H 124 -25.73 21.80 -19.87
C ASN H 124 -25.70 22.70 -21.08
N MET H 125 -25.07 23.87 -20.98
CA MET H 125 -25.02 24.80 -22.10
C MET H 125 -24.08 24.27 -23.17
N ALA H 126 -24.60 24.02 -24.37
CA ALA H 126 -23.82 23.47 -25.46
C ALA H 126 -23.36 24.57 -26.42
N ASN H 127 -22.47 24.18 -27.33
CA ASN H 127 -21.94 25.10 -28.33
C ASN H 127 -22.85 25.09 -29.56
N SER H 128 -22.40 25.75 -30.64
CA SER H 128 -23.22 25.86 -31.85
C SER H 128 -23.48 24.49 -32.48
N GLU H 129 -22.55 23.55 -32.31
CA GLU H 129 -22.69 22.19 -32.84
C GLU H 129 -23.48 21.29 -31.91
N GLY H 130 -23.97 21.81 -30.79
CA GLY H 130 -24.72 21.01 -29.83
C GLY H 130 -23.87 20.18 -28.90
N THR H 131 -22.55 20.29 -28.96
CA THR H 131 -21.68 19.53 -28.08
C THR H 131 -21.80 20.07 -26.67
N THR H 132 -22.25 19.23 -25.76
CA THR H 132 -22.40 19.58 -24.36
C THR H 132 -21.11 19.36 -23.60
N PRO H 133 -20.96 19.97 -22.42
CA PRO H 133 -19.76 19.70 -21.61
C PRO H 133 -19.55 18.22 -21.31
N VAL H 134 -20.64 17.46 -21.13
CA VAL H 134 -20.50 16.02 -20.91
C VAL H 134 -19.99 15.33 -22.17
N LEU H 135 -20.58 15.65 -23.32
CA LEU H 135 -20.18 14.99 -24.57
C LEU H 135 -18.73 15.29 -24.92
N LEU H 136 -18.23 16.48 -24.61
CA LEU H 136 -16.84 16.79 -24.90
C LEU H 136 -15.90 16.05 -23.94
N LEU H 137 -16.29 15.92 -22.67
CA LEU H 137 -15.47 15.17 -21.74
C LEU H 137 -15.39 13.70 -22.13
N LEU H 138 -16.47 13.15 -22.70
CA LEU H 138 -16.40 11.76 -23.18
C LEU H 138 -15.47 11.62 -24.37
N GLU H 139 -15.34 12.67 -25.19
CA GLU H 139 -14.34 12.66 -26.25
C GLU H 139 -12.93 12.66 -25.66
N ILE H 140 -12.72 13.41 -24.57
CA ILE H 140 -11.42 13.44 -23.92
C ILE H 140 -11.05 12.07 -23.36
N ILE H 141 -12.04 11.34 -22.84
CA ILE H 141 -11.77 10.00 -22.33
C ILE H 141 -11.45 9.04 -23.48
N GLN H 142 -12.17 9.15 -24.59
CA GLN H 142 -12.02 8.17 -25.66
C GLN H 142 -10.71 8.35 -26.42
N GLN H 143 -10.25 9.59 -26.61
CA GLN H 143 -9.10 9.83 -27.46
C GLN H 143 -7.96 10.54 -26.74
N GLY H 144 -8.05 10.66 -25.42
CA GLY H 144 -7.03 11.34 -24.65
C GLY H 144 -6.03 10.38 -24.03
N SER H 145 -5.04 10.98 -23.37
CA SER H 145 -4.00 10.24 -22.67
C SER H 145 -4.56 9.60 -21.40
N ARG H 146 -3.72 8.76 -20.78
CA ARG H 146 -4.11 8.14 -19.51
C ARG H 146 -4.31 9.19 -18.43
N GLU H 147 -3.54 10.27 -18.47
CA GLU H 147 -3.77 11.37 -17.53
C GLU H 147 -5.09 12.07 -17.84
N GLN H 148 -5.38 12.30 -19.11
CA GLN H 148 -6.62 12.96 -19.48
C GLN H 148 -7.83 12.11 -19.16
N GLN H 149 -7.71 10.79 -19.33
CA GLN H 149 -8.79 9.87 -18.99
C GLN H 149 -9.26 10.05 -17.56
N ALA H 150 -8.32 9.99 -16.60
CA ALA H 150 -8.71 10.10 -15.21
C ALA H 150 -9.27 11.48 -14.90
N LEU H 151 -8.61 12.53 -15.43
CA LEU H 151 -9.07 13.89 -15.16
C LEU H 151 -10.43 14.14 -15.78
N ALA H 152 -10.60 13.81 -17.06
CA ALA H 152 -11.92 13.97 -17.68
C ALA H 152 -12.97 13.14 -16.96
N MET H 153 -12.57 12.00 -16.41
CA MET H 153 -13.52 11.17 -15.67
C MET H 153 -14.03 11.88 -14.42
N SER H 154 -13.12 12.43 -13.61
CA SER H 154 -13.54 13.08 -12.38
C SER H 154 -14.30 14.38 -12.68
N LEU H 155 -13.89 15.14 -13.69
CA LEU H 155 -14.63 16.34 -14.04
C LEU H 155 -16.03 16.01 -14.52
N LEU H 156 -16.22 14.86 -15.18
CA LEU H 156 -17.56 14.49 -15.62
C LEU H 156 -18.46 14.23 -14.43
N LEU H 157 -17.95 13.50 -13.42
CA LEU H 157 -18.73 13.30 -12.21
C LEU H 157 -18.97 14.62 -11.50
N LEU H 158 -17.99 15.53 -11.56
CA LEU H 158 -18.16 16.85 -10.99
C LEU H 158 -19.28 17.60 -11.69
N LEU H 159 -19.39 17.44 -13.01
CA LEU H 159 -20.47 18.08 -13.75
C LEU H 159 -21.81 17.42 -13.48
N LEU H 160 -21.83 16.09 -13.38
CA LEU H 160 -23.09 15.40 -13.07
C LEU H 160 -23.62 15.83 -11.71
N LEU H 161 -22.75 15.93 -10.71
CA LEU H 161 -23.15 16.45 -9.41
C LEU H 161 -23.61 17.89 -9.50
N ALA H 162 -23.06 18.66 -10.43
CA ALA H 162 -23.44 20.06 -10.65
C ALA H 162 -24.77 20.21 -11.37
N GLY H 163 -25.33 19.12 -11.88
CA GLY H 163 -26.61 19.13 -12.54
C GLY H 163 -26.60 18.83 -14.03
N ALA H 164 -25.47 18.33 -14.55
CA ALA H 164 -25.41 17.98 -15.96
C ALA H 164 -26.28 16.77 -16.24
N ASP H 165 -26.99 16.81 -17.37
CA ASP H 165 -27.84 15.70 -17.80
C ASP H 165 -27.06 14.77 -18.71
N PRO H 166 -26.96 13.47 -18.38
CA PRO H 166 -26.11 12.58 -19.19
C PRO H 166 -26.81 12.01 -20.41
N ASN H 167 -27.93 12.63 -20.85
CA ASN H 167 -28.67 12.13 -22.00
C ASN H 167 -28.80 13.14 -23.14
N MET H 168 -28.36 14.38 -22.97
CA MET H 168 -28.45 15.37 -24.03
C MET H 168 -27.53 15.00 -25.20
N ALA H 169 -28.09 14.97 -26.40
CA ALA H 169 -27.34 14.67 -27.62
C ALA H 169 -26.90 15.96 -28.32
N ASN H 170 -25.97 15.80 -29.27
CA ASN H 170 -25.48 16.91 -30.08
C ASN H 170 -26.38 17.10 -31.30
N SER H 171 -25.93 17.94 -32.24
CA SER H 171 -26.72 18.20 -33.45
C SER H 171 -26.89 16.94 -34.30
N GLU H 172 -25.88 16.07 -34.31
CA GLU H 172 -25.95 14.81 -35.05
C GLU H 172 -26.72 13.74 -34.30
N GLY H 173 -27.33 14.07 -33.17
CA GLY H 173 -28.09 13.08 -32.43
C GLY H 173 -27.24 12.05 -31.70
N THR H 174 -25.98 12.37 -31.43
CA THR H 174 -25.08 11.44 -30.76
C THR H 174 -25.24 11.61 -29.25
N THR H 175 -25.77 10.58 -28.59
CA THR H 175 -25.97 10.65 -27.16
C THR H 175 -24.71 10.23 -26.41
N PRO H 176 -24.56 10.66 -25.16
CA PRO H 176 -23.42 10.20 -24.36
C PRO H 176 -23.37 8.68 -24.22
N LYS H 177 -24.53 8.01 -24.15
CA LYS H 177 -24.53 6.56 -24.07
C LYS H 177 -23.99 5.92 -25.35
N GLU H 178 -24.29 6.52 -26.50
CA GLU H 178 -23.78 6.00 -27.77
C GLU H 178 -22.27 6.12 -27.84
N LEU H 179 -21.73 7.22 -27.29
CA LEU H 179 -20.29 7.41 -27.27
C LEU H 179 -19.63 6.49 -26.23
N LEU H 180 -20.32 6.21 -25.14
CA LEU H 180 -19.76 5.31 -24.12
C LEU H 180 -19.63 3.89 -24.66
N LYS H 181 -20.58 3.47 -25.49
CA LYS H 181 -20.45 2.16 -26.14
C LYS H 181 -19.23 2.12 -27.05
N GLU H 182 -18.93 3.23 -27.73
CA GLU H 182 -17.73 3.27 -28.56
C GLU H 182 -16.48 3.17 -27.70
N ILE H 183 -16.46 3.86 -26.56
CA ILE H 183 -15.30 3.78 -25.66
C ILE H 183 -15.11 2.34 -25.17
N GLN H 184 -16.22 1.65 -24.91
CA GLN H 184 -16.14 0.27 -24.46
C GLN H 184 -15.71 -0.68 -25.57
N GLN H 185 -16.09 -0.41 -26.82
CA GLN H 185 -15.83 -1.39 -27.86
C GLN H 185 -14.38 -1.38 -28.32
N GLN H 186 -13.79 -0.19 -28.42
CA GLN H 186 -12.46 -0.04 -29.01
C GLN H 186 -11.49 0.69 -28.09
N GLY H 187 -11.81 0.80 -26.80
CA GLY H 187 -10.93 1.47 -25.87
C GLY H 187 -9.97 0.51 -25.21
N SER H 188 -9.04 1.09 -24.46
CA SER H 188 -8.07 0.34 -23.68
C SER H 188 -8.74 -0.37 -22.51
N ASP H 189 -7.96 -1.15 -21.76
CA ASP H 189 -8.50 -1.82 -20.59
C ASP H 189 -9.04 -0.82 -19.58
N GLU H 190 -8.35 0.31 -19.43
CA GLU H 190 -8.80 1.36 -18.52
C GLU H 190 -9.95 2.17 -19.12
N GLN H 191 -9.90 2.43 -20.42
CA GLN H 191 -11.01 3.14 -21.06
C GLN H 191 -12.30 2.34 -20.97
N ARG H 192 -12.23 1.04 -21.22
CA ARG H 192 -13.43 0.20 -21.16
C ARG H 192 -13.99 0.17 -19.74
N LEU H 193 -13.10 0.15 -18.74
CA LEU H 193 -13.56 0.18 -17.36
C LEU H 193 -14.30 1.48 -17.07
N LEU H 194 -13.73 2.61 -17.47
CA LEU H 194 -14.42 3.89 -17.27
C LEU H 194 -15.76 3.90 -18.01
N ALA H 195 -15.79 3.31 -19.21
CA ALA H 195 -17.03 3.26 -19.98
C ALA H 195 -18.06 2.35 -19.33
N GLU H 196 -17.64 1.19 -18.86
CA GLU H 196 -18.59 0.28 -18.21
C GLU H 196 -19.14 0.89 -16.92
N VAL H 197 -18.33 1.66 -16.20
CA VAL H 197 -18.82 2.34 -15.01
C VAL H 197 -19.90 3.36 -15.38
N LEU H 198 -19.60 4.23 -16.34
CA LEU H 198 -20.56 5.25 -16.75
C LEU H 198 -21.79 4.64 -17.41
N LEU H 199 -21.62 3.54 -18.15
CA LEU H 199 -22.77 2.88 -18.74
C LEU H 199 -23.69 2.30 -17.67
N GLN H 200 -23.13 1.70 -16.62
CA GLN H 200 -23.98 1.18 -15.55
C GLN H 200 -24.67 2.29 -14.79
N LEU H 201 -23.96 3.40 -14.55
CA LEU H 201 -24.58 4.54 -13.87
C LEU H 201 -25.74 5.09 -14.68
N LEU H 202 -25.54 5.24 -16.00
CA LEU H 202 -26.62 5.71 -16.87
C LEU H 202 -27.78 4.73 -16.92
N GLU H 203 -27.48 3.42 -17.03
CA GLU H 203 -28.55 2.44 -17.19
C GLU H 203 -29.46 2.36 -15.97
N ALA H 204 -29.01 2.87 -14.81
CA ALA H 204 -29.80 2.75 -13.61
C ALA H 204 -30.52 4.05 -13.25
N ALA H 205 -30.19 5.16 -13.92
CA ALA H 205 -30.92 6.40 -13.72
C ALA H 205 -31.12 7.15 -15.04
N GLY H 206 -31.14 6.43 -16.16
CA GLY H 206 -31.33 7.05 -17.46
C GLY H 206 -32.77 7.39 -17.77
N GLY H 207 -33.67 6.43 -17.52
CA GLY H 207 -35.09 6.68 -17.70
C GLY H 207 -35.64 7.74 -16.77
N SER H 208 -34.93 8.02 -15.67
CA SER H 208 -35.32 9.06 -14.73
C SER H 208 -34.05 9.53 -14.01
N TRP H 209 -33.45 10.60 -14.54
CA TRP H 209 -32.25 11.18 -13.95
C TRP H 209 -32.68 12.25 -12.95
N GLY H 210 -32.43 11.99 -11.67
CA GLY H 210 -32.82 12.87 -10.59
C GLY H 210 -33.90 12.32 -9.70
N SER H 211 -34.44 11.13 -10.00
CA SER H 211 -35.52 10.57 -9.19
C SER H 211 -35.05 10.20 -7.79
N HIS H 212 -33.74 10.12 -7.55
CA HIS H 212 -33.20 9.83 -6.24
C HIS H 212 -32.32 10.95 -5.70
N HIS H 213 -32.35 12.13 -6.34
CA HIS H 213 -31.60 13.29 -5.86
C HIS H 213 -32.29 13.99 -4.69
N HIS H 214 -32.86 13.24 -3.74
CA HIS H 214 -33.50 13.83 -2.59
C HIS H 214 -32.84 13.36 -1.29
#